data_2BF5
# 
_entry.id   2BF5 
# 
_audit_conform.dict_name       mmcif_pdbx.dic 
_audit_conform.dict_version    5.391 
_audit_conform.dict_location   http://mmcif.pdb.org/dictionaries/ascii/mmcif_pdbx.dic 
# 
loop_
_database_2.database_id 
_database_2.database_code 
_database_2.pdbx_database_accession 
_database_2.pdbx_DOI 
PDB   2BF5         pdb_00002bf5 10.2210/pdb2bf5/pdb 
PDBE  EBI-21849    ?            ?                   
WWPDB D_1290021849 ?            ?                   
# 
loop_
_pdbx_audit_revision_history.ordinal 
_pdbx_audit_revision_history.data_content_type 
_pdbx_audit_revision_history.major_revision 
_pdbx_audit_revision_history.minor_revision 
_pdbx_audit_revision_history.revision_date 
1 'Structure model' 1 0 2005-05-19 
2 'Structure model' 1 1 2016-12-28 
3 'Structure model' 1 2 2024-05-01 
# 
_pdbx_audit_revision_details.ordinal             1 
_pdbx_audit_revision_details.revision_ordinal    1 
_pdbx_audit_revision_details.data_content_type   'Structure model' 
_pdbx_audit_revision_details.provider            repository 
_pdbx_audit_revision_details.type                'Initial release' 
_pdbx_audit_revision_details.description         ? 
_pdbx_audit_revision_details.details             ? 
# 
loop_
_pdbx_audit_revision_group.ordinal 
_pdbx_audit_revision_group.revision_ordinal 
_pdbx_audit_revision_group.data_content_type 
_pdbx_audit_revision_group.group 
1  2 'Structure model' 'Database references'       
2  2 'Structure model' 'Derived calculations'      
3  2 'Structure model' 'Non-polymer description'   
4  2 'Structure model' Other                       
5  2 'Structure model' 'Source and taxonomy'       
6  2 'Structure model' 'Structure summary'         
7  2 'Structure model' 'Version format compliance' 
8  3 'Structure model' 'Data collection'           
9  3 'Structure model' 'Database references'       
10 3 'Structure model' Other                       
11 3 'Structure model' 'Refinement description'    
# 
loop_
_pdbx_audit_revision_category.ordinal 
_pdbx_audit_revision_category.revision_ordinal 
_pdbx_audit_revision_category.data_content_type 
_pdbx_audit_revision_category.category 
1 3 'Structure model' chem_comp_atom                
2 3 'Structure model' chem_comp_bond                
3 3 'Structure model' database_2                    
4 3 'Structure model' pdbx_database_status          
5 3 'Structure model' pdbx_initial_refinement_model 
# 
loop_
_pdbx_audit_revision_item.ordinal 
_pdbx_audit_revision_item.revision_ordinal 
_pdbx_audit_revision_item.data_content_type 
_pdbx_audit_revision_item.item 
1 3 'Structure model' '_database_2.pdbx_DOI'                 
2 3 'Structure model' '_database_2.pdbx_database_accession'  
3 3 'Structure model' '_pdbx_database_status.status_code_sf' 
# 
_pdbx_database_status.status_code                     REL 
_pdbx_database_status.entry_id                        2BF5 
_pdbx_database_status.deposit_site                    PDBE 
_pdbx_database_status.process_site                    PDBE 
_pdbx_database_status.SG_entry                        . 
_pdbx_database_status.recvd_initial_deposition_date   2004-12-03 
_pdbx_database_status.pdb_format_compatible           Y 
_pdbx_database_status.status_code_sf                  REL 
_pdbx_database_status.status_code_mr                  ? 
_pdbx_database_status.status_code_cs                  ? 
_pdbx_database_status.methods_development_category    ? 
_pdbx_database_status.status_code_nmr_data            ? 
# 
loop_
_pdbx_database_related.db_name 
_pdbx_database_related.db_id 
_pdbx_database_related.content_type 
_pdbx_database_related.details 
PDB 2BF2 unspecified 'CRYSTAL STRUCTURE OF NATIVE TOLUENE-4-MONOOXYGENASE CATALYTIC EFFECTOR PROTEIN, T4MOD' 
PDB 2BF3 unspecified 
'CRYSTAL STRUCTURE OF A TOLUENE 4-MONOOXYGENASE CATALYTIC EFFECTOR PROTEIN VARIANT MISSING TEN N-TERMINAL RESIDUES (DELTA-N10 T4MOD)' 
# 
loop_
_audit_author.name 
_audit_author.pdbx_ordinal 
'Lountos, G.T.'  1 
'Mitchell, K.H.' 2 
'Studts, J.M.'   3 
'Fox, B.G.'      4 
'Orville, A.M.'  5 
# 
loop_
_citation.id 
_citation.title 
_citation.journal_abbrev 
_citation.journal_volume 
_citation.page_first 
_citation.page_last 
_citation.year 
_citation.journal_id_ASTM 
_citation.country 
_citation.journal_id_ISSN 
_citation.journal_id_CSD 
_citation.book_publisher 
_citation.pdbx_database_id_PubMed 
_citation.pdbx_database_id_DOI 
primary 'Crystal Structures and Functional Studies of T4Mod, the Toluene 4-Monooxygenase Catalytic Effector Protein' Biochemistry 
44 7131 ? 2005 BICHAW US 0006-2960 0033 ? 15882052 10.1021/BI047459G         
1       
;Crystallization and Preliminary Analysis of Native and N-Terminal Truncated Isoforms of Toluene-4- Monooxygenase Catalytic Effector Protein
;
'Acta Crystallogr.,Sect.D' 59 572  ? 2003 ABCRE6 DK 0907-4449 0766 ? 12595730 10.1107/S0907444903000416 
2       'Solution Structure of the Toluene 4-Monooxygenase Effector Protein (T4Mod)' Biochemistry               40 3512 ? 2001 
BICHAW US 0006-2960 0033 ? 11297417 10.1021/BI0013703         
3       'Application of Fed-Batch Fermentation to the Preparation of Isotopically Labeled or Selenomethionyl-Labeled Proteins' 
'Protein Expr.Purif.'      16 109  ? 1999 PEXPEJ US 1046-5928 0757 ? 10336868 10.1006/PREP.1999.1067    
4       
;Combined Participation of Hydroxylase Active Site Residues and Effector Protein Binding in a Para to Ortho Modulation of Toluene 4-Monooxygenase Regiospecificity
;
Biochemistry               41 3176 ? 2002 BICHAW US 0006-2960 0033 ? 11863457 10.1021/BI012036P         
5       
;Recombinant Toluene 4-Monooxygenase: Catalytic and Mossbauer Studies of the Purified Diiron and Rieske Components of a Four Protein Complex
;
Biochemistry               35 9106 ? 1996 BICHAW US 0006-2960 0033 ? 8703915  10.1021/BI960456M         
# 
loop_
_citation_author.citation_id 
_citation_author.name 
_citation_author.ordinal 
_citation_author.identifier_ORCID 
primary 'Lountos, G.T.'   1  ? 
primary 'Mitchell, K.H.'  2  ? 
primary 'Studts, J.M.'    3  ? 
primary 'Fox, B.G.'       4  ? 
primary 'Orville, A.M.'   5  ? 
1       'Orville, A.M.'   6  ? 
1       'Studts, J.M.'    7  ? 
1       'Lountos, G.T.'   8  ? 
1       'Mitchell, K.H.'  9  ? 
1       'Fox, B.G.'       10 ? 
2       'Hemmi, H.'       11 ? 
2       'Studts, J.M.'    12 ? 
2       'Chae, Y.K.'      13 ? 
2       'Song, J.'        14 ? 
2       'Markley, J.L.'   15 ? 
2       'Fox, B.G.'       16 ? 
3       'Studts, J.M.'    17 ? 
3       'Fox, B.G.'       18 ? 
4       'Mitchell, K.H.'  19 ? 
4       'Studts, J.M.'    20 ? 
4       'Fox, B.G.'       21 ? 
5       'Pikus, J.D.'     22 ? 
5       'Studts, J.M.'    23 ? 
5       'Achim, C.'       24 ? 
5       'Kauffmann, K.E.' 25 ? 
5       'Munck, E.'       26 ? 
5       'Steffan, R.J.'   27 ? 
5       'Mcclay, K.'      28 ? 
5       'Fox, B.G.'       29 ? 
# 
loop_
_entity.id 
_entity.type 
_entity.src_method 
_entity.pdbx_description 
_entity.formula_weight 
_entity.pdbx_number_of_molecules 
_entity.pdbx_ec 
_entity.pdbx_mutation 
_entity.pdbx_fragment 
_entity.details 
1 polymer man 'TOLUENE-4-MONOOXYGENASE SYSTEM PROTEIN D' 11125.419 2   1.14.13.- ? 'RESIDUES 5-102' ? 
2 water   nat water                                      18.015    238 ?         ? ?                ? 
# 
_entity_name_com.entity_id   1 
_entity_name_com.name        'DELTA-N4 TOLUENE 4-MONOOXYGENASE CATALYTIC EFFECTOR' 
# 
_entity_poly.entity_id                      1 
_entity_poly.type                           'polypeptide(L)' 
_entity_poly.nstd_linkage                   no 
_entity_poly.nstd_monomer                   no 
_entity_poly.pdbx_seq_one_letter_code       
;DQALHNNNVGPIIRAGDLVEPVIETAEIDNPGKEITVEDRRAYVRIAAEGELILTRKTLEEQLGRPFNMQELEINLASFA
GQIQADEDQIRFYFDKTM
;
_entity_poly.pdbx_seq_one_letter_code_can   
;DQALHNNNVGPIIRAGDLVEPVIETAEIDNPGKEITVEDRRAYVRIAAEGELILTRKTLEEQLGRPFNMQELEINLASFA
GQIQADEDQIRFYFDKTM
;
_entity_poly.pdbx_strand_id                 A,B 
_entity_poly.pdbx_target_identifier         ? 
# 
_pdbx_entity_nonpoly.entity_id   2 
_pdbx_entity_nonpoly.name        water 
_pdbx_entity_nonpoly.comp_id     HOH 
# 
loop_
_entity_poly_seq.entity_id 
_entity_poly_seq.num 
_entity_poly_seq.mon_id 
_entity_poly_seq.hetero 
1 1  ASP n 
1 2  GLN n 
1 3  ALA n 
1 4  LEU n 
1 5  HIS n 
1 6  ASN n 
1 7  ASN n 
1 8  ASN n 
1 9  VAL n 
1 10 GLY n 
1 11 PRO n 
1 12 ILE n 
1 13 ILE n 
1 14 ARG n 
1 15 ALA n 
1 16 GLY n 
1 17 ASP n 
1 18 LEU n 
1 19 VAL n 
1 20 GLU n 
1 21 PRO n 
1 22 VAL n 
1 23 ILE n 
1 24 GLU n 
1 25 THR n 
1 26 ALA n 
1 27 GLU n 
1 28 ILE n 
1 29 ASP n 
1 30 ASN n 
1 31 PRO n 
1 32 GLY n 
1 33 LYS n 
1 34 GLU n 
1 35 ILE n 
1 36 THR n 
1 37 VAL n 
1 38 GLU n 
1 39 ASP n 
1 40 ARG n 
1 41 ARG n 
1 42 ALA n 
1 43 TYR n 
1 44 VAL n 
1 45 ARG n 
1 46 ILE n 
1 47 ALA n 
1 48 ALA n 
1 49 GLU n 
1 50 GLY n 
1 51 GLU n 
1 52 LEU n 
1 53 ILE n 
1 54 LEU n 
1 55 THR n 
1 56 ARG n 
1 57 LYS n 
1 58 THR n 
1 59 LEU n 
1 60 GLU n 
1 61 GLU n 
1 62 GLN n 
1 63 LEU n 
1 64 GLY n 
1 65 ARG n 
1 66 PRO n 
1 67 PHE n 
1 68 ASN n 
1 69 MET n 
1 70 GLN n 
1 71 GLU n 
1 72 LEU n 
1 73 GLU n 
1 74 ILE n 
1 75 ASN n 
1 76 LEU n 
1 77 ALA n 
1 78 SER n 
1 79 PHE n 
1 80 ALA n 
1 81 GLY n 
1 82 GLN n 
1 83 ILE n 
1 84 GLN n 
1 85 ALA n 
1 86 ASP n 
1 87 GLU n 
1 88 ASP n 
1 89 GLN n 
1 90 ILE n 
1 91 ARG n 
1 92 PHE n 
1 93 TYR n 
1 94 PHE n 
1 95 ASP n 
1 96 LYS n 
1 97 THR n 
1 98 MET n 
# 
_entity_src_gen.entity_id                          1 
_entity_src_gen.pdbx_src_id                        1 
_entity_src_gen.pdbx_alt_source_flag               sample 
_entity_src_gen.pdbx_seq_type                      ? 
_entity_src_gen.pdbx_beg_seq_num                   ? 
_entity_src_gen.pdbx_end_seq_num                   ? 
_entity_src_gen.gene_src_common_name               ? 
_entity_src_gen.gene_src_genus                     ? 
_entity_src_gen.pdbx_gene_src_gene                 ? 
_entity_src_gen.gene_src_species                   ? 
_entity_src_gen.gene_src_strain                    KR1 
_entity_src_gen.gene_src_tissue                    ? 
_entity_src_gen.gene_src_tissue_fraction           ? 
_entity_src_gen.gene_src_details                   ? 
_entity_src_gen.pdbx_gene_src_fragment             ? 
_entity_src_gen.pdbx_gene_src_scientific_name      'PSEUDOMONAS MENDOCINA' 
_entity_src_gen.pdbx_gene_src_ncbi_taxonomy_id     300 
_entity_src_gen.pdbx_gene_src_variant              ? 
_entity_src_gen.pdbx_gene_src_cell_line            ? 
_entity_src_gen.pdbx_gene_src_atcc                 ? 
_entity_src_gen.pdbx_gene_src_organ                ? 
_entity_src_gen.pdbx_gene_src_organelle            ? 
_entity_src_gen.pdbx_gene_src_cell                 ? 
_entity_src_gen.pdbx_gene_src_cellular_location    ? 
_entity_src_gen.host_org_common_name               ? 
_entity_src_gen.pdbx_host_org_scientific_name      'ESCHERICHIA COLI' 
_entity_src_gen.pdbx_host_org_ncbi_taxonomy_id     469008 
_entity_src_gen.host_org_genus                     ? 
_entity_src_gen.pdbx_host_org_gene                 ? 
_entity_src_gen.pdbx_host_org_organ                ? 
_entity_src_gen.host_org_species                   ? 
_entity_src_gen.pdbx_host_org_tissue               ? 
_entity_src_gen.pdbx_host_org_tissue_fraction      ? 
_entity_src_gen.pdbx_host_org_strain               'BL21(DE3)' 
_entity_src_gen.pdbx_host_org_variant              ? 
_entity_src_gen.pdbx_host_org_cell_line            ? 
_entity_src_gen.pdbx_host_org_atcc                 ? 
_entity_src_gen.pdbx_host_org_culture_collection   ? 
_entity_src_gen.pdbx_host_org_cell                 ? 
_entity_src_gen.pdbx_host_org_organelle            ? 
_entity_src_gen.pdbx_host_org_cellular_location    ? 
_entity_src_gen.pdbx_host_org_vector_type          PLASMID 
_entity_src_gen.pdbx_host_org_vector               PJDP01 
_entity_src_gen.host_org_details                   ? 
_entity_src_gen.expression_system_id               ? 
_entity_src_gen.plasmid_name                       PET3A 
_entity_src_gen.plasmid_details                    ? 
_entity_src_gen.pdbx_description                   ? 
# 
loop_
_chem_comp.id 
_chem_comp.type 
_chem_comp.mon_nstd_flag 
_chem_comp.name 
_chem_comp.pdbx_synonyms 
_chem_comp.formula 
_chem_comp.formula_weight 
ALA 'L-peptide linking' y ALANINE         ? 'C3 H7 N O2'     89.093  
ARG 'L-peptide linking' y ARGININE        ? 'C6 H15 N4 O2 1' 175.209 
ASN 'L-peptide linking' y ASPARAGINE      ? 'C4 H8 N2 O3'    132.118 
ASP 'L-peptide linking' y 'ASPARTIC ACID' ? 'C4 H7 N O4'     133.103 
GLN 'L-peptide linking' y GLUTAMINE       ? 'C5 H10 N2 O3'   146.144 
GLU 'L-peptide linking' y 'GLUTAMIC ACID' ? 'C5 H9 N O4'     147.129 
GLY 'peptide linking'   y GLYCINE         ? 'C2 H5 N O2'     75.067  
HIS 'L-peptide linking' y HISTIDINE       ? 'C6 H10 N3 O2 1' 156.162 
HOH non-polymer         . WATER           ? 'H2 O'           18.015  
ILE 'L-peptide linking' y ISOLEUCINE      ? 'C6 H13 N O2'    131.173 
LEU 'L-peptide linking' y LEUCINE         ? 'C6 H13 N O2'    131.173 
LYS 'L-peptide linking' y LYSINE          ? 'C6 H15 N2 O2 1' 147.195 
MET 'L-peptide linking' y METHIONINE      ? 'C5 H11 N O2 S'  149.211 
PHE 'L-peptide linking' y PHENYLALANINE   ? 'C9 H11 N O2'    165.189 
PRO 'L-peptide linking' y PROLINE         ? 'C5 H9 N O2'     115.130 
SER 'L-peptide linking' y SERINE          ? 'C3 H7 N O3'     105.093 
THR 'L-peptide linking' y THREONINE       ? 'C4 H9 N O3'     119.119 
TYR 'L-peptide linking' y TYROSINE        ? 'C9 H11 N O3'    181.189 
VAL 'L-peptide linking' y VALINE          ? 'C5 H11 N O2'    117.146 
# 
loop_
_pdbx_poly_seq_scheme.asym_id 
_pdbx_poly_seq_scheme.entity_id 
_pdbx_poly_seq_scheme.seq_id 
_pdbx_poly_seq_scheme.mon_id 
_pdbx_poly_seq_scheme.ndb_seq_num 
_pdbx_poly_seq_scheme.pdb_seq_num 
_pdbx_poly_seq_scheme.auth_seq_num 
_pdbx_poly_seq_scheme.pdb_mon_id 
_pdbx_poly_seq_scheme.auth_mon_id 
_pdbx_poly_seq_scheme.pdb_strand_id 
_pdbx_poly_seq_scheme.pdb_ins_code 
_pdbx_poly_seq_scheme.hetero 
A 1 1  ASP 1  5   ?   ?   ?   A . n 
A 1 2  GLN 2  6   ?   ?   ?   A . n 
A 1 3  ALA 3  7   ?   ?   ?   A . n 
A 1 4  LEU 4  8   ?   ?   ?   A . n 
A 1 5  HIS 5  9   ?   ?   ?   A . n 
A 1 6  ASN 6  10  ?   ?   ?   A . n 
A 1 7  ASN 7  11  11  ASN ASN A . n 
A 1 8  ASN 8  12  12  ASN ASN A . n 
A 1 9  VAL 9  13  13  VAL VAL A . n 
A 1 10 GLY 10 14  14  GLY GLY A . n 
A 1 11 PRO 11 15  15  PRO PRO A . n 
A 1 12 ILE 12 16  16  ILE ILE A . n 
A 1 13 ILE 13 17  17  ILE ILE A . n 
A 1 14 ARG 14 18  18  ARG ARG A . n 
A 1 15 ALA 15 19  19  ALA ALA A . n 
A 1 16 GLY 16 20  20  GLY GLY A . n 
A 1 17 ASP 17 21  21  ASP ASP A . n 
A 1 18 LEU 18 22  22  LEU LEU A . n 
A 1 19 VAL 19 23  23  VAL VAL A . n 
A 1 20 GLU 20 24  24  GLU GLU A . n 
A 1 21 PRO 21 25  25  PRO PRO A . n 
A 1 22 VAL 22 26  26  VAL VAL A . n 
A 1 23 ILE 23 27  27  ILE ILE A . n 
A 1 24 GLU 24 28  28  GLU GLU A . n 
A 1 25 THR 25 29  29  THR THR A . n 
A 1 26 ALA 26 30  30  ALA ALA A . n 
A 1 27 GLU 27 31  31  GLU GLU A . n 
A 1 28 ILE 28 32  32  ILE ILE A . n 
A 1 29 ASP 29 33  33  ASP ASP A . n 
A 1 30 ASN 30 34  34  ASN ASN A . n 
A 1 31 PRO 31 35  35  PRO PRO A . n 
A 1 32 GLY 32 36  36  GLY GLY A . n 
A 1 33 LYS 33 37  37  LYS LYS A . n 
A 1 34 GLU 34 38  38  GLU GLU A . n 
A 1 35 ILE 35 39  39  ILE ILE A . n 
A 1 36 THR 36 40  40  THR THR A . n 
A 1 37 VAL 37 41  41  VAL VAL A . n 
A 1 38 GLU 38 42  42  GLU GLU A . n 
A 1 39 ASP 39 43  43  ASP ASP A . n 
A 1 40 ARG 40 44  44  ARG ARG A . n 
A 1 41 ARG 41 45  45  ARG ARG A . n 
A 1 42 ALA 42 46  46  ALA ALA A . n 
A 1 43 TYR 43 47  47  TYR TYR A . n 
A 1 44 VAL 44 48  48  VAL VAL A . n 
A 1 45 ARG 45 49  49  ARG ARG A . n 
A 1 46 ILE 46 50  50  ILE ILE A . n 
A 1 47 ALA 47 51  51  ALA ALA A . n 
A 1 48 ALA 48 52  52  ALA ALA A . n 
A 1 49 GLU 49 53  53  GLU GLU A . n 
A 1 50 GLY 50 54  54  GLY GLY A . n 
A 1 51 GLU 51 55  55  GLU GLU A . n 
A 1 52 LEU 52 56  56  LEU LEU A . n 
A 1 53 ILE 53 57  57  ILE ILE A . n 
A 1 54 LEU 54 58  58  LEU LEU A . n 
A 1 55 THR 55 59  59  THR THR A . n 
A 1 56 ARG 56 60  60  ARG ARG A . n 
A 1 57 LYS 57 61  61  LYS LYS A . n 
A 1 58 THR 58 62  62  THR THR A . n 
A 1 59 LEU 59 63  63  LEU LEU A . n 
A 1 60 GLU 60 64  64  GLU GLU A . n 
A 1 61 GLU 61 65  65  GLU GLU A . n 
A 1 62 GLN 62 66  66  GLN GLN A . n 
A 1 63 LEU 63 67  67  LEU LEU A . n 
A 1 64 GLY 64 68  68  GLY GLY A . n 
A 1 65 ARG 65 69  69  ARG ARG A . n 
A 1 66 PRO 66 70  70  PRO PRO A . n 
A 1 67 PHE 67 71  71  PHE PHE A . n 
A 1 68 ASN 68 72  72  ASN ASN A . n 
A 1 69 MET 69 73  73  MET MET A . n 
A 1 70 GLN 70 74  74  GLN GLN A . n 
A 1 71 GLU 71 75  75  GLU GLU A . n 
A 1 72 LEU 72 76  76  LEU LEU A . n 
A 1 73 GLU 73 77  77  GLU GLU A . n 
A 1 74 ILE 74 78  78  ILE ILE A . n 
A 1 75 ASN 75 79  79  ASN ASN A . n 
A 1 76 LEU 76 80  80  LEU LEU A . n 
A 1 77 ALA 77 81  81  ALA ALA A . n 
A 1 78 SER 78 82  82  SER SER A . n 
A 1 79 PHE 79 83  83  PHE PHE A . n 
A 1 80 ALA 80 84  84  ALA ALA A . n 
A 1 81 GLY 81 85  85  GLY GLY A . n 
A 1 82 GLN 82 86  86  GLN GLN A . n 
A 1 83 ILE 83 87  87  ILE ILE A . n 
A 1 84 GLN 84 88  88  GLN GLN A . n 
A 1 85 ALA 85 89  89  ALA ALA A . n 
A 1 86 ASP 86 90  90  ASP ASP A . n 
A 1 87 GLU 87 91  91  GLU GLU A . n 
A 1 88 ASP 88 92  92  ASP ASP A . n 
A 1 89 GLN 89 93  93  GLN GLN A . n 
A 1 90 ILE 90 94  94  ILE ILE A . n 
A 1 91 ARG 91 95  95  ARG ARG A . n 
A 1 92 PHE 92 96  96  PHE PHE A . n 
A 1 93 TYR 93 97  97  TYR TYR A . n 
A 1 94 PHE 94 98  98  PHE PHE A . n 
A 1 95 ASP 95 99  99  ASP ASP A . n 
A 1 96 LYS 96 100 100 LYS LYS A . n 
A 1 97 THR 97 101 101 THR THR A . n 
A 1 98 MET 98 102 102 MET MET A . n 
B 1 1  ASP 1  5   ?   ?   ?   B . n 
B 1 2  GLN 2  6   ?   ?   ?   B . n 
B 1 3  ALA 3  7   ?   ?   ?   B . n 
B 1 4  LEU 4  8   ?   ?   ?   B . n 
B 1 5  HIS 5  9   ?   ?   ?   B . n 
B 1 6  ASN 6  10  ?   ?   ?   B . n 
B 1 7  ASN 7  11  11  ASN ASN B . n 
B 1 8  ASN 8  12  12  ASN ASN B . n 
B 1 9  VAL 9  13  13  VAL VAL B . n 
B 1 10 GLY 10 14  14  GLY GLY B . n 
B 1 11 PRO 11 15  15  PRO PRO B . n 
B 1 12 ILE 12 16  16  ILE ILE B . n 
B 1 13 ILE 13 17  17  ILE ILE B . n 
B 1 14 ARG 14 18  18  ARG ARG B . n 
B 1 15 ALA 15 19  19  ALA ALA B . n 
B 1 16 GLY 16 20  20  GLY GLY B . n 
B 1 17 ASP 17 21  21  ASP ASP B . n 
B 1 18 LEU 18 22  22  LEU LEU B . n 
B 1 19 VAL 19 23  23  VAL VAL B . n 
B 1 20 GLU 20 24  24  GLU GLU B . n 
B 1 21 PRO 21 25  25  PRO PRO B . n 
B 1 22 VAL 22 26  26  VAL VAL B . n 
B 1 23 ILE 23 27  27  ILE ILE B . n 
B 1 24 GLU 24 28  28  GLU GLU B . n 
B 1 25 THR 25 29  29  THR THR B . n 
B 1 26 ALA 26 30  30  ALA ALA B . n 
B 1 27 GLU 27 31  31  GLU GLU B . n 
B 1 28 ILE 28 32  32  ILE ILE B . n 
B 1 29 ASP 29 33  33  ASP ASP B . n 
B 1 30 ASN 30 34  34  ASN ASN B . n 
B 1 31 PRO 31 35  35  PRO PRO B . n 
B 1 32 GLY 32 36  36  GLY GLY B . n 
B 1 33 LYS 33 37  37  LYS LYS B . n 
B 1 34 GLU 34 38  38  GLU GLU B . n 
B 1 35 ILE 35 39  39  ILE ILE B . n 
B 1 36 THR 36 40  40  THR THR B . n 
B 1 37 VAL 37 41  41  VAL VAL B . n 
B 1 38 GLU 38 42  42  GLU GLU B . n 
B 1 39 ASP 39 43  43  ASP ASP B . n 
B 1 40 ARG 40 44  44  ARG ARG B . n 
B 1 41 ARG 41 45  45  ARG ARG B . n 
B 1 42 ALA 42 46  46  ALA ALA B . n 
B 1 43 TYR 43 47  47  TYR TYR B . n 
B 1 44 VAL 44 48  48  VAL VAL B . n 
B 1 45 ARG 45 49  49  ARG ARG B . n 
B 1 46 ILE 46 50  50  ILE ILE B . n 
B 1 47 ALA 47 51  51  ALA ALA B . n 
B 1 48 ALA 48 52  52  ALA ALA B . n 
B 1 49 GLU 49 53  53  GLU GLU B . n 
B 1 50 GLY 50 54  54  GLY GLY B . n 
B 1 51 GLU 51 55  55  GLU GLU B . n 
B 1 52 LEU 52 56  56  LEU LEU B . n 
B 1 53 ILE 53 57  57  ILE ILE B . n 
B 1 54 LEU 54 58  58  LEU LEU B . n 
B 1 55 THR 55 59  59  THR THR B . n 
B 1 56 ARG 56 60  60  ARG ARG B . n 
B 1 57 LYS 57 61  61  LYS LYS B . n 
B 1 58 THR 58 62  62  THR THR B . n 
B 1 59 LEU 59 63  63  LEU LEU B . n 
B 1 60 GLU 60 64  64  GLU GLU B . n 
B 1 61 GLU 61 65  65  GLU GLU B . n 
B 1 62 GLN 62 66  66  GLN GLN B . n 
B 1 63 LEU 63 67  67  LEU LEU B . n 
B 1 64 GLY 64 68  68  GLY GLY B . n 
B 1 65 ARG 65 69  69  ARG ARG B . n 
B 1 66 PRO 66 70  70  PRO PRO B . n 
B 1 67 PHE 67 71  71  PHE PHE B . n 
B 1 68 ASN 68 72  72  ASN ASN B . n 
B 1 69 MET 69 73  73  MET MET B . n 
B 1 70 GLN 70 74  74  GLN GLN B . n 
B 1 71 GLU 71 75  75  GLU GLU B . n 
B 1 72 LEU 72 76  76  LEU LEU B . n 
B 1 73 GLU 73 77  77  GLU GLU B . n 
B 1 74 ILE 74 78  78  ILE ILE B . n 
B 1 75 ASN 75 79  79  ASN ASN B . n 
B 1 76 LEU 76 80  80  LEU LEU B . n 
B 1 77 ALA 77 81  81  ALA ALA B . n 
B 1 78 SER 78 82  82  SER SER B . n 
B 1 79 PHE 79 83  83  PHE PHE B . n 
B 1 80 ALA 80 84  84  ALA ALA B . n 
B 1 81 GLY 81 85  85  GLY GLY B . n 
B 1 82 GLN 82 86  86  GLN GLN B . n 
B 1 83 ILE 83 87  87  ILE ILE B . n 
B 1 84 GLN 84 88  88  GLN GLN B . n 
B 1 85 ALA 85 89  89  ALA ALA B . n 
B 1 86 ASP 86 90  90  ASP ASP B . n 
B 1 87 GLU 87 91  91  GLU GLU B . n 
B 1 88 ASP 88 92  92  ASP ASP B . n 
B 1 89 GLN 89 93  93  GLN GLN B . n 
B 1 90 ILE 90 94  94  ILE ILE B . n 
B 1 91 ARG 91 95  95  ARG ARG B . n 
B 1 92 PHE 92 96  96  PHE PHE B . n 
B 1 93 TYR 93 97  97  TYR TYR B . n 
B 1 94 PHE 94 98  98  PHE PHE B . n 
B 1 95 ASP 95 99  99  ASP ASP B . n 
B 1 96 LYS 96 100 100 LYS LYS B . n 
B 1 97 THR 97 101 101 THR THR B . n 
B 1 98 MET 98 102 102 MET MET B . n 
# 
loop_
_pdbx_nonpoly_scheme.asym_id 
_pdbx_nonpoly_scheme.entity_id 
_pdbx_nonpoly_scheme.mon_id 
_pdbx_nonpoly_scheme.ndb_seq_num 
_pdbx_nonpoly_scheme.pdb_seq_num 
_pdbx_nonpoly_scheme.auth_seq_num 
_pdbx_nonpoly_scheme.pdb_mon_id 
_pdbx_nonpoly_scheme.auth_mon_id 
_pdbx_nonpoly_scheme.pdb_strand_id 
_pdbx_nonpoly_scheme.pdb_ins_code 
C 2 HOH 1   2001 2001 HOH HOH A . 
C 2 HOH 2   2002 2002 HOH HOH A . 
C 2 HOH 3   2003 2003 HOH HOH A . 
C 2 HOH 4   2004 2004 HOH HOH A . 
C 2 HOH 5   2005 2005 HOH HOH A . 
C 2 HOH 6   2006 2006 HOH HOH A . 
C 2 HOH 7   2007 2007 HOH HOH A . 
C 2 HOH 8   2008 2008 HOH HOH A . 
C 2 HOH 9   2009 2009 HOH HOH A . 
C 2 HOH 10  2010 2010 HOH HOH A . 
C 2 HOH 11  2011 2011 HOH HOH A . 
C 2 HOH 12  2012 2012 HOH HOH A . 
C 2 HOH 13  2013 2013 HOH HOH A . 
C 2 HOH 14  2014 2014 HOH HOH A . 
C 2 HOH 15  2015 2015 HOH HOH A . 
C 2 HOH 16  2016 2016 HOH HOH A . 
C 2 HOH 17  2017 2017 HOH HOH A . 
C 2 HOH 18  2018 2018 HOH HOH A . 
C 2 HOH 19  2019 2019 HOH HOH A . 
C 2 HOH 20  2020 2020 HOH HOH A . 
C 2 HOH 21  2021 2021 HOH HOH A . 
C 2 HOH 22  2022 2022 HOH HOH A . 
C 2 HOH 23  2023 2023 HOH HOH A . 
C 2 HOH 24  2024 2024 HOH HOH A . 
C 2 HOH 25  2025 2025 HOH HOH A . 
C 2 HOH 26  2026 2026 HOH HOH A . 
C 2 HOH 27  2027 2027 HOH HOH A . 
C 2 HOH 28  2028 2028 HOH HOH A . 
C 2 HOH 29  2029 2029 HOH HOH A . 
C 2 HOH 30  2030 2030 HOH HOH A . 
C 2 HOH 31  2031 2031 HOH HOH A . 
C 2 HOH 32  2032 2032 HOH HOH A . 
C 2 HOH 33  2033 2033 HOH HOH A . 
C 2 HOH 34  2034 2034 HOH HOH A . 
C 2 HOH 35  2035 2035 HOH HOH A . 
C 2 HOH 36  2036 2036 HOH HOH A . 
C 2 HOH 37  2037 2037 HOH HOH A . 
C 2 HOH 38  2038 2038 HOH HOH A . 
C 2 HOH 39  2039 2039 HOH HOH A . 
C 2 HOH 40  2040 2040 HOH HOH A . 
C 2 HOH 41  2041 2041 HOH HOH A . 
C 2 HOH 42  2042 2042 HOH HOH A . 
C 2 HOH 43  2043 2043 HOH HOH A . 
C 2 HOH 44  2044 2044 HOH HOH A . 
C 2 HOH 45  2045 2045 HOH HOH A . 
C 2 HOH 46  2046 2046 HOH HOH A . 
C 2 HOH 47  2047 2047 HOH HOH A . 
C 2 HOH 48  2048 2048 HOH HOH A . 
C 2 HOH 49  2049 2049 HOH HOH A . 
C 2 HOH 50  2050 2050 HOH HOH A . 
C 2 HOH 51  2051 2051 HOH HOH A . 
C 2 HOH 52  2052 2052 HOH HOH A . 
C 2 HOH 53  2053 2053 HOH HOH A . 
C 2 HOH 54  2054 2054 HOH HOH A . 
C 2 HOH 55  2055 2055 HOH HOH A . 
C 2 HOH 56  2056 2056 HOH HOH A . 
C 2 HOH 57  2057 2057 HOH HOH A . 
C 2 HOH 58  2058 2058 HOH HOH A . 
C 2 HOH 59  2059 2059 HOH HOH A . 
C 2 HOH 60  2060 2060 HOH HOH A . 
C 2 HOH 61  2061 2061 HOH HOH A . 
C 2 HOH 62  2062 2062 HOH HOH A . 
C 2 HOH 63  2063 2063 HOH HOH A . 
C 2 HOH 64  2064 2064 HOH HOH A . 
C 2 HOH 65  2065 2065 HOH HOH A . 
C 2 HOH 66  2066 2066 HOH HOH A . 
C 2 HOH 67  2067 2067 HOH HOH A . 
C 2 HOH 68  2068 2068 HOH HOH A . 
C 2 HOH 69  2069 2069 HOH HOH A . 
C 2 HOH 70  2070 2070 HOH HOH A . 
C 2 HOH 71  2071 2071 HOH HOH A . 
C 2 HOH 72  2072 2072 HOH HOH A . 
C 2 HOH 73  2073 2073 HOH HOH A . 
C 2 HOH 74  2074 2074 HOH HOH A . 
C 2 HOH 75  2075 2075 HOH HOH A . 
C 2 HOH 76  2076 2076 HOH HOH A . 
C 2 HOH 77  2077 2077 HOH HOH A . 
C 2 HOH 78  2078 2078 HOH HOH A . 
C 2 HOH 79  2079 2079 HOH HOH A . 
C 2 HOH 80  2080 2080 HOH HOH A . 
C 2 HOH 81  2081 2081 HOH HOH A . 
C 2 HOH 82  2082 2082 HOH HOH A . 
C 2 HOH 83  2083 2083 HOH HOH A . 
C 2 HOH 84  2084 2084 HOH HOH A . 
C 2 HOH 85  2085 2085 HOH HOH A . 
C 2 HOH 86  2086 2086 HOH HOH A . 
C 2 HOH 87  2087 2087 HOH HOH A . 
C 2 HOH 88  2088 2088 HOH HOH A . 
C 2 HOH 89  2089 2089 HOH HOH A . 
C 2 HOH 90  2090 2090 HOH HOH A . 
C 2 HOH 91  2091 2091 HOH HOH A . 
C 2 HOH 92  2092 2092 HOH HOH A . 
C 2 HOH 93  2093 2093 HOH HOH A . 
C 2 HOH 94  2094 2094 HOH HOH A . 
C 2 HOH 95  2095 2095 HOH HOH A . 
C 2 HOH 96  2096 2096 HOH HOH A . 
C 2 HOH 97  2097 2097 HOH HOH A . 
C 2 HOH 98  2098 2098 HOH HOH A . 
C 2 HOH 99  2099 2099 HOH HOH A . 
C 2 HOH 100 2100 2100 HOH HOH A . 
C 2 HOH 101 2101 2101 HOH HOH A . 
C 2 HOH 102 2102 2102 HOH HOH A . 
C 2 HOH 103 2103 2103 HOH HOH A . 
C 2 HOH 104 2104 2104 HOH HOH A . 
C 2 HOH 105 2105 2105 HOH HOH A . 
C 2 HOH 106 2106 2106 HOH HOH A . 
C 2 HOH 107 2107 2107 HOH HOH A . 
C 2 HOH 108 2108 2108 HOH HOH A . 
C 2 HOH 109 2109 2109 HOH HOH A . 
C 2 HOH 110 2110 2110 HOH HOH A . 
C 2 HOH 111 2111 2111 HOH HOH A . 
C 2 HOH 112 2112 2112 HOH HOH A . 
C 2 HOH 113 2113 2113 HOH HOH A . 
C 2 HOH 114 2114 2114 HOH HOH A . 
C 2 HOH 115 2115 2115 HOH HOH A . 
C 2 HOH 116 2116 2116 HOH HOH A . 
C 2 HOH 117 2117 2117 HOH HOH A . 
C 2 HOH 118 2118 2118 HOH HOH A . 
C 2 HOH 119 2119 2119 HOH HOH A . 
C 2 HOH 120 2120 2120 HOH HOH A . 
C 2 HOH 121 2121 2121 HOH HOH A . 
D 2 HOH 1   2001 2001 HOH HOH B . 
D 2 HOH 2   2002 2002 HOH HOH B . 
D 2 HOH 3   2003 2003 HOH HOH B . 
D 2 HOH 4   2004 2004 HOH HOH B . 
D 2 HOH 5   2005 2005 HOH HOH B . 
D 2 HOH 6   2006 2006 HOH HOH B . 
D 2 HOH 7   2007 2007 HOH HOH B . 
D 2 HOH 8   2008 2008 HOH HOH B . 
D 2 HOH 9   2009 2009 HOH HOH B . 
D 2 HOH 10  2010 2010 HOH HOH B . 
D 2 HOH 11  2011 2011 HOH HOH B . 
D 2 HOH 12  2012 2012 HOH HOH B . 
D 2 HOH 13  2013 2013 HOH HOH B . 
D 2 HOH 14  2014 2014 HOH HOH B . 
D 2 HOH 15  2015 2015 HOH HOH B . 
D 2 HOH 16  2016 2016 HOH HOH B . 
D 2 HOH 17  2017 2017 HOH HOH B . 
D 2 HOH 18  2018 2018 HOH HOH B . 
D 2 HOH 19  2019 2019 HOH HOH B . 
D 2 HOH 20  2020 2020 HOH HOH B . 
D 2 HOH 21  2021 2021 HOH HOH B . 
D 2 HOH 22  2022 2022 HOH HOH B . 
D 2 HOH 23  2023 2023 HOH HOH B . 
D 2 HOH 24  2024 2024 HOH HOH B . 
D 2 HOH 25  2025 2025 HOH HOH B . 
D 2 HOH 26  2026 2026 HOH HOH B . 
D 2 HOH 27  2027 2027 HOH HOH B . 
D 2 HOH 28  2028 2028 HOH HOH B . 
D 2 HOH 29  2029 2029 HOH HOH B . 
D 2 HOH 30  2030 2030 HOH HOH B . 
D 2 HOH 31  2031 2031 HOH HOH B . 
D 2 HOH 32  2032 2032 HOH HOH B . 
D 2 HOH 33  2033 2033 HOH HOH B . 
D 2 HOH 34  2034 2034 HOH HOH B . 
D 2 HOH 35  2035 2035 HOH HOH B . 
D 2 HOH 36  2036 2036 HOH HOH B . 
D 2 HOH 37  2037 2037 HOH HOH B . 
D 2 HOH 38  2038 2038 HOH HOH B . 
D 2 HOH 39  2039 2039 HOH HOH B . 
D 2 HOH 40  2040 2040 HOH HOH B . 
D 2 HOH 41  2041 2041 HOH HOH B . 
D 2 HOH 42  2042 2042 HOH HOH B . 
D 2 HOH 43  2043 2043 HOH HOH B . 
D 2 HOH 44  2044 2044 HOH HOH B . 
D 2 HOH 45  2045 2045 HOH HOH B . 
D 2 HOH 46  2046 2046 HOH HOH B . 
D 2 HOH 47  2047 2047 HOH HOH B . 
D 2 HOH 48  2048 2048 HOH HOH B . 
D 2 HOH 49  2049 2049 HOH HOH B . 
D 2 HOH 50  2050 2050 HOH HOH B . 
D 2 HOH 51  2051 2051 HOH HOH B . 
D 2 HOH 52  2052 2052 HOH HOH B . 
D 2 HOH 53  2053 2053 HOH HOH B . 
D 2 HOH 54  2054 2054 HOH HOH B . 
D 2 HOH 55  2055 2055 HOH HOH B . 
D 2 HOH 56  2056 2056 HOH HOH B . 
D 2 HOH 57  2057 2057 HOH HOH B . 
D 2 HOH 58  2058 2058 HOH HOH B . 
D 2 HOH 59  2059 2059 HOH HOH B . 
D 2 HOH 60  2060 2060 HOH HOH B . 
D 2 HOH 61  2061 2061 HOH HOH B . 
D 2 HOH 62  2062 2062 HOH HOH B . 
D 2 HOH 63  2063 2063 HOH HOH B . 
D 2 HOH 64  2064 2064 HOH HOH B . 
D 2 HOH 65  2065 2065 HOH HOH B . 
D 2 HOH 66  2066 2066 HOH HOH B . 
D 2 HOH 67  2067 2067 HOH HOH B . 
D 2 HOH 68  2068 2068 HOH HOH B . 
D 2 HOH 69  2069 2069 HOH HOH B . 
D 2 HOH 70  2070 2070 HOH HOH B . 
D 2 HOH 71  2071 2071 HOH HOH B . 
D 2 HOH 72  2072 2072 HOH HOH B . 
D 2 HOH 73  2073 2073 HOH HOH B . 
D 2 HOH 74  2074 2074 HOH HOH B . 
D 2 HOH 75  2075 2075 HOH HOH B . 
D 2 HOH 76  2076 2076 HOH HOH B . 
D 2 HOH 77  2077 2077 HOH HOH B . 
D 2 HOH 78  2078 2078 HOH HOH B . 
D 2 HOH 79  2079 2079 HOH HOH B . 
D 2 HOH 80  2080 2080 HOH HOH B . 
D 2 HOH 81  2081 2081 HOH HOH B . 
D 2 HOH 82  2082 2082 HOH HOH B . 
D 2 HOH 83  2083 2083 HOH HOH B . 
D 2 HOH 84  2084 2084 HOH HOH B . 
D 2 HOH 85  2085 2085 HOH HOH B . 
D 2 HOH 86  2086 2086 HOH HOH B . 
D 2 HOH 87  2087 2087 HOH HOH B . 
D 2 HOH 88  2088 2088 HOH HOH B . 
D 2 HOH 89  2089 2089 HOH HOH B . 
D 2 HOH 90  2090 2090 HOH HOH B . 
D 2 HOH 91  2091 2091 HOH HOH B . 
D 2 HOH 92  2092 2092 HOH HOH B . 
D 2 HOH 93  2093 2093 HOH HOH B . 
D 2 HOH 94  2094 2094 HOH HOH B . 
D 2 HOH 95  2095 2095 HOH HOH B . 
D 2 HOH 96  2096 2096 HOH HOH B . 
D 2 HOH 97  2097 2097 HOH HOH B . 
D 2 HOH 98  2098 2098 HOH HOH B . 
D 2 HOH 99  2099 2099 HOH HOH B . 
D 2 HOH 100 2100 2100 HOH HOH B . 
D 2 HOH 101 2101 2101 HOH HOH B . 
D 2 HOH 102 2102 2102 HOH HOH B . 
D 2 HOH 103 2103 2103 HOH HOH B . 
D 2 HOH 104 2104 2104 HOH HOH B . 
D 2 HOH 105 2105 2105 HOH HOH B . 
D 2 HOH 106 2106 2106 HOH HOH B . 
D 2 HOH 107 2107 2107 HOH HOH B . 
D 2 HOH 108 2108 2108 HOH HOH B . 
D 2 HOH 109 2109 2109 HOH HOH B . 
D 2 HOH 110 2110 2110 HOH HOH B . 
D 2 HOH 111 2111 2111 HOH HOH B . 
D 2 HOH 112 2112 2112 HOH HOH B . 
D 2 HOH 113 2113 2113 HOH HOH B . 
D 2 HOH 114 2114 2114 HOH HOH B . 
D 2 HOH 115 2115 2115 HOH HOH B . 
D 2 HOH 116 2116 2116 HOH HOH B . 
D 2 HOH 117 2117 2117 HOH HOH B . 
# 
loop_
_pdbx_unobs_or_zero_occ_atoms.id 
_pdbx_unobs_or_zero_occ_atoms.PDB_model_num 
_pdbx_unobs_or_zero_occ_atoms.polymer_flag 
_pdbx_unobs_or_zero_occ_atoms.occupancy_flag 
_pdbx_unobs_or_zero_occ_atoms.auth_asym_id 
_pdbx_unobs_or_zero_occ_atoms.auth_comp_id 
_pdbx_unobs_or_zero_occ_atoms.auth_seq_id 
_pdbx_unobs_or_zero_occ_atoms.PDB_ins_code 
_pdbx_unobs_or_zero_occ_atoms.auth_atom_id 
_pdbx_unobs_or_zero_occ_atoms.label_alt_id 
_pdbx_unobs_or_zero_occ_atoms.label_asym_id 
_pdbx_unobs_or_zero_occ_atoms.label_comp_id 
_pdbx_unobs_or_zero_occ_atoms.label_seq_id 
_pdbx_unobs_or_zero_occ_atoms.label_atom_id 
1 1 Y 1 B MET 102 ? CA ? B MET 98 CA 
2 1 Y 1 B MET 102 ? C  ? B MET 98 C  
3 1 Y 1 B MET 102 ? O  ? B MET 98 O  
4 1 Y 1 B MET 102 ? CB ? B MET 98 CB 
5 1 Y 1 B MET 102 ? CG ? B MET 98 CG 
6 1 Y 1 B MET 102 ? SD ? B MET 98 SD 
7 1 Y 1 B MET 102 ? CE ? B MET 98 CE 
# 
loop_
_software.name 
_software.classification 
_software.version 
_software.citation_id 
_software.pdbx_ordinal 
REFMAC refinement       5.1.24 ? 1 
MOSFLM 'data reduction' .      ? 2 
SCALA  'data scaling'   .      ? 3 
CNS    phasing          .      ? 4 
# 
_cell.entry_id           2BF5 
_cell.length_a           86.215 
_cell.length_b           86.215 
_cell.length_c           86.215 
_cell.angle_alpha        90.00 
_cell.angle_beta         90.00 
_cell.angle_gamma        90.00 
_cell.Z_PDB              24 
_cell.pdbx_unique_axis   ? 
# 
_symmetry.entry_id                         2BF5 
_symmetry.space_group_name_H-M             'P 21 3' 
_symmetry.pdbx_full_space_group_name_H-M   ? 
_symmetry.cell_setting                     ? 
_symmetry.Int_Tables_number                198 
# 
_exptl.entry_id          2BF5 
_exptl.method            'X-RAY DIFFRACTION' 
_exptl.crystals_number   1 
# 
_exptl_crystal.id                    1 
_exptl_crystal.density_meas          ? 
_exptl_crystal.density_Matthews      2.4 
_exptl_crystal.density_percent_sol   49 
_exptl_crystal.description           ? 
# 
_exptl_crystal_grow.crystal_id      1 
_exptl_crystal_grow.method          ? 
_exptl_crystal_grow.temp            ? 
_exptl_crystal_grow.temp_details    ? 
_exptl_crystal_grow.pH              ? 
_exptl_crystal_grow.pdbx_pH_range   ? 
_exptl_crystal_grow.pdbx_details    
'PROTEIN WAS CRYSTALLIZED FROM 2.0 M AMMONIUM SULFATE, 5% (V/V) 2-PROPANOL, AND 1.5% (V/V) 1,2,3-HEPTANETRIOL.' 
# 
_diffrn.id                     1 
_diffrn.ambient_temp           100.0 
_diffrn.ambient_temp_details   ? 
_diffrn.crystal_id             1 
# 
_diffrn_detector.diffrn_id              1 
_diffrn_detector.detector               CCD 
_diffrn_detector.type                   MARRESEARCH 
_diffrn_detector.pdbx_collection_date   2003-02-21 
_diffrn_detector.details                ? 
# 
_diffrn_radiation.diffrn_id                        1 
_diffrn_radiation.wavelength_id                    1 
_diffrn_radiation.pdbx_monochromatic_or_laue_m_l   M 
_diffrn_radiation.monochromator                    ? 
_diffrn_radiation.pdbx_diffrn_protocol             'SINGLE WAVELENGTH' 
_diffrn_radiation.pdbx_scattering_type             x-ray 
# 
_diffrn_radiation_wavelength.id           1 
_diffrn_radiation_wavelength.wavelength   1.0332 
_diffrn_radiation_wavelength.wt           1.0 
# 
_diffrn_source.diffrn_id                   1 
_diffrn_source.source                      SYNCHROTRON 
_diffrn_source.type                        'APS BEAMLINE 22-ID' 
_diffrn_source.pdbx_synchrotron_site       APS 
_diffrn_source.pdbx_synchrotron_beamline   22-ID 
_diffrn_source.pdbx_wavelength             1.0332 
_diffrn_source.pdbx_wavelength_list        ? 
# 
_reflns.pdbx_diffrn_id               1 
_reflns.pdbx_ordinal                 1 
_reflns.entry_id                     2BF5 
_reflns.observed_criterion_sigma_I   2.000 
_reflns.observed_criterion_sigma_F   ? 
_reflns.d_resolution_low             37.000 
_reflns.d_resolution_high            1.710 
_reflns.number_obs                   23407 
_reflns.number_all                   ? 
_reflns.percent_possible_obs         99.9 
_reflns.pdbx_Rmerge_I_obs            0.12000 
_reflns.pdbx_Rsym_value              ? 
_reflns.pdbx_netI_over_sigmaI        3.4000 
_reflns.B_iso_Wilson_estimate        ? 
_reflns.pdbx_redundancy              21.800 
# 
_reflns_shell.pdbx_diffrn_id         1 
_reflns_shell.pdbx_ordinal           1 
_reflns_shell.d_res_high             1.71 
_reflns_shell.d_res_low              1.80 
_reflns_shell.percent_possible_all   99.9 
_reflns_shell.Rmerge_I_obs           0.35000 
_reflns_shell.pdbx_Rsym_value        ? 
_reflns_shell.meanI_over_sigI_obs    1.900 
_reflns_shell.pdbx_redundancy        21.60 
# 
_refine.pdbx_refine_id                           'X-RAY DIFFRACTION' 
_refine.entry_id                                 2BF5 
_refine.pdbx_diffrn_id                           1 
_refine.pdbx_TLS_residual_ADP_flag               ? 
_refine.ls_number_reflns_obs                     21007 
_refine.ls_number_reflns_all                     ? 
_refine.pdbx_ls_sigma_I                          ? 
_refine.pdbx_ls_sigma_F                          ? 
_refine.pdbx_data_cutoff_high_absF               ? 
_refine.pdbx_data_cutoff_low_absF                ? 
_refine.pdbx_data_cutoff_high_rms_absF           ? 
_refine.ls_d_res_low                             37.00 
_refine.ls_d_res_high                            1.71 
_refine.ls_percent_reflns_obs                    100.0 
_refine.ls_R_factor_obs                          0.157 
_refine.ls_R_factor_all                          ? 
_refine.ls_R_factor_R_work                       0.154 
_refine.ls_R_factor_R_free                       0.185 
_refine.ls_R_factor_R_free_error                 ? 
_refine.ls_R_factor_R_free_error_details         ? 
_refine.ls_percent_reflns_R_free                 10.200 
_refine.ls_number_reflns_R_free                  2381 
_refine.ls_number_parameters                     ? 
_refine.ls_number_restraints                     ? 
_refine.occupancy_min                            ? 
_refine.occupancy_max                            ? 
_refine.correlation_coeff_Fo_to_Fc               0.961 
_refine.correlation_coeff_Fo_to_Fc_free          0.945 
_refine.B_iso_mean                               13.37 
_refine.aniso_B[1][1]                            ? 
_refine.aniso_B[2][2]                            ? 
_refine.aniso_B[3][3]                            ? 
_refine.aniso_B[1][2]                            ? 
_refine.aniso_B[1][3]                            ? 
_refine.aniso_B[2][3]                            ? 
_refine.solvent_model_details                    'BABINET MODEL WITH MASK' 
_refine.solvent_model_param_ksol                 ? 
_refine.solvent_model_param_bsol                 ? 
_refine.pdbx_solvent_vdw_probe_radii             1.40 
_refine.pdbx_solvent_ion_probe_radii             0.80 
_refine.pdbx_solvent_shrinkage_radii             0.80 
_refine.pdbx_ls_cross_valid_method               THROUGHOUT 
_refine.details                                  
;HYDROGENS HAVE BEEN ADDED IN THE RIDING POSITIONS. RESIDUES 5-10 IN CHAIN A AND CHAIN B AND RESIDUE 102 IN CHAIN B WERE NOT INCLUDED DUE TO THE LACK OF ELECTRON DENSITY.
;
_refine.pdbx_starting_model                      'NATIVE TOLUENE 4-MONOOXYGENASE' 
_refine.pdbx_method_to_determine_struct          'MOLECULAR REPLACEMENT' 
_refine.pdbx_isotropic_thermal_model             ? 
_refine.pdbx_stereochemistry_target_values       'MAXIMUM LIKELIHOOD' 
_refine.pdbx_stereochem_target_val_spec_case     ? 
_refine.pdbx_R_Free_selection_details            RANDOM 
_refine.pdbx_overall_ESU_R                       0.095 
_refine.pdbx_overall_ESU_R_Free                  0.094 
_refine.overall_SU_ML                            0.053 
_refine.pdbx_overall_phase_error                 ? 
_refine.overall_SU_B                             1.559 
_refine.overall_SU_R_Cruickshank_DPI             ? 
_refine.pdbx_overall_SU_R_free_Cruickshank_DPI   ? 
_refine.pdbx_overall_SU_R_Blow_DPI               ? 
_refine.pdbx_overall_SU_R_free_Blow_DPI          ? 
# 
_refine_hist.pdbx_refine_id                   'X-RAY DIFFRACTION' 
_refine_hist.cycle_id                         LAST 
_refine_hist.pdbx_number_atoms_protein        1460 
_refine_hist.pdbx_number_atoms_nucleic_acid   0 
_refine_hist.pdbx_number_atoms_ligand         0 
_refine_hist.number_atoms_solvent             238 
_refine_hist.number_atoms_total               1698 
_refine_hist.d_res_high                       1.71 
_refine_hist.d_res_low                        37.00 
# 
loop_
_refine_ls_restr.type 
_refine_ls_restr.dev_ideal 
_refine_ls_restr.dev_ideal_target 
_refine_ls_restr.weight 
_refine_ls_restr.number 
_refine_ls_restr.pdbx_refine_id 
_refine_ls_restr.pdbx_restraint_function 
r_bond_refined_d             0.016 0.022 ? 1492 'X-RAY DIFFRACTION' ? 
r_bond_other_d               0.002 0.020 ? 1380 'X-RAY DIFFRACTION' ? 
r_angle_refined_deg          1.583 1.969 ? 2015 'X-RAY DIFFRACTION' ? 
r_angle_other_deg            0.897 3.000 ? 3206 'X-RAY DIFFRACTION' ? 
r_dihedral_angle_1_deg       6.436 5.000 ? 181  'X-RAY DIFFRACTION' ? 
r_dihedral_angle_2_deg       ?     ?     ? ?    'X-RAY DIFFRACTION' ? 
r_dihedral_angle_3_deg       ?     ?     ? ?    'X-RAY DIFFRACTION' ? 
r_dihedral_angle_4_deg       ?     ?     ? ?    'X-RAY DIFFRACTION' ? 
r_chiral_restr               0.096 0.200 ? 226  'X-RAY DIFFRACTION' ? 
r_gen_planes_refined         0.007 0.020 ? 1678 'X-RAY DIFFRACTION' ? 
r_gen_planes_other           0.002 0.020 ? 293  'X-RAY DIFFRACTION' ? 
r_nbd_refined                0.236 0.200 ? 299  'X-RAY DIFFRACTION' ? 
r_nbd_other                  0.260 0.200 ? 1661 'X-RAY DIFFRACTION' ? 
r_nbtor_refined              ?     ?     ? ?    'X-RAY DIFFRACTION' ? 
r_nbtor_other                0.086 0.200 ? 969  'X-RAY DIFFRACTION' ? 
r_xyhbond_nbd_refined        0.204 0.200 ? 167  'X-RAY DIFFRACTION' ? 
r_xyhbond_nbd_other          ?     ?     ? ?    'X-RAY DIFFRACTION' ? 
r_metal_ion_refined          ?     ?     ? ?    'X-RAY DIFFRACTION' ? 
r_metal_ion_other            ?     ?     ? ?    'X-RAY DIFFRACTION' ? 
r_symmetry_vdw_refined       0.199 0.200 ? 12   'X-RAY DIFFRACTION' ? 
r_symmetry_vdw_other         0.343 0.200 ? 66   'X-RAY DIFFRACTION' ? 
r_symmetry_hbond_refined     0.281 0.200 ? 29   'X-RAY DIFFRACTION' ? 
r_symmetry_hbond_other       ?     ?     ? ?    'X-RAY DIFFRACTION' ? 
r_symmetry_metal_ion_refined ?     ?     ? ?    'X-RAY DIFFRACTION' ? 
r_symmetry_metal_ion_other   ?     ?     ? ?    'X-RAY DIFFRACTION' ? 
r_mcbond_it                  1.046 1.500 ? 912  'X-RAY DIFFRACTION' ? 
r_mcbond_other               ?     ?     ? ?    'X-RAY DIFFRACTION' ? 
r_mcangle_it                 2.001 2.000 ? 1475 'X-RAY DIFFRACTION' ? 
r_mcangle_other              ?     ?     ? ?    'X-RAY DIFFRACTION' ? 
r_scbond_it                  3.291 3.000 ? 580  'X-RAY DIFFRACTION' ? 
r_scbond_other               ?     ?     ? ?    'X-RAY DIFFRACTION' ? 
r_scangle_it                 5.655 4.500 ? 540  'X-RAY DIFFRACTION' ? 
r_scangle_other              ?     ?     ? ?    'X-RAY DIFFRACTION' ? 
r_long_range_B_refined       ?     ?     ? ?    'X-RAY DIFFRACTION' ? 
r_long_range_B_other         ?     ?     ? ?    'X-RAY DIFFRACTION' ? 
r_rigid_bond_restr           ?     ?     ? ?    'X-RAY DIFFRACTION' ? 
r_sphericity_free            ?     ?     ? ?    'X-RAY DIFFRACTION' ? 
r_sphericity_bonded          ?     ?     ? ?    'X-RAY DIFFRACTION' ? 
# 
_refine_ls_shell.pdbx_refine_id                   'X-RAY DIFFRACTION' 
_refine_ls_shell.pdbx_total_number_of_bins_used   20 
_refine_ls_shell.d_res_high                       1.71 
_refine_ls_shell.d_res_low                        1.75 
_refine_ls_shell.number_reflns_R_work             1522 
_refine_ls_shell.R_factor_R_work                  0.1710 
_refine_ls_shell.percent_reflns_obs               ? 
_refine_ls_shell.R_factor_R_free                  0.2130 
_refine_ls_shell.R_factor_R_free_error            ? 
_refine_ls_shell.percent_reflns_R_free            ? 
_refine_ls_shell.number_reflns_R_free             191 
_refine_ls_shell.number_reflns_all                ? 
_refine_ls_shell.R_factor_all                     ? 
# 
_struct.entry_id                  2BF5 
_struct.title                     
'Crystal structure of a toluene 4-monooxygenase catalytic effector protein variant missing four N-terminal residues (delta-N4 T4moD)' 
_struct.pdbx_model_details        ? 
_struct.pdbx_CASP_flag            ? 
_struct.pdbx_model_type_details   ? 
# 
_struct_keywords.entry_id        2BF5 
_struct_keywords.pdbx_keywords   OXIDOREDUCTASE 
_struct_keywords.text            
;CATALYTIC EFFECTOR PROTEIN, N-TERMINAL TRUNCATED MUTANT, AROMATIC HYDROCARBON CATABOLISM, OXIDOREDUCTASE, MONOOXYGENASE, TOLUENE OXIDATION, MOLECULAR REPLACEMENT
;
# 
loop_
_struct_asym.id 
_struct_asym.pdbx_blank_PDB_chainid_flag 
_struct_asym.pdbx_modified 
_struct_asym.entity_id 
_struct_asym.details 
A N N 1 ? 
B N N 1 ? 
C N N 2 ? 
D N N 2 ? 
# 
_struct_ref.id                         1 
_struct_ref.db_name                    UNP 
_struct_ref.db_code                    TMOD_PSEME 
_struct_ref.entity_id                  1 
_struct_ref.pdbx_seq_one_letter_code   ? 
_struct_ref.pdbx_align_begin           ? 
_struct_ref.pdbx_db_accession          Q00459 
_struct_ref.pdbx_db_isoform            ? 
# 
loop_
_struct_ref_seq.align_id 
_struct_ref_seq.ref_id 
_struct_ref_seq.pdbx_PDB_id_code 
_struct_ref_seq.pdbx_strand_id 
_struct_ref_seq.seq_align_beg 
_struct_ref_seq.pdbx_seq_align_beg_ins_code 
_struct_ref_seq.seq_align_end 
_struct_ref_seq.pdbx_seq_align_end_ins_code 
_struct_ref_seq.pdbx_db_accession 
_struct_ref_seq.db_align_beg 
_struct_ref_seq.pdbx_db_align_beg_ins_code 
_struct_ref_seq.db_align_end 
_struct_ref_seq.pdbx_db_align_end_ins_code 
_struct_ref_seq.pdbx_auth_seq_align_beg 
_struct_ref_seq.pdbx_auth_seq_align_end 
1 1 2BF5 A 1 ? 98 ? Q00459 5 ? 102 ? 5 102 
2 1 2BF5 B 1 ? 98 ? Q00459 5 ? 102 ? 5 102 
# 
loop_
_pdbx_struct_assembly.id 
_pdbx_struct_assembly.details 
_pdbx_struct_assembly.method_details 
_pdbx_struct_assembly.oligomeric_details 
_pdbx_struct_assembly.oligomeric_count 
1 author_and_software_defined_assembly PQS monomeric 1 
2 author_and_software_defined_assembly PQS monomeric 1 
# 
loop_
_pdbx_struct_assembly_gen.assembly_id 
_pdbx_struct_assembly_gen.oper_expression 
_pdbx_struct_assembly_gen.asym_id_list 
1 1 A,C 
2 1 B,D 
# 
_pdbx_struct_oper_list.id                   1 
_pdbx_struct_oper_list.type                 'identity operation' 
_pdbx_struct_oper_list.name                 1_555 
_pdbx_struct_oper_list.symmetry_operation   x,y,z 
_pdbx_struct_oper_list.matrix[1][1]         1.0000000000 
_pdbx_struct_oper_list.matrix[1][2]         0.0000000000 
_pdbx_struct_oper_list.matrix[1][3]         0.0000000000 
_pdbx_struct_oper_list.vector[1]            0.0000000000 
_pdbx_struct_oper_list.matrix[2][1]         0.0000000000 
_pdbx_struct_oper_list.matrix[2][2]         1.0000000000 
_pdbx_struct_oper_list.matrix[2][3]         0.0000000000 
_pdbx_struct_oper_list.vector[2]            0.0000000000 
_pdbx_struct_oper_list.matrix[3][1]         0.0000000000 
_pdbx_struct_oper_list.matrix[3][2]         0.0000000000 
_pdbx_struct_oper_list.matrix[3][3]         1.0000000000 
_pdbx_struct_oper_list.vector[3]            0.0000000000 
# 
_struct_biol.id   1 
# 
loop_
_struct_conf.conf_type_id 
_struct_conf.id 
_struct_conf.pdbx_PDB_helix_id 
_struct_conf.beg_label_comp_id 
_struct_conf.beg_label_asym_id 
_struct_conf.beg_label_seq_id 
_struct_conf.pdbx_beg_PDB_ins_code 
_struct_conf.end_label_comp_id 
_struct_conf.end_label_asym_id 
_struct_conf.end_label_seq_id 
_struct_conf.pdbx_end_PDB_ins_code 
_struct_conf.beg_auth_comp_id 
_struct_conf.beg_auth_asym_id 
_struct_conf.beg_auth_seq_id 
_struct_conf.end_auth_comp_id 
_struct_conf.end_auth_asym_id 
_struct_conf.end_auth_seq_id 
_struct_conf.pdbx_PDB_helix_class 
_struct_conf.details 
_struct_conf.pdbx_PDB_helix_length 
HELX_P HELX_P1 1 ALA A 15 ? ASP A 17 ? ALA A 19 ASP A 21 5 ? 3  
HELX_P HELX_P2 2 LEU A 18 ? ASN A 30 ? LEU A 22 ASN A 34 1 ? 13 
HELX_P HELX_P3 3 ARG A 56 ? GLY A 64 ? ARG A 60 GLY A 68 1 ? 9  
HELX_P HELX_P4 4 ASN A 68 ? ILE A 74 ? ASN A 72 ILE A 78 1 ? 7  
HELX_P HELX_P5 5 LEU B 18 ? ASN B 30 ? LEU B 22 ASN B 34 1 ? 13 
HELX_P HELX_P6 6 ARG B 56 ? GLY B 64 ? ARG B 60 GLY B 68 1 ? 9  
HELX_P HELX_P7 7 ASN B 68 ? ASN B 75 ? ASN B 72 ASN B 79 1 ? 8  
# 
_struct_conf_type.id          HELX_P 
_struct_conf_type.criteria    ? 
_struct_conf_type.reference   ? 
# 
loop_
_struct_sheet.id 
_struct_sheet.type 
_struct_sheet.number_strands 
_struct_sheet.details 
AA ? 4 ? 
AB ? 3 ? 
BA ? 4 ? 
BB ? 3 ? 
# 
loop_
_struct_sheet_order.sheet_id 
_struct_sheet_order.range_id_1 
_struct_sheet_order.range_id_2 
_struct_sheet_order.offset 
_struct_sheet_order.sense 
AA 1 2 ? anti-parallel 
AA 2 3 ? anti-parallel 
AA 3 4 ? anti-parallel 
AB 1 2 ? anti-parallel 
AB 2 3 ? anti-parallel 
BA 1 2 ? anti-parallel 
BA 2 3 ? anti-parallel 
BA 3 4 ? anti-parallel 
BB 1 2 ? anti-parallel 
BB 2 3 ? anti-parallel 
# 
loop_
_struct_sheet_range.sheet_id 
_struct_sheet_range.id 
_struct_sheet_range.beg_label_comp_id 
_struct_sheet_range.beg_label_asym_id 
_struct_sheet_range.beg_label_seq_id 
_struct_sheet_range.pdbx_beg_PDB_ins_code 
_struct_sheet_range.end_label_comp_id 
_struct_sheet_range.end_label_asym_id 
_struct_sheet_range.end_label_seq_id 
_struct_sheet_range.pdbx_end_PDB_ins_code 
_struct_sheet_range.beg_auth_comp_id 
_struct_sheet_range.beg_auth_asym_id 
_struct_sheet_range.beg_auth_seq_id 
_struct_sheet_range.end_auth_comp_id 
_struct_sheet_range.end_auth_asym_id 
_struct_sheet_range.end_auth_seq_id 
AA 1 THR A 36 ? GLU A 38 ? THR A 40 GLU A 42 
AA 2 VAL A 44 ? GLU A 49 ? VAL A 48 GLU A 53 
AA 3 ASN A 8  ? ILE A 13 ? ASN A 12 ILE A 17 
AA 4 LEU A 76 ? ALA A 80 ? LEU A 80 ALA A 84 
AB 1 GLU A 51 ? THR A 55 ? GLU A 55 THR A 59 
AB 2 GLN A 89 ? TYR A 93 ? GLN A 93 TYR A 97 
AB 3 GLN A 82 ? ALA A 85 ? GLN A 86 ALA A 89 
BA 1 THR B 36 ? ASP B 39 ? THR B 40 ASP B 43 
BA 2 TYR B 43 ? GLU B 49 ? TYR B 47 GLU B 53 
BA 3 ASN B 8  ? ARG B 14 ? ASN B 12 ARG B 18 
BA 4 LEU B 76 ? ALA B 80 ? LEU B 80 ALA B 84 
BB 1 GLU B 51 ? THR B 55 ? GLU B 55 THR B 59 
BB 2 GLN B 89 ? TYR B 93 ? GLN B 93 TYR B 97 
BB 3 GLN B 82 ? ALA B 85 ? GLN B 86 ALA B 89 
# 
loop_
_pdbx_struct_sheet_hbond.sheet_id 
_pdbx_struct_sheet_hbond.range_id_1 
_pdbx_struct_sheet_hbond.range_id_2 
_pdbx_struct_sheet_hbond.range_1_label_atom_id 
_pdbx_struct_sheet_hbond.range_1_label_comp_id 
_pdbx_struct_sheet_hbond.range_1_label_asym_id 
_pdbx_struct_sheet_hbond.range_1_label_seq_id 
_pdbx_struct_sheet_hbond.range_1_PDB_ins_code 
_pdbx_struct_sheet_hbond.range_1_auth_atom_id 
_pdbx_struct_sheet_hbond.range_1_auth_comp_id 
_pdbx_struct_sheet_hbond.range_1_auth_asym_id 
_pdbx_struct_sheet_hbond.range_1_auth_seq_id 
_pdbx_struct_sheet_hbond.range_2_label_atom_id 
_pdbx_struct_sheet_hbond.range_2_label_comp_id 
_pdbx_struct_sheet_hbond.range_2_label_asym_id 
_pdbx_struct_sheet_hbond.range_2_label_seq_id 
_pdbx_struct_sheet_hbond.range_2_PDB_ins_code 
_pdbx_struct_sheet_hbond.range_2_auth_atom_id 
_pdbx_struct_sheet_hbond.range_2_auth_comp_id 
_pdbx_struct_sheet_hbond.range_2_auth_asym_id 
_pdbx_struct_sheet_hbond.range_2_auth_seq_id 
AA 1 2 N GLU A 38 ? N GLU A 42 O ARG A 45 ? O ARG A 49 
AA 2 3 N ALA A 48 ? N ALA A 52 O VAL A 9  ? O VAL A 13 
AA 3 4 O ILE A 12 ? O ILE A 16 N ALA A 77 ? N ALA A 81 
AB 1 2 N LEU A 54 ? N LEU A 58 O ILE A 90 ? O ILE A 94 
AB 2 3 N TYR A 93 ? N TYR A 97 O GLN A 82 ? O GLN A 86 
BA 1 2 N GLU B 38 ? N GLU B 42 O ARG B 45 ? O ARG B 49 
BA 2 3 N ALA B 48 ? N ALA B 52 O VAL B 9  ? O VAL B 13 
BA 3 4 O ILE B 12 ? O ILE B 16 N ALA B 77 ? N ALA B 81 
BB 1 2 N LEU B 54 ? N LEU B 58 O ILE B 90 ? O ILE B 94 
BB 2 3 N TYR B 93 ? N TYR B 97 O GLN B 82 ? O GLN B 86 
# 
loop_
_pdbx_validate_close_contact.id 
_pdbx_validate_close_contact.PDB_model_num 
_pdbx_validate_close_contact.auth_atom_id_1 
_pdbx_validate_close_contact.auth_asym_id_1 
_pdbx_validate_close_contact.auth_comp_id_1 
_pdbx_validate_close_contact.auth_seq_id_1 
_pdbx_validate_close_contact.PDB_ins_code_1 
_pdbx_validate_close_contact.label_alt_id_1 
_pdbx_validate_close_contact.auth_atom_id_2 
_pdbx_validate_close_contact.auth_asym_id_2 
_pdbx_validate_close_contact.auth_comp_id_2 
_pdbx_validate_close_contact.auth_seq_id_2 
_pdbx_validate_close_contact.PDB_ins_code_2 
_pdbx_validate_close_contact.label_alt_id_2 
_pdbx_validate_close_contact.dist 
1 1 O B HOH 2085 ? ? O B HOH 2090 ? ? 1.69 
2 1 O B HOH 2085 ? ? O B HOH 2087 ? ? 2.17 
# 
loop_
_pdbx_validate_symm_contact.id 
_pdbx_validate_symm_contact.PDB_model_num 
_pdbx_validate_symm_contact.auth_atom_id_1 
_pdbx_validate_symm_contact.auth_asym_id_1 
_pdbx_validate_symm_contact.auth_comp_id_1 
_pdbx_validate_symm_contact.auth_seq_id_1 
_pdbx_validate_symm_contact.PDB_ins_code_1 
_pdbx_validate_symm_contact.label_alt_id_1 
_pdbx_validate_symm_contact.site_symmetry_1 
_pdbx_validate_symm_contact.auth_atom_id_2 
_pdbx_validate_symm_contact.auth_asym_id_2 
_pdbx_validate_symm_contact.auth_comp_id_2 
_pdbx_validate_symm_contact.auth_seq_id_2 
_pdbx_validate_symm_contact.PDB_ins_code_2 
_pdbx_validate_symm_contact.label_alt_id_2 
_pdbx_validate_symm_contact.site_symmetry_2 
_pdbx_validate_symm_contact.dist 
1 1 O A HOH 2053 ? ? 1_555 O B HOH 2084 ? ? 11_556 1.99 
2 1 O A HOH 2034 ? ? 1_555 O A HOH 2061 ? ? 6_456  2.04 
# 
loop_
_pdbx_validate_rmsd_angle.id 
_pdbx_validate_rmsd_angle.PDB_model_num 
_pdbx_validate_rmsd_angle.auth_atom_id_1 
_pdbx_validate_rmsd_angle.auth_asym_id_1 
_pdbx_validate_rmsd_angle.auth_comp_id_1 
_pdbx_validate_rmsd_angle.auth_seq_id_1 
_pdbx_validate_rmsd_angle.PDB_ins_code_1 
_pdbx_validate_rmsd_angle.label_alt_id_1 
_pdbx_validate_rmsd_angle.auth_atom_id_2 
_pdbx_validate_rmsd_angle.auth_asym_id_2 
_pdbx_validate_rmsd_angle.auth_comp_id_2 
_pdbx_validate_rmsd_angle.auth_seq_id_2 
_pdbx_validate_rmsd_angle.PDB_ins_code_2 
_pdbx_validate_rmsd_angle.label_alt_id_2 
_pdbx_validate_rmsd_angle.auth_atom_id_3 
_pdbx_validate_rmsd_angle.auth_asym_id_3 
_pdbx_validate_rmsd_angle.auth_comp_id_3 
_pdbx_validate_rmsd_angle.auth_seq_id_3 
_pdbx_validate_rmsd_angle.PDB_ins_code_3 
_pdbx_validate_rmsd_angle.label_alt_id_3 
_pdbx_validate_rmsd_angle.angle_value 
_pdbx_validate_rmsd_angle.angle_target_value 
_pdbx_validate_rmsd_angle.angle_deviation 
_pdbx_validate_rmsd_angle.angle_standard_deviation 
_pdbx_validate_rmsd_angle.linker_flag 
1 1 NE B ARG 45 ? ? CZ B ARG 45 ? ? NH1 B ARG 45 ? ? 115.98 120.30 -4.32 0.50 N 
2 1 NE B ARG 45 ? ? CZ B ARG 45 ? ? NH2 B ARG 45 ? ? 125.43 120.30 5.13  0.50 N 
3 1 NE B ARG 49 ? ? CZ B ARG 49 ? ? NH2 B ARG 49 ? ? 123.56 120.30 3.26  0.50 N 
# 
loop_
_pdbx_validate_torsion.id 
_pdbx_validate_torsion.PDB_model_num 
_pdbx_validate_torsion.auth_comp_id 
_pdbx_validate_torsion.auth_asym_id 
_pdbx_validate_torsion.auth_seq_id 
_pdbx_validate_torsion.PDB_ins_code 
_pdbx_validate_torsion.label_alt_id 
_pdbx_validate_torsion.phi 
_pdbx_validate_torsion.psi 
1 1 TYR A 47  ? ? -159.75 64.91   
2 1 SER A 82  ? ? -171.97 -170.44 
3 1 ARG B 45  ? ? 74.61   -53.39  
4 1 LYS B 100 ? ? -41.06  -92.47  
5 1 THR B 101 ? ? -91.10  -66.42  
# 
loop_
_pdbx_struct_special_symmetry.id 
_pdbx_struct_special_symmetry.PDB_model_num 
_pdbx_struct_special_symmetry.auth_asym_id 
_pdbx_struct_special_symmetry.auth_comp_id 
_pdbx_struct_special_symmetry.auth_seq_id 
_pdbx_struct_special_symmetry.PDB_ins_code 
_pdbx_struct_special_symmetry.label_asym_id 
_pdbx_struct_special_symmetry.label_comp_id 
_pdbx_struct_special_symmetry.label_seq_id 
1 1 A HOH 2021 ? C HOH . 
2 1 A HOH 2022 ? C HOH . 
3 1 B HOH 2023 ? D HOH . 
# 
_pdbx_entry_details.entry_id                 2BF5 
_pdbx_entry_details.compound_details         ? 
_pdbx_entry_details.source_details           ? 
_pdbx_entry_details.nonpolymer_details       ? 
_pdbx_entry_details.sequence_details         
;THE DELTA-N4 T4MOD VARIANT WAS CREATED WITH A VECTOR THAT
INITIATES PROTEIN TRANSLATION AT RESIDUE 5 IN THE OPEN
READING FRAME. DETAILS WILL APPEAR IN LOUNTOS ET AL,
BIOCHEMISTRY, SUBMITTED.
;
_pdbx_entry_details.has_ligand_of_interest   ? 
# 
_pdbx_distant_solvent_atoms.id                                1 
_pdbx_distant_solvent_atoms.PDB_model_num                     1 
_pdbx_distant_solvent_atoms.auth_atom_id                      O 
_pdbx_distant_solvent_atoms.label_alt_id                      ? 
_pdbx_distant_solvent_atoms.auth_asym_id                      A 
_pdbx_distant_solvent_atoms.auth_comp_id                      HOH 
_pdbx_distant_solvent_atoms.auth_seq_id                       2022 
_pdbx_distant_solvent_atoms.PDB_ins_code                      ? 
_pdbx_distant_solvent_atoms.neighbor_macromolecule_distance   5.97 
_pdbx_distant_solvent_atoms.neighbor_ligand_distance          . 
# 
loop_
_pdbx_unobs_or_zero_occ_residues.id 
_pdbx_unobs_or_zero_occ_residues.PDB_model_num 
_pdbx_unobs_or_zero_occ_residues.polymer_flag 
_pdbx_unobs_or_zero_occ_residues.occupancy_flag 
_pdbx_unobs_or_zero_occ_residues.auth_asym_id 
_pdbx_unobs_or_zero_occ_residues.auth_comp_id 
_pdbx_unobs_or_zero_occ_residues.auth_seq_id 
_pdbx_unobs_or_zero_occ_residues.PDB_ins_code 
_pdbx_unobs_or_zero_occ_residues.label_asym_id 
_pdbx_unobs_or_zero_occ_residues.label_comp_id 
_pdbx_unobs_or_zero_occ_residues.label_seq_id 
1  1 Y 1 A ASP 5  ? A ASP 1 
2  1 Y 1 A GLN 6  ? A GLN 2 
3  1 Y 1 A ALA 7  ? A ALA 3 
4  1 Y 1 A LEU 8  ? A LEU 4 
5  1 Y 1 A HIS 9  ? A HIS 5 
6  1 Y 1 A ASN 10 ? A ASN 6 
7  1 Y 1 B ASP 5  ? B ASP 1 
8  1 Y 1 B GLN 6  ? B GLN 2 
9  1 Y 1 B ALA 7  ? B ALA 3 
10 1 Y 1 B LEU 8  ? B LEU 4 
11 1 Y 1 B HIS 9  ? B HIS 5 
12 1 Y 1 B ASN 10 ? B ASN 6 
# 
loop_
_chem_comp_atom.comp_id 
_chem_comp_atom.atom_id 
_chem_comp_atom.type_symbol 
_chem_comp_atom.pdbx_aromatic_flag 
_chem_comp_atom.pdbx_stereo_config 
_chem_comp_atom.pdbx_ordinal 
ALA N    N N N 1   
ALA CA   C N S 2   
ALA C    C N N 3   
ALA O    O N N 4   
ALA CB   C N N 5   
ALA OXT  O N N 6   
ALA H    H N N 7   
ALA H2   H N N 8   
ALA HA   H N N 9   
ALA HB1  H N N 10  
ALA HB2  H N N 11  
ALA HB3  H N N 12  
ALA HXT  H N N 13  
ARG N    N N N 14  
ARG CA   C N S 15  
ARG C    C N N 16  
ARG O    O N N 17  
ARG CB   C N N 18  
ARG CG   C N N 19  
ARG CD   C N N 20  
ARG NE   N N N 21  
ARG CZ   C N N 22  
ARG NH1  N N N 23  
ARG NH2  N N N 24  
ARG OXT  O N N 25  
ARG H    H N N 26  
ARG H2   H N N 27  
ARG HA   H N N 28  
ARG HB2  H N N 29  
ARG HB3  H N N 30  
ARG HG2  H N N 31  
ARG HG3  H N N 32  
ARG HD2  H N N 33  
ARG HD3  H N N 34  
ARG HE   H N N 35  
ARG HH11 H N N 36  
ARG HH12 H N N 37  
ARG HH21 H N N 38  
ARG HH22 H N N 39  
ARG HXT  H N N 40  
ASN N    N N N 41  
ASN CA   C N S 42  
ASN C    C N N 43  
ASN O    O N N 44  
ASN CB   C N N 45  
ASN CG   C N N 46  
ASN OD1  O N N 47  
ASN ND2  N N N 48  
ASN OXT  O N N 49  
ASN H    H N N 50  
ASN H2   H N N 51  
ASN HA   H N N 52  
ASN HB2  H N N 53  
ASN HB3  H N N 54  
ASN HD21 H N N 55  
ASN HD22 H N N 56  
ASN HXT  H N N 57  
ASP N    N N N 58  
ASP CA   C N S 59  
ASP C    C N N 60  
ASP O    O N N 61  
ASP CB   C N N 62  
ASP CG   C N N 63  
ASP OD1  O N N 64  
ASP OD2  O N N 65  
ASP OXT  O N N 66  
ASP H    H N N 67  
ASP H2   H N N 68  
ASP HA   H N N 69  
ASP HB2  H N N 70  
ASP HB3  H N N 71  
ASP HD2  H N N 72  
ASP HXT  H N N 73  
GLN N    N N N 74  
GLN CA   C N S 75  
GLN C    C N N 76  
GLN O    O N N 77  
GLN CB   C N N 78  
GLN CG   C N N 79  
GLN CD   C N N 80  
GLN OE1  O N N 81  
GLN NE2  N N N 82  
GLN OXT  O N N 83  
GLN H    H N N 84  
GLN H2   H N N 85  
GLN HA   H N N 86  
GLN HB2  H N N 87  
GLN HB3  H N N 88  
GLN HG2  H N N 89  
GLN HG3  H N N 90  
GLN HE21 H N N 91  
GLN HE22 H N N 92  
GLN HXT  H N N 93  
GLU N    N N N 94  
GLU CA   C N S 95  
GLU C    C N N 96  
GLU O    O N N 97  
GLU CB   C N N 98  
GLU CG   C N N 99  
GLU CD   C N N 100 
GLU OE1  O N N 101 
GLU OE2  O N N 102 
GLU OXT  O N N 103 
GLU H    H N N 104 
GLU H2   H N N 105 
GLU HA   H N N 106 
GLU HB2  H N N 107 
GLU HB3  H N N 108 
GLU HG2  H N N 109 
GLU HG3  H N N 110 
GLU HE2  H N N 111 
GLU HXT  H N N 112 
GLY N    N N N 113 
GLY CA   C N N 114 
GLY C    C N N 115 
GLY O    O N N 116 
GLY OXT  O N N 117 
GLY H    H N N 118 
GLY H2   H N N 119 
GLY HA2  H N N 120 
GLY HA3  H N N 121 
GLY HXT  H N N 122 
HIS N    N N N 123 
HIS CA   C N S 124 
HIS C    C N N 125 
HIS O    O N N 126 
HIS CB   C N N 127 
HIS CG   C Y N 128 
HIS ND1  N Y N 129 
HIS CD2  C Y N 130 
HIS CE1  C Y N 131 
HIS NE2  N Y N 132 
HIS OXT  O N N 133 
HIS H    H N N 134 
HIS H2   H N N 135 
HIS HA   H N N 136 
HIS HB2  H N N 137 
HIS HB3  H N N 138 
HIS HD1  H N N 139 
HIS HD2  H N N 140 
HIS HE1  H N N 141 
HIS HE2  H N N 142 
HIS HXT  H N N 143 
HOH O    O N N 144 
HOH H1   H N N 145 
HOH H2   H N N 146 
ILE N    N N N 147 
ILE CA   C N S 148 
ILE C    C N N 149 
ILE O    O N N 150 
ILE CB   C N S 151 
ILE CG1  C N N 152 
ILE CG2  C N N 153 
ILE CD1  C N N 154 
ILE OXT  O N N 155 
ILE H    H N N 156 
ILE H2   H N N 157 
ILE HA   H N N 158 
ILE HB   H N N 159 
ILE HG12 H N N 160 
ILE HG13 H N N 161 
ILE HG21 H N N 162 
ILE HG22 H N N 163 
ILE HG23 H N N 164 
ILE HD11 H N N 165 
ILE HD12 H N N 166 
ILE HD13 H N N 167 
ILE HXT  H N N 168 
LEU N    N N N 169 
LEU CA   C N S 170 
LEU C    C N N 171 
LEU O    O N N 172 
LEU CB   C N N 173 
LEU CG   C N N 174 
LEU CD1  C N N 175 
LEU CD2  C N N 176 
LEU OXT  O N N 177 
LEU H    H N N 178 
LEU H2   H N N 179 
LEU HA   H N N 180 
LEU HB2  H N N 181 
LEU HB3  H N N 182 
LEU HG   H N N 183 
LEU HD11 H N N 184 
LEU HD12 H N N 185 
LEU HD13 H N N 186 
LEU HD21 H N N 187 
LEU HD22 H N N 188 
LEU HD23 H N N 189 
LEU HXT  H N N 190 
LYS N    N N N 191 
LYS CA   C N S 192 
LYS C    C N N 193 
LYS O    O N N 194 
LYS CB   C N N 195 
LYS CG   C N N 196 
LYS CD   C N N 197 
LYS CE   C N N 198 
LYS NZ   N N N 199 
LYS OXT  O N N 200 
LYS H    H N N 201 
LYS H2   H N N 202 
LYS HA   H N N 203 
LYS HB2  H N N 204 
LYS HB3  H N N 205 
LYS HG2  H N N 206 
LYS HG3  H N N 207 
LYS HD2  H N N 208 
LYS HD3  H N N 209 
LYS HE2  H N N 210 
LYS HE3  H N N 211 
LYS HZ1  H N N 212 
LYS HZ2  H N N 213 
LYS HZ3  H N N 214 
LYS HXT  H N N 215 
MET N    N N N 216 
MET CA   C N S 217 
MET C    C N N 218 
MET O    O N N 219 
MET CB   C N N 220 
MET CG   C N N 221 
MET SD   S N N 222 
MET CE   C N N 223 
MET OXT  O N N 224 
MET H    H N N 225 
MET H2   H N N 226 
MET HA   H N N 227 
MET HB2  H N N 228 
MET HB3  H N N 229 
MET HG2  H N N 230 
MET HG3  H N N 231 
MET HE1  H N N 232 
MET HE2  H N N 233 
MET HE3  H N N 234 
MET HXT  H N N 235 
PHE N    N N N 236 
PHE CA   C N S 237 
PHE C    C N N 238 
PHE O    O N N 239 
PHE CB   C N N 240 
PHE CG   C Y N 241 
PHE CD1  C Y N 242 
PHE CD2  C Y N 243 
PHE CE1  C Y N 244 
PHE CE2  C Y N 245 
PHE CZ   C Y N 246 
PHE OXT  O N N 247 
PHE H    H N N 248 
PHE H2   H N N 249 
PHE HA   H N N 250 
PHE HB2  H N N 251 
PHE HB3  H N N 252 
PHE HD1  H N N 253 
PHE HD2  H N N 254 
PHE HE1  H N N 255 
PHE HE2  H N N 256 
PHE HZ   H N N 257 
PHE HXT  H N N 258 
PRO N    N N N 259 
PRO CA   C N S 260 
PRO C    C N N 261 
PRO O    O N N 262 
PRO CB   C N N 263 
PRO CG   C N N 264 
PRO CD   C N N 265 
PRO OXT  O N N 266 
PRO H    H N N 267 
PRO HA   H N N 268 
PRO HB2  H N N 269 
PRO HB3  H N N 270 
PRO HG2  H N N 271 
PRO HG3  H N N 272 
PRO HD2  H N N 273 
PRO HD3  H N N 274 
PRO HXT  H N N 275 
SER N    N N N 276 
SER CA   C N S 277 
SER C    C N N 278 
SER O    O N N 279 
SER CB   C N N 280 
SER OG   O N N 281 
SER OXT  O N N 282 
SER H    H N N 283 
SER H2   H N N 284 
SER HA   H N N 285 
SER HB2  H N N 286 
SER HB3  H N N 287 
SER HG   H N N 288 
SER HXT  H N N 289 
THR N    N N N 290 
THR CA   C N S 291 
THR C    C N N 292 
THR O    O N N 293 
THR CB   C N R 294 
THR OG1  O N N 295 
THR CG2  C N N 296 
THR OXT  O N N 297 
THR H    H N N 298 
THR H2   H N N 299 
THR HA   H N N 300 
THR HB   H N N 301 
THR HG1  H N N 302 
THR HG21 H N N 303 
THR HG22 H N N 304 
THR HG23 H N N 305 
THR HXT  H N N 306 
TYR N    N N N 307 
TYR CA   C N S 308 
TYR C    C N N 309 
TYR O    O N N 310 
TYR CB   C N N 311 
TYR CG   C Y N 312 
TYR CD1  C Y N 313 
TYR CD2  C Y N 314 
TYR CE1  C Y N 315 
TYR CE2  C Y N 316 
TYR CZ   C Y N 317 
TYR OH   O N N 318 
TYR OXT  O N N 319 
TYR H    H N N 320 
TYR H2   H N N 321 
TYR HA   H N N 322 
TYR HB2  H N N 323 
TYR HB3  H N N 324 
TYR HD1  H N N 325 
TYR HD2  H N N 326 
TYR HE1  H N N 327 
TYR HE2  H N N 328 
TYR HH   H N N 329 
TYR HXT  H N N 330 
VAL N    N N N 331 
VAL CA   C N S 332 
VAL C    C N N 333 
VAL O    O N N 334 
VAL CB   C N N 335 
VAL CG1  C N N 336 
VAL CG2  C N N 337 
VAL OXT  O N N 338 
VAL H    H N N 339 
VAL H2   H N N 340 
VAL HA   H N N 341 
VAL HB   H N N 342 
VAL HG11 H N N 343 
VAL HG12 H N N 344 
VAL HG13 H N N 345 
VAL HG21 H N N 346 
VAL HG22 H N N 347 
VAL HG23 H N N 348 
VAL HXT  H N N 349 
# 
loop_
_chem_comp_bond.comp_id 
_chem_comp_bond.atom_id_1 
_chem_comp_bond.atom_id_2 
_chem_comp_bond.value_order 
_chem_comp_bond.pdbx_aromatic_flag 
_chem_comp_bond.pdbx_stereo_config 
_chem_comp_bond.pdbx_ordinal 
ALA N   CA   sing N N 1   
ALA N   H    sing N N 2   
ALA N   H2   sing N N 3   
ALA CA  C    sing N N 4   
ALA CA  CB   sing N N 5   
ALA CA  HA   sing N N 6   
ALA C   O    doub N N 7   
ALA C   OXT  sing N N 8   
ALA CB  HB1  sing N N 9   
ALA CB  HB2  sing N N 10  
ALA CB  HB3  sing N N 11  
ALA OXT HXT  sing N N 12  
ARG N   CA   sing N N 13  
ARG N   H    sing N N 14  
ARG N   H2   sing N N 15  
ARG CA  C    sing N N 16  
ARG CA  CB   sing N N 17  
ARG CA  HA   sing N N 18  
ARG C   O    doub N N 19  
ARG C   OXT  sing N N 20  
ARG CB  CG   sing N N 21  
ARG CB  HB2  sing N N 22  
ARG CB  HB3  sing N N 23  
ARG CG  CD   sing N N 24  
ARG CG  HG2  sing N N 25  
ARG CG  HG3  sing N N 26  
ARG CD  NE   sing N N 27  
ARG CD  HD2  sing N N 28  
ARG CD  HD3  sing N N 29  
ARG NE  CZ   sing N N 30  
ARG NE  HE   sing N N 31  
ARG CZ  NH1  sing N N 32  
ARG CZ  NH2  doub N N 33  
ARG NH1 HH11 sing N N 34  
ARG NH1 HH12 sing N N 35  
ARG NH2 HH21 sing N N 36  
ARG NH2 HH22 sing N N 37  
ARG OXT HXT  sing N N 38  
ASN N   CA   sing N N 39  
ASN N   H    sing N N 40  
ASN N   H2   sing N N 41  
ASN CA  C    sing N N 42  
ASN CA  CB   sing N N 43  
ASN CA  HA   sing N N 44  
ASN C   O    doub N N 45  
ASN C   OXT  sing N N 46  
ASN CB  CG   sing N N 47  
ASN CB  HB2  sing N N 48  
ASN CB  HB3  sing N N 49  
ASN CG  OD1  doub N N 50  
ASN CG  ND2  sing N N 51  
ASN ND2 HD21 sing N N 52  
ASN ND2 HD22 sing N N 53  
ASN OXT HXT  sing N N 54  
ASP N   CA   sing N N 55  
ASP N   H    sing N N 56  
ASP N   H2   sing N N 57  
ASP CA  C    sing N N 58  
ASP CA  CB   sing N N 59  
ASP CA  HA   sing N N 60  
ASP C   O    doub N N 61  
ASP C   OXT  sing N N 62  
ASP CB  CG   sing N N 63  
ASP CB  HB2  sing N N 64  
ASP CB  HB3  sing N N 65  
ASP CG  OD1  doub N N 66  
ASP CG  OD2  sing N N 67  
ASP OD2 HD2  sing N N 68  
ASP OXT HXT  sing N N 69  
GLN N   CA   sing N N 70  
GLN N   H    sing N N 71  
GLN N   H2   sing N N 72  
GLN CA  C    sing N N 73  
GLN CA  CB   sing N N 74  
GLN CA  HA   sing N N 75  
GLN C   O    doub N N 76  
GLN C   OXT  sing N N 77  
GLN CB  CG   sing N N 78  
GLN CB  HB2  sing N N 79  
GLN CB  HB3  sing N N 80  
GLN CG  CD   sing N N 81  
GLN CG  HG2  sing N N 82  
GLN CG  HG3  sing N N 83  
GLN CD  OE1  doub N N 84  
GLN CD  NE2  sing N N 85  
GLN NE2 HE21 sing N N 86  
GLN NE2 HE22 sing N N 87  
GLN OXT HXT  sing N N 88  
GLU N   CA   sing N N 89  
GLU N   H    sing N N 90  
GLU N   H2   sing N N 91  
GLU CA  C    sing N N 92  
GLU CA  CB   sing N N 93  
GLU CA  HA   sing N N 94  
GLU C   O    doub N N 95  
GLU C   OXT  sing N N 96  
GLU CB  CG   sing N N 97  
GLU CB  HB2  sing N N 98  
GLU CB  HB3  sing N N 99  
GLU CG  CD   sing N N 100 
GLU CG  HG2  sing N N 101 
GLU CG  HG3  sing N N 102 
GLU CD  OE1  doub N N 103 
GLU CD  OE2  sing N N 104 
GLU OE2 HE2  sing N N 105 
GLU OXT HXT  sing N N 106 
GLY N   CA   sing N N 107 
GLY N   H    sing N N 108 
GLY N   H2   sing N N 109 
GLY CA  C    sing N N 110 
GLY CA  HA2  sing N N 111 
GLY CA  HA3  sing N N 112 
GLY C   O    doub N N 113 
GLY C   OXT  sing N N 114 
GLY OXT HXT  sing N N 115 
HIS N   CA   sing N N 116 
HIS N   H    sing N N 117 
HIS N   H2   sing N N 118 
HIS CA  C    sing N N 119 
HIS CA  CB   sing N N 120 
HIS CA  HA   sing N N 121 
HIS C   O    doub N N 122 
HIS C   OXT  sing N N 123 
HIS CB  CG   sing N N 124 
HIS CB  HB2  sing N N 125 
HIS CB  HB3  sing N N 126 
HIS CG  ND1  sing Y N 127 
HIS CG  CD2  doub Y N 128 
HIS ND1 CE1  doub Y N 129 
HIS ND1 HD1  sing N N 130 
HIS CD2 NE2  sing Y N 131 
HIS CD2 HD2  sing N N 132 
HIS CE1 NE2  sing Y N 133 
HIS CE1 HE1  sing N N 134 
HIS NE2 HE2  sing N N 135 
HIS OXT HXT  sing N N 136 
HOH O   H1   sing N N 137 
HOH O   H2   sing N N 138 
ILE N   CA   sing N N 139 
ILE N   H    sing N N 140 
ILE N   H2   sing N N 141 
ILE CA  C    sing N N 142 
ILE CA  CB   sing N N 143 
ILE CA  HA   sing N N 144 
ILE C   O    doub N N 145 
ILE C   OXT  sing N N 146 
ILE CB  CG1  sing N N 147 
ILE CB  CG2  sing N N 148 
ILE CB  HB   sing N N 149 
ILE CG1 CD1  sing N N 150 
ILE CG1 HG12 sing N N 151 
ILE CG1 HG13 sing N N 152 
ILE CG2 HG21 sing N N 153 
ILE CG2 HG22 sing N N 154 
ILE CG2 HG23 sing N N 155 
ILE CD1 HD11 sing N N 156 
ILE CD1 HD12 sing N N 157 
ILE CD1 HD13 sing N N 158 
ILE OXT HXT  sing N N 159 
LEU N   CA   sing N N 160 
LEU N   H    sing N N 161 
LEU N   H2   sing N N 162 
LEU CA  C    sing N N 163 
LEU CA  CB   sing N N 164 
LEU CA  HA   sing N N 165 
LEU C   O    doub N N 166 
LEU C   OXT  sing N N 167 
LEU CB  CG   sing N N 168 
LEU CB  HB2  sing N N 169 
LEU CB  HB3  sing N N 170 
LEU CG  CD1  sing N N 171 
LEU CG  CD2  sing N N 172 
LEU CG  HG   sing N N 173 
LEU CD1 HD11 sing N N 174 
LEU CD1 HD12 sing N N 175 
LEU CD1 HD13 sing N N 176 
LEU CD2 HD21 sing N N 177 
LEU CD2 HD22 sing N N 178 
LEU CD2 HD23 sing N N 179 
LEU OXT HXT  sing N N 180 
LYS N   CA   sing N N 181 
LYS N   H    sing N N 182 
LYS N   H2   sing N N 183 
LYS CA  C    sing N N 184 
LYS CA  CB   sing N N 185 
LYS CA  HA   sing N N 186 
LYS C   O    doub N N 187 
LYS C   OXT  sing N N 188 
LYS CB  CG   sing N N 189 
LYS CB  HB2  sing N N 190 
LYS CB  HB3  sing N N 191 
LYS CG  CD   sing N N 192 
LYS CG  HG2  sing N N 193 
LYS CG  HG3  sing N N 194 
LYS CD  CE   sing N N 195 
LYS CD  HD2  sing N N 196 
LYS CD  HD3  sing N N 197 
LYS CE  NZ   sing N N 198 
LYS CE  HE2  sing N N 199 
LYS CE  HE3  sing N N 200 
LYS NZ  HZ1  sing N N 201 
LYS NZ  HZ2  sing N N 202 
LYS NZ  HZ3  sing N N 203 
LYS OXT HXT  sing N N 204 
MET N   CA   sing N N 205 
MET N   H    sing N N 206 
MET N   H2   sing N N 207 
MET CA  C    sing N N 208 
MET CA  CB   sing N N 209 
MET CA  HA   sing N N 210 
MET C   O    doub N N 211 
MET C   OXT  sing N N 212 
MET CB  CG   sing N N 213 
MET CB  HB2  sing N N 214 
MET CB  HB3  sing N N 215 
MET CG  SD   sing N N 216 
MET CG  HG2  sing N N 217 
MET CG  HG3  sing N N 218 
MET SD  CE   sing N N 219 
MET CE  HE1  sing N N 220 
MET CE  HE2  sing N N 221 
MET CE  HE3  sing N N 222 
MET OXT HXT  sing N N 223 
PHE N   CA   sing N N 224 
PHE N   H    sing N N 225 
PHE N   H2   sing N N 226 
PHE CA  C    sing N N 227 
PHE CA  CB   sing N N 228 
PHE CA  HA   sing N N 229 
PHE C   O    doub N N 230 
PHE C   OXT  sing N N 231 
PHE CB  CG   sing N N 232 
PHE CB  HB2  sing N N 233 
PHE CB  HB3  sing N N 234 
PHE CG  CD1  doub Y N 235 
PHE CG  CD2  sing Y N 236 
PHE CD1 CE1  sing Y N 237 
PHE CD1 HD1  sing N N 238 
PHE CD2 CE2  doub Y N 239 
PHE CD2 HD2  sing N N 240 
PHE CE1 CZ   doub Y N 241 
PHE CE1 HE1  sing N N 242 
PHE CE2 CZ   sing Y N 243 
PHE CE2 HE2  sing N N 244 
PHE CZ  HZ   sing N N 245 
PHE OXT HXT  sing N N 246 
PRO N   CA   sing N N 247 
PRO N   CD   sing N N 248 
PRO N   H    sing N N 249 
PRO CA  C    sing N N 250 
PRO CA  CB   sing N N 251 
PRO CA  HA   sing N N 252 
PRO C   O    doub N N 253 
PRO C   OXT  sing N N 254 
PRO CB  CG   sing N N 255 
PRO CB  HB2  sing N N 256 
PRO CB  HB3  sing N N 257 
PRO CG  CD   sing N N 258 
PRO CG  HG2  sing N N 259 
PRO CG  HG3  sing N N 260 
PRO CD  HD2  sing N N 261 
PRO CD  HD3  sing N N 262 
PRO OXT HXT  sing N N 263 
SER N   CA   sing N N 264 
SER N   H    sing N N 265 
SER N   H2   sing N N 266 
SER CA  C    sing N N 267 
SER CA  CB   sing N N 268 
SER CA  HA   sing N N 269 
SER C   O    doub N N 270 
SER C   OXT  sing N N 271 
SER CB  OG   sing N N 272 
SER CB  HB2  sing N N 273 
SER CB  HB3  sing N N 274 
SER OG  HG   sing N N 275 
SER OXT HXT  sing N N 276 
THR N   CA   sing N N 277 
THR N   H    sing N N 278 
THR N   H2   sing N N 279 
THR CA  C    sing N N 280 
THR CA  CB   sing N N 281 
THR CA  HA   sing N N 282 
THR C   O    doub N N 283 
THR C   OXT  sing N N 284 
THR CB  OG1  sing N N 285 
THR CB  CG2  sing N N 286 
THR CB  HB   sing N N 287 
THR OG1 HG1  sing N N 288 
THR CG2 HG21 sing N N 289 
THR CG2 HG22 sing N N 290 
THR CG2 HG23 sing N N 291 
THR OXT HXT  sing N N 292 
TYR N   CA   sing N N 293 
TYR N   H    sing N N 294 
TYR N   H2   sing N N 295 
TYR CA  C    sing N N 296 
TYR CA  CB   sing N N 297 
TYR CA  HA   sing N N 298 
TYR C   O    doub N N 299 
TYR C   OXT  sing N N 300 
TYR CB  CG   sing N N 301 
TYR CB  HB2  sing N N 302 
TYR CB  HB3  sing N N 303 
TYR CG  CD1  doub Y N 304 
TYR CG  CD2  sing Y N 305 
TYR CD1 CE1  sing Y N 306 
TYR CD1 HD1  sing N N 307 
TYR CD2 CE2  doub Y N 308 
TYR CD2 HD2  sing N N 309 
TYR CE1 CZ   doub Y N 310 
TYR CE1 HE1  sing N N 311 
TYR CE2 CZ   sing Y N 312 
TYR CE2 HE2  sing N N 313 
TYR CZ  OH   sing N N 314 
TYR OH  HH   sing N N 315 
TYR OXT HXT  sing N N 316 
VAL N   CA   sing N N 317 
VAL N   H    sing N N 318 
VAL N   H2   sing N N 319 
VAL CA  C    sing N N 320 
VAL CA  CB   sing N N 321 
VAL CA  HA   sing N N 322 
VAL C   O    doub N N 323 
VAL C   OXT  sing N N 324 
VAL CB  CG1  sing N N 325 
VAL CB  CG2  sing N N 326 
VAL CB  HB   sing N N 327 
VAL CG1 HG11 sing N N 328 
VAL CG1 HG12 sing N N 329 
VAL CG1 HG13 sing N N 330 
VAL CG2 HG21 sing N N 331 
VAL CG2 HG22 sing N N 332 
VAL CG2 HG23 sing N N 333 
VAL OXT HXT  sing N N 334 
# 
_pdbx_initial_refinement_model.accession_code   ? 
_pdbx_initial_refinement_model.id               1 
_pdbx_initial_refinement_model.entity_id_list   ? 
_pdbx_initial_refinement_model.type             'experimental model' 
_pdbx_initial_refinement_model.source_name      Other 
_pdbx_initial_refinement_model.details          'NATIVE TOLUENE 4-MONOOXYGENASE' 
# 
_atom_sites.entry_id                    2BF5 
_atom_sites.fract_transf_matrix[1][1]   0.00444839 
_atom_sites.fract_transf_matrix[1][2]   -0.00913843 
_atom_sites.fract_transf_matrix[1][3]   0.00558907 
_atom_sites.fract_transf_matrix[2][1]   0.01018707 
_atom_sites.fract_transf_matrix[2][2]   0.00173753 
_atom_sites.fract_transf_matrix[2][3]   -0.00526701 
_atom_sites.fract_transf_matrix[3][1]   0.00331244 
_atom_sites.fract_transf_matrix[3][2]   0.00692869 
_atom_sites.fract_transf_matrix[3][3]   0.00869240 
_atom_sites.fract_transf_vector[1]      0.172389 
_atom_sites.fract_transf_vector[2]      -0.017732 
_atom_sites.fract_transf_vector[3]      0.736037 
# 
loop_
_atom_type.symbol 
C 
N 
O 
S 
# 
loop_
_atom_site.group_PDB 
_atom_site.id 
_atom_site.type_symbol 
_atom_site.label_atom_id 
_atom_site.label_alt_id 
_atom_site.label_comp_id 
_atom_site.label_asym_id 
_atom_site.label_entity_id 
_atom_site.label_seq_id 
_atom_site.pdbx_PDB_ins_code 
_atom_site.Cartn_x 
_atom_site.Cartn_y 
_atom_site.Cartn_z 
_atom_site.occupancy 
_atom_site.B_iso_or_equiv 
_atom_site.pdbx_formal_charge 
_atom_site.auth_seq_id 
_atom_site.auth_comp_id 
_atom_site.auth_asym_id 
_atom_site.auth_atom_id 
_atom_site.pdbx_PDB_model_num 
ATOM   1    N N   . ASN A 1 7  ? -5.955  6.647   18.440  1.00 24.04 ? 11   ASN A N   1 
ATOM   2    C CA  . ASN A 1 7  ? -6.314  6.590   16.991  1.00 23.11 ? 11   ASN A CA  1 
ATOM   3    C C   . ASN A 1 7  ? -5.068  6.949   16.185  1.00 20.67 ? 11   ASN A C   1 
ATOM   4    O O   . ASN A 1 7  ? -5.150  7.706   15.214  1.00 18.62 ? 11   ASN A O   1 
ATOM   5    C CB  . ASN A 1 7  ? -7.428  7.586   16.693  1.00 24.74 ? 11   ASN A CB  1 
ATOM   6    C CG  . ASN A 1 7  ? -7.051  9.006   17.096  1.00 29.65 ? 11   ASN A CG  1 
ATOM   7    O OD1 . ASN A 1 7  ? -6.270  9.202   18.042  1.00 35.80 ? 11   ASN A OD1 1 
ATOM   8    N ND2 . ASN A 1 7  ? -7.572  9.994   16.378  1.00 33.69 ? 11   ASN A ND2 1 
ATOM   9    N N   . ASN A 1 8  ? -3.936  6.393   16.594  1.00 18.18 ? 12   ASN A N   1 
ATOM   10   C CA  . ASN A 1 8  ? -2.667  6.682   15.934  1.00 16.87 ? 12   ASN A CA  1 
ATOM   11   C C   . ASN A 1 8  ? -2.554  5.917   14.629  1.00 14.94 ? 12   ASN A C   1 
ATOM   12   O O   . ASN A 1 8  ? -2.943  4.757   14.537  1.00 14.56 ? 12   ASN A O   1 
ATOM   13   C CB  . ASN A 1 8  ? -1.483  6.362   16.831  1.00 18.45 ? 12   ASN A CB  1 
ATOM   14   C CG  . ASN A 1 8  ? -1.471  7.203   18.071  1.00 22.90 ? 12   ASN A CG  1 
ATOM   15   O OD1 . ASN A 1 8  ? -1.748  8.406   18.021  1.00 24.26 ? 12   ASN A OD1 1 
ATOM   16   N ND2 . ASN A 1 8  ? -1.211  6.567   19.209  1.00 26.61 ? 12   ASN A ND2 1 
ATOM   17   N N   . VAL A 1 9  ? -2.017  6.592   13.628  1.00 11.44 ? 13   VAL A N   1 
ATOM   18   C CA  . VAL A 1 9  ? -1.893  6.041   12.292  1.00 9.79  ? 13   VAL A CA  1 
ATOM   19   C C   . VAL A 1 9  ? -0.552  6.454   11.701  1.00 9.70  ? 13   VAL A C   1 
ATOM   20   O O   . VAL A 1 9  ? 0.034   7.457   12.124  1.00 9.18  ? 13   VAL A O   1 
ATOM   21   C CB  . VAL A 1 9  ? -3.015  6.559   11.378  1.00 9.44  ? 13   VAL A CB  1 
ATOM   22   C CG1 . VAL A 1 9  ? -4.386  6.172   11.936  1.00 10.76 ? 13   VAL A CG1 1 
ATOM   23   C CG2 . VAL A 1 9  ? -2.950  8.040   11.171  1.00 7.83  ? 13   VAL A CG2 1 
ATOM   24   N N   . GLY A 1 10 ? -0.085  5.693   10.708  1.00 8.14  ? 14   GLY A N   1 
ATOM   25   C CA  . GLY A 1 10 ? 1.137   6.015   10.010  1.00 8.42  ? 14   GLY A CA  1 
ATOM   26   C C   . GLY A 1 10 ? 1.913   4.804   9.571   1.00 8.02  ? 14   GLY A C   1 
ATOM   27   O O   . GLY A 1 10 ? 1.520   3.669   9.861   1.00 7.50  ? 14   GLY A O   1 
ATOM   28   N N   . PRO A 1 11 ? 3.011   5.023   8.854   1.00 8.26  ? 15   PRO A N   1 
ATOM   29   C CA  . PRO A 1 11 ? 3.796   3.947   8.264   1.00 7.35  ? 15   PRO A CA  1 
ATOM   30   C C   . PRO A 1 11 ? 4.711   3.266   9.259   1.00 9.09  ? 15   PRO A C   1 
ATOM   31   O O   . PRO A 1 11 ? 5.142   3.884   10.266  1.00 8.94  ? 15   PRO A O   1 
ATOM   32   C CB  . PRO A 1 11 ? 4.651   4.683   7.244   1.00 8.56  ? 15   PRO A CB  1 
ATOM   33   C CG  . PRO A 1 11 ? 4.893   6.020   7.915   1.00 8.37  ? 15   PRO A CG  1 
ATOM   34   C CD  . PRO A 1 11 ? 3.620   6.344   8.595   1.00 7.59  ? 15   PRO A CD  1 
ATOM   35   N N   . ILE A 1 12 ? 5.059   2.014   8.946   1.00 7.40  ? 16   ILE A N   1 
ATOM   36   C CA  . ILE A 1 12 ? 6.091   1.295   9.644   1.00 7.40  ? 16   ILE A CA  1 
ATOM   37   C C   . ILE A 1 12 ? 7.101   0.957   8.570   1.00 8.16  ? 16   ILE A C   1 
ATOM   38   O O   . ILE A 1 12 ? 6.793   0.269   7.584   1.00 9.34  ? 16   ILE A O   1 
ATOM   39   C CB  . ILE A 1 12 ? 5.561   0.037   10.360  1.00 6.29  ? 16   ILE A CB  1 
ATOM   40   C CG1 . ILE A 1 12 ? 4.372   0.391   11.274  1.00 8.04  ? 16   ILE A CG1 1 
ATOM   41   C CG2 . ILE A 1 12 ? 6.699   -0.646  11.097  1.00 8.35  ? 16   ILE A CG2 1 
ATOM   42   C CD1 . ILE A 1 12 ? 3.813   -0.854  12.003  1.00 10.38 ? 16   ILE A CD1 1 
ATOM   43   N N   . ILE A 1 13 ? 8.292   1.532   8.720   1.00 8.73  ? 17   ILE A N   1 
ATOM   44   C CA  . ILE A 1 13 ? 9.323   1.499   7.674   1.00 10.13 ? 17   ILE A CA  1 
ATOM   45   C C   . ILE A 1 13 ? 10.335  0.390   7.899   1.00 10.46 ? 17   ILE A C   1 
ATOM   46   O O   . ILE A 1 13 ? 10.879  0.222   8.989   1.00 10.66 ? 17   ILE A O   1 
ATOM   47   C CB  . ILE A 1 13 ? 10.046  2.876   7.609   1.00 9.93  ? 17   ILE A CB  1 
ATOM   48   C CG1 . ILE A 1 13 ? 9.071   4.017   7.362   1.00 10.63 ? 17   ILE A CG1 1 
ATOM   49   C CG2 . ILE A 1 13 ? 11.181  2.886   6.553   1.00 9.46  ? 17   ILE A CG2 1 
ATOM   50   C CD1 . ILE A 1 13 ? 8.326   3.985   6.087   1.00 13.04 ? 17   ILE A CD1 1 
ATOM   51   N N   . ARG A 1 14 ? 10.581  -0.372  6.841   1.00 12.99 ? 18   ARG A N   1 
ATOM   52   C CA  . ARG A 1 14 ? 11.495  -1.479  6.856   1.00 15.78 ? 18   ARG A CA  1 
ATOM   53   C C   . ARG A 1 14 ? 12.878  -1.068  6.387   1.00 16.62 ? 18   ARG A C   1 
ATOM   54   O O   . ARG A 1 14 ? 13.867  -1.540  6.928   1.00 19.25 ? 18   ARG A O   1 
ATOM   55   C CB  . ARG A 1 14 ? 10.953  -2.615  5.965   1.00 17.09 ? 18   ARG A CB  1 
ATOM   56   C CG  . ARG A 1 14 ? 11.895  -3.826  5.770   1.00 23.64 ? 18   ARG A CG  1 
ATOM   57   C CD  . ARG A 1 14 ? 12.521  -4.374  7.034   1.00 32.06 ? 18   ARG A CD  1 
ATOM   58   N NE  . ARG A 1 14 ? 12.469  -5.843  7.125   1.00 37.18 ? 18   ARG A NE  1 
ATOM   59   C CZ  . ARG A 1 14 ? 11.883  -6.538  8.109   1.00 40.10 ? 18   ARG A CZ  1 
ATOM   60   N NH1 . ARG A 1 14 ? 11.270  -5.929  9.125   1.00 36.49 ? 18   ARG A NH1 1 
ATOM   61   N NH2 . ARG A 1 14 ? 11.911  -7.872  8.074   1.00 42.52 ? 18   ARG A NH2 1 
ATOM   62   N N   . ALA A 1 15 ? 12.945  -0.181  5.410   1.00 16.53 ? 19   ALA A N   1 
ATOM   63   C CA  . ALA A 1 15 ? 14.221  0.217   4.799   1.00 16.99 ? 19   ALA A CA  1 
ATOM   64   C C   . ALA A 1 15 ? 14.893  1.317   5.600   1.00 17.00 ? 19   ALA A C   1 
ATOM   65   O O   . ALA A 1 15 ? 14.379  2.428   5.647   1.00 16.13 ? 19   ALA A O   1 
ATOM   66   C CB  . ALA A 1 15 ? 13.976  0.688   3.398   1.00 17.16 ? 19   ALA A CB  1 
ATOM   67   N N   . GLY A 1 16 ? 16.057  1.019   6.189   1.00 17.10 ? 20   GLY A N   1 
ATOM   68   C CA  . GLY A 1 16 ? 16.758  1.957   7.035   1.00 17.93 ? 20   GLY A CA  1 
ATOM   69   C C   . GLY A 1 16 ? 17.017  3.300   6.382   1.00 17.96 ? 20   GLY A C   1 
ATOM   70   O O   . GLY A 1 16 ? 16.913  4.340   7.021   1.00 18.58 ? 20   GLY A O   1 
ATOM   71   N N   . ASP A 1 17 ? 17.326  3.297   5.094   1.00 19.04 ? 21   ASP A N   1 
ATOM   72   C CA  . ASP A 1 17 ? 17.645  4.553   4.412   1.00 19.30 ? 21   ASP A CA  1 
ATOM   73   C C   . ASP A 1 17 ? 16.468  5.491   4.153   1.00 17.36 ? 21   ASP A C   1 
ATOM   74   O O   . ASP A 1 17 ? 16.684  6.651   3.845   1.00 17.15 ? 21   ASP A O   1 
ATOM   75   C CB  . ASP A 1 17 ? 18.449  4.299   3.115   1.00 21.20 ? 21   ASP A CB  1 
ATOM   76   C CG  . ASP A 1 17 ? 17.608  3.729   1.990   1.00 26.11 ? 21   ASP A CG  1 
ATOM   77   O OD1 . ASP A 1 17 ? 16.647  2.976   2.257   1.00 30.61 ? 21   ASP A OD1 1 
ATOM   78   O OD2 . ASP A 1 17 ? 17.852  3.967   0.771   1.00 36.64 ? 21   ASP A OD2 1 
ATOM   79   N N   . LEU A 1 18 ? 15.231  5.015   4.315   1.00 13.91 ? 22   LEU A N   1 
ATOM   80   C CA  . LEU A 1 18 ? 14.057  5.858   4.201   1.00 13.31 ? 22   LEU A CA  1 
ATOM   81   C C   . LEU A 1 18 ? 13.554  6.388   5.541   1.00 11.48 ? 22   LEU A C   1 
ATOM   82   O O   . LEU A 1 18 ? 12.653  7.193   5.564   1.00 11.95 ? 22   LEU A O   1 
ATOM   83   C CB  . LEU A 1 18 ? 12.918  5.041   3.546   1.00 14.27 ? 22   LEU A CB  1 
ATOM   84   C CG  . LEU A 1 18 ? 13.157  4.689   2.085   1.00 17.25 ? 22   LEU A CG  1 
ATOM   85   C CD1 . LEU A 1 18 ? 11.958  3.952   1.515   1.00 16.50 ? 22   LEU A CD1 1 
ATOM   86   C CD2 . LEU A 1 18 ? 13.433  5.952   1.267   1.00 18.59 ? 22   LEU A CD2 1 
ATOM   87   N N   . VAL A 1 19 ? 14.059  5.880   6.652   1.00 10.10 ? 23   VAL A N   1 
ATOM   88   C CA  . VAL A 1 19 ? 13.514  6.247   7.969   1.00 10.84 ? 23   VAL A CA  1 
ATOM   89   C C   . VAL A 1 19 ? 13.559  7.735   8.230   1.00 11.50 ? 23   VAL A C   1 
ATOM   90   O O   . VAL A 1 19 ? 12.558  8.363   8.543   1.00 10.44 ? 23   VAL A O   1 
ATOM   91   C CB  . VAL A 1 19 ? 14.187  5.456   9.103   1.00 10.87 ? 23   VAL A CB  1 
ATOM   92   C CG1 . VAL A 1 19 ? 13.838  6.016   10.474  1.00 13.24 ? 23   VAL A CG1 1 
ATOM   93   C CG2 . VAL A 1 19 ? 13.805  3.979   8.976   1.00 13.24 ? 23   VAL A CG2 1 
ATOM   94   N N   . GLU A 1 20 ? 14.743  8.322   8.107   1.00 11.21 ? 24   GLU A N   1 
ATOM   95   C CA  . GLU A 1 20 ? 14.865  9.738   8.434   1.00 12.61 ? 24   GLU A CA  1 
ATOM   96   C C   . GLU A 1 20 ? 14.108  10.612  7.441   1.00 11.62 ? 24   GLU A C   1 
ATOM   97   O O   . GLU A 1 20 ? 13.368  11.491  7.851   1.00 11.12 ? 24   GLU A O   1 
ATOM   98   C CB  . GLU A 1 20 ? 16.340  10.113  8.566   1.00 13.74 ? 24   GLU A CB  1 
ATOM   99   C CG  . GLU A 1 20 ? 16.611  11.599  8.697   1.00 18.22 ? 24   GLU A CG  1 
ATOM   100  C CD  . GLU A 1 20 ? 16.137  12.201  10.000  1.00 23.32 ? 24   GLU A CD  1 
ATOM   101  O OE1 . GLU A 1 20 ? 15.740  11.456  10.938  1.00 25.45 ? 24   GLU A OE1 1 
ATOM   102  O OE2 . GLU A 1 20 ? 16.207  13.456  10.102  1.00 25.91 ? 24   GLU A OE2 1 
ATOM   103  N N   . PRO A 1 21 ? 14.234  10.387  6.143   1.00 12.09 ? 25   PRO A N   1 
ATOM   104  C CA  . PRO A 1 21 ? 13.403  11.126  5.195   1.00 11.79 ? 25   PRO A CA  1 
ATOM   105  C C   . PRO A 1 21 ? 11.902  11.036  5.477   1.00 11.08 ? 25   PRO A C   1 
ATOM   106  O O   . PRO A 1 21 ? 11.188  12.022  5.353   1.00 10.31 ? 25   PRO A O   1 
ATOM   107  C CB  . PRO A 1 21 ? 13.769  10.530  3.849   1.00 13.21 ? 25   PRO A CB  1 
ATOM   108  C CG  . PRO A 1 21 ? 15.095  9.938   4.011   1.00 13.43 ? 25   PRO A CG  1 
ATOM   109  C CD  . PRO A 1 21 ? 15.259  9.561   5.472   1.00 13.29 ? 25   PRO A CD  1 
ATOM   110  N N   . VAL A 1 22 ? 11.420  9.870   5.901   1.00 10.39 ? 26   VAL A N   1 
ATOM   111  C CA  . VAL A 1 22 ? 9.981   9.743   6.178   1.00 10.13 ? 26   VAL A CA  1 
ATOM   112  C C   . VAL A 1 22 ? 9.608   10.449  7.471   1.00 9.77  ? 26   VAL A C   1 
ATOM   113  O O   . VAL A 1 22 ? 8.582   11.116  7.530   1.00 9.82  ? 26   VAL A O   1 
ATOM   114  C CB  . VAL A 1 22 ? 9.552   8.274   6.179   1.00 11.05 ? 26   VAL A CB  1 
ATOM   115  C CG1 . VAL A 1 22 ? 8.120   8.111   6.661   1.00 10.54 ? 26   VAL A CG1 1 
ATOM   116  C CG2 . VAL A 1 22 ? 9.703   7.731   4.766   1.00 11.20 ? 26   VAL A CG2 1 
ATOM   117  N N   . ILE A 1 23 ? 10.427  10.321  8.505   1.00 8.94  ? 27   ILE A N   1 
ATOM   118  C CA  . ILE A 1 23 ? 10.183  11.093  9.752   1.00 9.16  ? 27   ILE A CA  1 
ATOM   119  C C   . ILE A 1 23 ? 10.103  12.582  9.451   1.00 9.04  ? 27   ILE A C   1 
ATOM   120  O O   . ILE A 1 23 ? 9.194   13.257  9.883   1.00 9.18  ? 27   ILE A O   1 
ATOM   121  C CB  . ILE A 1 23 ? 11.267  10.809  10.804  1.00 10.13 ? 27   ILE A CB  1 
ATOM   122  C CG1 . ILE A 1 23 ? 11.160  9.372   11.307  1.00 10.20 ? 27   ILE A CG1 1 
ATOM   123  C CG2 . ILE A 1 23 ? 11.145  11.769  11.983  1.00 12.52 ? 27   ILE A CG2 1 
ATOM   124  C CD1 . ILE A 1 23 ? 12.361  8.901   12.124  1.00 10.94 ? 27   ILE A CD1 1 
ATOM   125  N N   . GLU A 1 24 ? 11.092  13.094  8.733   1.00 10.24 ? 28   GLU A N   1 
ATOM   126  C CA  . GLU A 1 24 ? 11.095  14.527  8.421   1.00 10.62 ? 28   GLU A CA  1 
ATOM   127  C C   . GLU A 1 24 ? 9.904   14.942  7.542   1.00 10.22 ? 28   GLU A C   1 
ATOM   128  O O   . GLU A 1 24 ? 9.313   15.991  7.756   1.00 10.28 ? 28   GLU A O   1 
ATOM   129  C CB  . GLU A 1 24 ? 12.413  14.942  7.789   1.00 11.71 ? 28   GLU A CB  1 
ATOM   130  C CG  . GLU A 1 24 ? 13.631  14.758  8.698   1.00 13.46 ? 28   GLU A CG  1 
ATOM   131  C CD  . GLU A 1 24 ? 13.541  15.482  10.065  1.00 18.60 ? 28   GLU A CD  1 
ATOM   132  O OE1 . GLU A 1 24 ? 12.703  16.398  10.283  1.00 16.69 ? 28   GLU A OE1 1 
ATOM   133  O OE2 . GLU A 1 24 ? 14.356  15.138  10.953  1.00 24.89 ? 28   GLU A OE2 1 
ATOM   134  N N   . THR A 1 25 ? 9.525   14.114  6.582   1.00 8.70  ? 29   THR A N   1 
ATOM   135  C CA  . THR A 1 25 ? 8.331   14.348  5.818   1.00 9.07  ? 29   THR A CA  1 
ATOM   136  C C   . THR A 1 25 ? 7.079   14.379  6.683   1.00 8.61  ? 29   THR A C   1 
ATOM   137  O O   . THR A 1 25 ? 6.210   15.215  6.519   1.00 9.28  ? 29   THR A O   1 
ATOM   138  C CB  . THR A 1 25 ? 8.199   13.274  4.724   1.00 9.51  ? 29   THR A CB  1 
ATOM   139  O OG1 . THR A 1 25 ? 9.286   13.409  3.786   1.00 9.24  ? 29   THR A OG1 1 
ATOM   140  C CG2 . THR A 1 25 ? 7.015   13.490  3.885   1.00 7.72  ? 29   THR A CG2 1 
ATOM   141  N N   . ALA A 1 26 ? 6.968   13.434  7.608   1.00 8.05  ? 30   ALA A N   1 
ATOM   142  C CA  . ALA A 1 26 ? 5.866   13.440  8.537   1.00 8.35  ? 30   ALA A CA  1 
ATOM   143  C C   . ALA A 1 26 ? 5.785   14.791  9.306   1.00 8.67  ? 30   ALA A C   1 
ATOM   144  O O   . ALA A 1 26 ? 4.712   15.356  9.500   1.00 8.58  ? 30   ALA A O   1 
ATOM   145  C CB  . ALA A 1 26 ? 5.984   12.280  9.494   1.00 8.59  ? 30   ALA A CB  1 
ATOM   146  N N   . GLU A 1 27 ? 6.937   15.294  9.721   1.00 9.95  ? 31   GLU A N   1 
ATOM   147  C CA  . GLU A 1 27 ? 7.004   16.541  10.499  1.00 10.43 ? 31   GLU A CA  1 
ATOM   148  C C   . GLU A 1 27 ? 6.599   17.747  9.676   1.00 10.53 ? 31   GLU A C   1 
ATOM   149  O O   . GLU A 1 27 ? 5.810   18.569  10.114  1.00 10.64 ? 31   GLU A O   1 
ATOM   150  C CB  . GLU A 1 27 ? 8.415   16.729  11.089  1.00 11.06 ? 31   GLU A CB  1 
ATOM   151  C CG  . GLU A 1 27 ? 8.813   15.621  12.040  1.00 14.73 ? 31   GLU A CG  1 
ATOM   152  C CD  . GLU A 1 27 ? 8.713   15.969  13.488  1.00 23.88 ? 31   GLU A CD  1 
ATOM   153  O OE1 . GLU A 1 27 ? 8.176   17.053  13.801  1.00 30.72 ? 31   GLU A OE1 1 
ATOM   154  O OE2 . GLU A 1 27 ? 9.162   15.137  14.319  1.00 26.15 ? 31   GLU A OE2 1 
ATOM   155  N N   . ILE A 1 28 ? 7.077   17.783  8.443   1.00 10.31 ? 32   ILE A N   1 
ATOM   156  C CA  . ILE A 1 28 ? 6.895   18.908  7.537   1.00 10.74 ? 32   ILE A CA  1 
ATOM   157  C C   . ILE A 1 28 ? 5.467   18.967  6.989   1.00 11.03 ? 32   ILE A C   1 
ATOM   158  O O   . ILE A 1 28 ? 4.816   20.030  7.005   1.00 11.20 ? 32   ILE A O   1 
ATOM   159  C CB  . ILE A 1 28 ? 7.942   18.835  6.394   1.00 10.35 ? 32   ILE A CB  1 
ATOM   160  C CG1 . ILE A 1 28 ? 9.365   19.149  6.883   1.00 12.72 ? 32   ILE A CG1 1 
ATOM   161  C CG2 . ILE A 1 28 ? 7.554   19.760  5.237   1.00 12.64 ? 32   ILE A CG2 1 
ATOM   162  C CD1 . ILE A 1 28 ? 10.433  18.643  5.936   1.00 13.59 ? 32   ILE A CD1 1 
ATOM   163  N N   . ASP A 1 29 ? 4.946   17.813  6.565   1.00 10.37 ? 33   ASP A N   1 
ATOM   164  C CA  . ASP A 1 29 ? 3.634   17.736  5.929   1.00 10.38 ? 33   ASP A CA  1 
ATOM   165  C C   . ASP A 1 29 ? 2.488   17.608  6.922   1.00 10.38 ? 33   ASP A C   1 
ATOM   166  O O   . ASP A 1 29 ? 1.328   17.636  6.522   1.00 11.50 ? 33   ASP A O   1 
ATOM   167  C CB  . ASP A 1 29 ? 3.573   16.566  4.934   1.00 10.31 ? 33   ASP A CB  1 
ATOM   168  C CG  . ASP A 1 29 ? 4.391   16.784  3.709   1.00 10.54 ? 33   ASP A CG  1 
ATOM   169  O OD1 . ASP A 1 29 ? 4.887   17.924  3.471   1.00 10.61 ? 33   ASP A OD1 1 
ATOM   170  O OD2 . ASP A 1 29 ? 4.606   15.859  2.890   1.00 9.52  ? 33   ASP A OD2 1 
ATOM   171  N N   . ASN A 1 30 ? 2.793   17.536  8.234   1.00 10.55 ? 34   ASN A N   1 
ATOM   172  C CA  . ASN A 1 30 ? 1.765   17.496  9.265   1.00 10.74 ? 34   ASN A CA  1 
ATOM   173  C C   . ASN A 1 30 ? 2.122   18.461  10.380  1.00 11.18 ? 34   ASN A C   1 
ATOM   174  O O   . ASN A 1 30 ? 2.398   18.081  11.496  1.00 9.91  ? 34   ASN A O   1 
ATOM   175  C CB  . ASN A 1 30 ? 1.598   16.082  9.805   1.00 10.20 ? 34   ASN A CB  1 
ATOM   176  C CG  . ASN A 1 30 ? 1.303   15.079  8.689   1.00 10.48 ? 34   ASN A CG  1 
ATOM   177  O OD1 . ASN A 1 30 ? 0.121   14.846  8.305   1.00 11.70 ? 34   ASN A OD1 1 
ATOM   178  N ND2 . ASN A 1 30 ? 2.377   14.539  8.120   1.00 11.08 ? 34   ASN A ND2 1 
ATOM   179  N N   . PRO A 1 31 ? 2.127   19.732  10.035  1.00 13.83 ? 35   PRO A N   1 
ATOM   180  C CA  . PRO A 1 31 ? 2.620   20.754  10.969  1.00 15.29 ? 35   PRO A CA  1 
ATOM   181  C C   . PRO A 1 31 ? 1.805   20.795  12.249  1.00 15.14 ? 35   PRO A C   1 
ATOM   182  O O   . PRO A 1 31 ? 0.580   20.612  12.233  1.00 16.07 ? 35   PRO A O   1 
ATOM   183  C CB  . PRO A 1 31 ? 2.487   22.053  10.163  1.00 15.27 ? 35   PRO A CB  1 
ATOM   184  C CG  . PRO A 1 31 ? 1.557   21.772  9.107   1.00 16.49 ? 35   PRO A CG  1 
ATOM   185  C CD  . PRO A 1 31 ? 1.677   20.307  8.762   1.00 14.21 ? 35   PRO A CD  1 
ATOM   186  N N   . GLY A 1 32 ? 2.513   20.988  13.353  1.00 16.81 ? 36   GLY A N   1 
ATOM   187  C CA  . GLY A 1 32 ? 1.877   21.096  14.659  1.00 17.18 ? 36   GLY A CA  1 
ATOM   188  C C   . GLY A 1 32 ? 1.468   19.782  15.302  1.00 17.00 ? 36   GLY A C   1 
ATOM   189  O O   . GLY A 1 32 ? 1.322   19.732  16.525  1.00 19.65 ? 36   GLY A O   1 
ATOM   190  N N   . LYS A 1 33 ? 1.349   18.700  14.533  1.00 15.21 ? 37   LYS A N   1 
ATOM   191  C CA  . LYS A 1 33 ? 0.896   17.438  15.118  1.00 14.75 ? 37   LYS A CA  1 
ATOM   192  C C   . LYS A 1 33 ? 2.003   16.745  15.857  1.00 12.58 ? 37   LYS A C   1 
ATOM   193  O O   . LYS A 1 33 ? 3.129   16.741  15.385  1.00 12.76 ? 37   LYS A O   1 
ATOM   194  C CB  . LYS A 1 33 ? 0.368   16.492  14.008  1.00 14.80 ? 37   LYS A CB  1 
ATOM   195  C CG  . LYS A 1 33 ? -0.962  16.909  13.426  1.00 21.10 ? 37   LYS A CG  1 
ATOM   196  C CD  . LYS A 1 33 ? -1.403  15.914  12.360  1.00 24.70 ? 37   LYS A CD  1 
ATOM   197  C CE  . LYS A 1 33 ? -2.688  15.126  12.657  1.00 25.90 ? 37   LYS A CE  1 
ATOM   198  N NZ  . LYS A 1 33 ? -3.327  15.305  13.995  1.00 30.51 ? 37   LYS A NZ  1 
ATOM   199  N N   . GLU A 1 34 ? 1.709   16.151  17.005  1.00 11.87 ? 38   GLU A N   1 
ATOM   200  C CA  . GLU A 1 34 ? 2.681   15.290  17.662  1.00 11.05 ? 38   GLU A CA  1 
ATOM   201  C C   . GLU A 1 34 ? 3.019   14.083  16.773  1.00 11.82 ? 38   GLU A C   1 
ATOM   202  O O   . GLU A 1 34 ? 2.142   13.421  16.252  1.00 11.43 ? 38   GLU A O   1 
ATOM   203  C CB  . GLU A 1 34 ? 2.166   14.844  19.016  1.00 13.09 ? 38   GLU A CB  1 
ATOM   204  C CG  . GLU A 1 34 ? 3.046   13.897  19.793  1.00 13.92 ? 38   GLU A CG  1 
ATOM   205  C CD  . GLU A 1 34 ? 2.408   13.673  21.151  1.00 20.44 ? 38   GLU A CD  1 
ATOM   206  O OE1 . GLU A 1 34 ? 1.590   12.748  21.282  1.00 28.31 ? 38   GLU A OE1 1 
ATOM   207  O OE2 . GLU A 1 34 ? 2.643   14.483  22.051  1.00 26.07 ? 38   GLU A OE2 1 
ATOM   208  N N   . ILE A 1 35 ? 4.310   13.850  16.574  1.00 10.82 ? 39   ILE A N   1 
ATOM   209  C CA  . ILE A 1 35 ? 4.783   12.699  15.806  1.00 10.67 ? 39   ILE A CA  1 
ATOM   210  C C   . ILE A 1 35 ? 5.508   11.785  16.772  1.00 9.82  ? 39   ILE A C   1 
ATOM   211  O O   . ILE A 1 35 ? 6.452   12.219  17.447  1.00 9.90  ? 39   ILE A O   1 
ATOM   212  C CB  . ILE A 1 35 ? 5.746   13.145  14.693  1.00 10.75 ? 39   ILE A CB  1 
ATOM   213  C CG1 . ILE A 1 35 ? 5.137   14.189  13.718  1.00 14.45 ? 39   ILE A CG1 1 
ATOM   214  C CG2 . ILE A 1 35 ? 6.258   11.936  13.922  1.00 11.90 ? 39   ILE A CG2 1 
ATOM   215  C CD1 . ILE A 1 35 ? 3.830   13.823  13.117  1.00 14.22 ? 39   ILE A CD1 1 
ATOM   216  N N   . THR A 1 36 ? 5.132   10.518  16.826  1.00 8.92  ? 40   THR A N   1 
ATOM   217  C CA  . THR A 1 36 ? 5.812   9.547   17.684  1.00 9.82  ? 40   THR A CA  1 
ATOM   218  C C   . THR A 1 36 ? 6.550   8.540   16.810  1.00 10.21 ? 40   THR A C   1 
ATOM   219  O O   . THR A 1 36 ? 5.994   8.032   15.838  1.00 10.76 ? 40   THR A O   1 
ATOM   220  C CB  . THR A 1 36 ? 4.808   8.841   18.616  1.00 11.78 ? 40   THR A CB  1 
ATOM   221  O OG1 . THR A 1 36 ? 4.129   9.824   19.428  1.00 13.57 ? 40   THR A OG1 1 
ATOM   222  C CG2 . THR A 1 36 ? 5.495   7.934   19.579  1.00 13.38 ? 40   THR A CG2 1 
ATOM   223  N N   . VAL A 1 37 ? 7.797   8.253   17.154  1.00 8.89  ? 41   VAL A N   1 
ATOM   224  C CA  . VAL A 1 37 ? 8.608   7.284   16.445  1.00 9.89  ? 41   VAL A CA  1 
ATOM   225  C C   . VAL A 1 37 ? 8.993   6.196   17.423  1.00 10.44 ? 41   VAL A C   1 
ATOM   226  O O   . VAL A 1 37 ? 9.436   6.491   18.525  1.00 11.45 ? 41   VAL A O   1 
ATOM   227  C CB  . VAL A 1 37 ? 9.878   7.945   15.871  1.00 8.53  ? 41   VAL A CB  1 
ATOM   228  C CG1 . VAL A 1 37 ? 10.805  6.902   15.228  1.00 10.77 ? 41   VAL A CG1 1 
ATOM   229  C CG2 . VAL A 1 37 ? 9.519   9.036   14.885  1.00 8.58  ? 41   VAL A CG2 1 
ATOM   230  N N   . GLU A 1 38 ? 8.799   4.933   17.040  1.00 10.40 ? 42   GLU A N   1 
ATOM   231  C CA  . GLU A 1 38 ? 9.253   3.812   17.876  1.00 10.47 ? 42   GLU A CA  1 
ATOM   232  C C   . GLU A 1 38 ? 10.335  3.150   17.088  1.00 11.78 ? 42   GLU A C   1 
ATOM   233  O O   . GLU A 1 38 ? 10.070  2.526   16.048  1.00 11.78 ? 42   GLU A O   1 
ATOM   234  C CB  . GLU A 1 38 ? 8.147   2.856   18.215  1.00 11.30 ? 42   GLU A CB  1 
ATOM   235  C CG  . GLU A 1 38 ? 7.077   3.370   19.163  1.00 16.82 ? 42   GLU A CG  1 
ATOM   236  C CD  . GLU A 1 38 ? 5.899   2.408   19.187  1.00 23.30 ? 42   GLU A CD  1 
ATOM   237  O OE1 . GLU A 1 38 ? 6.139   1.200   19.428  1.00 25.28 ? 42   GLU A OE1 1 
ATOM   238  O OE2 . GLU A 1 38 ? 4.762   2.854   18.910  1.00 32.91 ? 42   GLU A OE2 1 
ATOM   239  N N   . ASP A 1 39 ? 11.560  3.383   17.506  1.00 11.84 ? 43   ASP A N   1 
ATOM   240  C CA  . ASP A 1 39 ? 12.718  2.953   16.759  1.00 13.75 ? 43   ASP A CA  1 
ATOM   241  C C   . ASP A 1 39 ? 13.096  1.557   17.167  1.00 14.24 ? 43   ASP A C   1 
ATOM   242  O O   . ASP A 1 39 ? 13.530  1.322   18.321  1.00 15.96 ? 43   ASP A O   1 
ATOM   243  C CB  . ASP A 1 39 ? 13.892  3.860   16.974  1.00 14.36 ? 43   ASP A CB  1 
ATOM   244  C CG  . ASP A 1 39 ? 15.028  3.510   16.058  1.00 20.91 ? 43   ASP A CG  1 
ATOM   245  O OD1 . ASP A 1 39 ? 16.052  2.965   16.535  1.00 27.97 ? 43   ASP A OD1 1 
ATOM   246  O OD2 . ASP A 1 39 ? 14.934  3.702   14.829  1.00 24.92 ? 43   ASP A OD2 1 
ATOM   247  N N   . ARG A 1 40 ? 12.971  0.668   16.187  1.00 13.79 ? 44   ARG A N   1 
ATOM   248  C CA  . ARG A 1 40 ? 13.358  -0.716  16.299  1.00 15.03 ? 44   ARG A CA  1 
ATOM   249  C C   . ARG A 1 40 ? 13.905  -1.111  14.939  1.00 13.14 ? 44   ARG A C   1 
ATOM   250  O O   . ARG A 1 40 ? 13.375  -0.705  13.910  1.00 11.72 ? 44   ARG A O   1 
ATOM   251  C CB  . ARG A 1 40 ? 12.162  -1.549  16.729  1.00 15.50 ? 44   ARG A CB  1 
ATOM   252  C CG  . ARG A 1 40 ? 12.554  -2.943  17.163  1.00 19.61 ? 44   ARG A CG  1 
ATOM   253  C CD  . ARG A 1 40 ? 12.280  -3.868  16.103  1.00 18.89 ? 44   ARG A CD  1 
ATOM   254  N NE  . ARG A 1 40 ? 12.572  -5.228  16.562  1.00 22.02 ? 44   ARG A NE  1 
ATOM   255  C CZ  . ARG A 1 40 ? 13.708  -5.874  16.372  1.00 24.85 ? 44   ARG A CZ  1 
ATOM   256  N NH1 . ARG A 1 40 ? 13.826  -7.121  16.822  1.00 21.67 ? 44   ARG A NH1 1 
ATOM   257  N NH2 . ARG A 1 40 ? 14.721  -5.307  15.720  1.00 24.82 ? 44   ARG A NH2 1 
ATOM   258  N N   . ARG A 1 41 ? 15.040  -1.797  14.928  1.00 13.16 ? 45   ARG A N   1 
ATOM   259  C CA  . ARG A 1 41 ? 15.719  -2.131  13.663  1.00 13.26 ? 45   ARG A CA  1 
ATOM   260  C C   . ARG A 1 41 ? 14.792  -2.766  12.638  1.00 12.43 ? 45   ARG A C   1 
ATOM   261  O O   . ARG A 1 41 ? 14.118  -3.765  12.928  1.00 11.83 ? 45   ARG A O   1 
ATOM   262  C CB  . ARG A 1 41 ? 16.960  -3.019  13.902  1.00 14.44 ? 45   ARG A CB  1 
ATOM   263  C CG  . ARG A 1 41 ? 17.787  -3.321  12.648  1.00 16.71 ? 45   ARG A CG  1 
ATOM   264  C CD  . ARG A 1 41 ? 18.787  -4.476  12.855  1.00 18.87 ? 45   ARG A CD  1 
ATOM   265  N NE  . ARG A 1 41 ? 18.115  -5.784  12.839  1.00 19.96 ? 45   ARG A NE  1 
ATOM   266  C CZ  . ARG A 1 41 ? 17.718  -6.433  11.737  1.00 20.01 ? 45   ARG A CZ  1 
ATOM   267  N NH1 . ARG A 1 41 ? 17.104  -7.605  11.854  1.00 21.72 ? 45   ARG A NH1 1 
ATOM   268  N NH2 . ARG A 1 41 ? 17.890  -5.931  10.535  1.00 18.98 ? 45   ARG A NH2 1 
ATOM   269  N N   . ALA A 1 42 ? 14.760  -2.176  11.447  1.00 11.26 ? 46   ALA A N   1 
ATOM   270  C CA  . ALA A 1 42 ? 13.971  -2.630  10.299  1.00 11.92 ? 46   ALA A CA  1 
ATOM   271  C C   . ALA A 1 42 ? 12.440  -2.658  10.556  1.00 10.38 ? 46   ALA A C   1 
ATOM   272  O O   . ALA A 1 42 ? 11.676  -3.338  9.867   1.00 11.02 ? 46   ALA A O   1 
ATOM   273  C CB  . ALA A 1 42 ? 14.495  -4.043  9.862   1.00 12.84 ? 46   ALA A CB  1 
ATOM   274  N N   . TYR A 1 43 ? 11.986  -1.905  11.549  1.00 9.66  ? 47   TYR A N   1 
ATOM   275  C CA  . TYR A 1 43 ? 10.579  -1.900  11.890  1.00 9.00  ? 47   TYR A CA  1 
ATOM   276  C C   . TYR A 1 43 ? 10.292  -0.626  12.671  1.00 9.63  ? 47   TYR A C   1 
ATOM   277  O O   . TYR A 1 43 ? 9.959   -0.674  13.869  1.00 10.91 ? 47   TYR A O   1 
ATOM   278  C CB  . TYR A 1 43 ? 10.204  -3.126  12.717  1.00 8.37  ? 47   TYR A CB  1 
ATOM   279  C CG  . TYR A 1 43 ? 8.736   -3.466  12.669  1.00 8.11  ? 47   TYR A CG  1 
ATOM   280  C CD1 . TYR A 1 43 ? 8.167   -4.051  11.555  1.00 9.25  ? 47   TYR A CD1 1 
ATOM   281  C CD2 . TYR A 1 43 ? 7.903   -3.186  13.739  1.00 7.50  ? 47   TYR A CD2 1 
ATOM   282  C CE1 . TYR A 1 43 ? 6.820   -4.359  11.524  1.00 8.31  ? 47   TYR A CE1 1 
ATOM   283  C CE2 . TYR A 1 43 ? 6.581   -3.516  13.727  1.00 7.20  ? 47   TYR A CE2 1 
ATOM   284  C CZ  . TYR A 1 43 ? 6.024   -4.091  12.610  1.00 9.26  ? 47   TYR A CZ  1 
ATOM   285  O OH  . TYR A 1 43 ? 4.682   -4.414  12.584  1.00 11.53 ? 47   TYR A OH  1 
ATOM   286  N N   . VAL A 1 44 ? 10.454  0.496   11.983  1.00 8.41  ? 48   VAL A N   1 
ATOM   287  C CA  . VAL A 1 44 ? 10.304  1.792   12.610  1.00 8.57  ? 48   VAL A CA  1 
ATOM   288  C C   . VAL A 1 44 ? 8.899   2.341   12.437  1.00 8.03  ? 48   VAL A C   1 
ATOM   289  O O   . VAL A 1 44 ? 8.483   2.673   11.310  1.00 8.91  ? 48   VAL A O   1 
ATOM   290  C CB  . VAL A 1 44 ? 11.358  2.791   12.082  1.00 8.39  ? 48   VAL A CB  1 
ATOM   291  C CG1 . VAL A 1 44 ? 11.176  4.163   12.762  1.00 10.09 ? 48   VAL A CG1 1 
ATOM   292  C CG2 . VAL A 1 44 ? 12.781  2.250   12.314  1.00 10.74 ? 48   VAL A CG2 1 
ATOM   293  N N   . ARG A 1 45 ? 8.165   2.426   13.549  1.00 8.51  ? 49   ARG A N   1 
ATOM   294  C CA  . ARG A 1 45 ? 6.807   2.940   13.537  1.00 9.37  ? 49   ARG A CA  1 
ATOM   295  C C   . ARG A 1 45 ? 6.839   4.457   13.616  1.00 10.29 ? 49   ARG A C   1 
ATOM   296  O O   . ARG A 1 45 ? 7.569   5.001   14.427  1.00 9.71  ? 49   ARG A O   1 
ATOM   297  C CB  . ARG A 1 45 ? 5.994   2.407   14.715  1.00 10.05 ? 49   ARG A CB  1 
ATOM   298  C CG  . ARG A 1 45 ? 5.823   0.935   14.799  1.00 13.18 ? 49   ARG A CG  1 
ATOM   299  C CD  . ARG A 1 45 ? 5.103   0.531   16.093  1.00 20.45 ? 49   ARG A CD  1 
ATOM   300  N NE  . ARG A 1 45 ? 4.793   -0.892  16.145  1.00 21.17 ? 49   ARG A NE  1 
ATOM   301  C CZ  . ARG A 1 45 ? 4.902   -1.676  17.218  1.00 26.51 ? 49   ARG A CZ  1 
ATOM   302  N NH1 . ARG A 1 45 ? 5.287   -1.196  18.406  1.00 29.73 ? 49   ARG A NH1 1 
ATOM   303  N NH2 . ARG A 1 45 ? 4.569   -2.948  17.128  1.00 23.12 ? 49   ARG A NH2 1 
ATOM   304  N N   . ILE A 1 46 ? 6.112   5.130   12.732  1.00 9.33  ? 50   ILE A N   1 
ATOM   305  C CA  . ILE A 1 46 ? 5.995   6.586   12.716  1.00 9.41  ? 50   ILE A CA  1 
ATOM   306  C C   . ILE A 1 46 ? 4.490   6.891   12.753  1.00 9.57  ? 50   ILE A C   1 
ATOM   307  O O   . ILE A 1 46 ? 3.747   6.390   11.909  1.00 10.83 ? 50   ILE A O   1 
ATOM   308  C CB  . ILE A 1 46 ? 6.655   7.181   11.457  1.00 9.73  ? 50   ILE A CB  1 
ATOM   309  C CG1 . ILE A 1 46 ? 8.138   6.812   11.410  1.00 11.38 ? 50   ILE A CG1 1 
ATOM   310  C CG2 . ILE A 1 46 ? 6.482   8.725   11.443  1.00 10.44 ? 50   ILE A CG2 1 
ATOM   311  C CD1 . ILE A 1 46 ? 8.751   6.882   10.050  1.00 13.84 ? 50   ILE A CD1 1 
ATOM   312  N N   . ALA A 1 47 ? 4.026   7.649   13.738  1.00 8.58  ? 51   ALA A N   1 
ATOM   313  C CA  . ALA A 1 47 ? 2.587   7.779   13.944  1.00 9.22  ? 51   ALA A CA  1 
ATOM   314  C C   . ALA A 1 47 ? 2.182   9.173   14.395  1.00 10.85 ? 51   ALA A C   1 
ATOM   315  O O   . ALA A 1 47 ? 2.950   9.890   15.025  1.00 10.62 ? 51   ALA A O   1 
ATOM   316  C CB  . ALA A 1 47 ? 2.116   6.784   14.913  1.00 10.47 ? 51   ALA A CB  1 
ATOM   317  N N   . ALA A 1 48 ? 0.955   9.518   14.055  1.00 10.41 ? 52   ALA A N   1 
ATOM   318  C CA  . ALA A 1 48 ? 0.300   10.731  14.524  1.00 10.66 ? 52   ALA A CA  1 
ATOM   319  C C   . ALA A 1 48 ? -1.159  10.384  14.765  1.00 11.14 ? 52   ALA A C   1 
ATOM   320  O O   . ALA A 1 48 ? -1.678  9.410   14.233  1.00 11.06 ? 52   ALA A O   1 
ATOM   321  C CB  . ALA A 1 48 ? 0.420   11.803  13.522  1.00 11.26 ? 52   ALA A CB  1 
ATOM   322  N N   . GLU A 1 49 ? -1.844  11.202  15.557  1.00 11.33 ? 53   GLU A N   1 
ATOM   323  C CA  . GLU A 1 49 ? -3.261  10.987  15.809  1.00 12.56 ? 53   GLU A CA  1 
ATOM   324  C C   . GLU A 1 49 ? -4.136  11.375  14.618  1.00 11.16 ? 53   GLU A C   1 
ATOM   325  O O   . GLU A 1 49 ? -3.991  12.446  14.035  1.00 10.52 ? 53   GLU A O   1 
ATOM   326  C CB  . GLU A 1 49 ? -3.688  11.812  17.011  1.00 13.70 ? 53   GLU A CB  1 
ATOM   327  C CG  . GLU A 1 49 ? -3.867  11.003  18.250  1.00 22.82 ? 53   GLU A CG  1 
ATOM   328  C CD  . GLU A 1 49 ? -4.602  11.770  19.335  1.00 29.29 ? 53   GLU A CD  1 
ATOM   329  O OE1 . GLU A 1 49 ? -5.787  12.170  19.127  1.00 35.68 ? 53   GLU A OE1 1 
ATOM   330  O OE2 . GLU A 1 49 ? -3.973  11.957  20.397  1.00 38.16 ? 53   GLU A OE2 1 
ATOM   331  N N   . GLY A 1 50 ? -5.052  10.480  14.248  1.00 11.28 ? 54   GLY A N   1 
ATOM   332  C CA  . GLY A 1 50 ? -6.070  10.800  13.262  1.00 10.89 ? 54   GLY A CA  1 
ATOM   333  C C   . GLY A 1 50 ? -5.680  10.707  11.794  1.00 12.01 ? 54   GLY A C   1 
ATOM   334  O O   . GLY A 1 50 ? -6.371  10.067  10.981  1.00 11.07 ? 54   GLY A O   1 
ATOM   335  N N   . GLU A 1 51 ? -4.607  11.391  11.431  1.00 11.79 ? 55   GLU A N   1 
ATOM   336  C CA  . GLU A 1 51 ? -4.168  11.444  10.040  1.00 12.43 ? 55   GLU A CA  1 
ATOM   337  C C   . GLU A 1 51 ? -2.694  11.742  9.991   1.00 11.81 ? 55   GLU A C   1 
ATOM   338  O O   . GLU A 1 51 ? -2.187  12.497  10.816  1.00 12.15 ? 55   GLU A O   1 
ATOM   339  C CB  . GLU A 1 51 ? -4.927  12.570  9.356   1.00 13.50 ? 55   GLU A CB  1 
ATOM   340  C CG  . GLU A 1 51 ? -4.554  12.891  7.949   1.00 17.20 ? 55   GLU A CG  1 
ATOM   341  C CD  . GLU A 1 51 ? -5.405  14.037  7.425   1.00 21.39 ? 55   GLU A CD  1 
ATOM   342  O OE1 . GLU A 1 51 ? -5.150  15.206  7.796   1.00 26.95 ? 55   GLU A OE1 1 
ATOM   343  O OE2 . GLU A 1 51 ? -6.308  13.769  6.650   1.00 23.94 ? 55   GLU A OE2 1 
ATOM   344  N N   . LEU A 1 52 ? -2.022  11.137  9.035   1.00 9.65  ? 56   LEU A N   1 
ATOM   345  C CA  . LEU A 1 52 ? -0.632  11.425  8.748   1.00 9.07  ? 56   LEU A CA  1 
ATOM   346  C C   . LEU A 1 52 ? -0.469  11.382  7.234   1.00 9.96  ? 56   LEU A C   1 
ATOM   347  O O   . LEU A 1 52 ? -0.672  10.349  6.618   1.00 10.96 ? 56   LEU A O   1 
ATOM   348  C CB  . LEU A 1 52 ? 0.262   10.420  9.444   1.00 9.07  ? 56   LEU A CB  1 
ATOM   349  C CG  . LEU A 1 52 ? 1.760   10.751  9.470   1.00 10.31 ? 56   LEU A CG  1 
ATOM   350  C CD1 . LEU A 1 52 ? 2.489   9.948   10.589  1.00 12.75 ? 56   LEU A CD1 1 
ATOM   351  C CD2 . LEU A 1 52 ? 2.410   10.500  8.207   1.00 13.59 ? 56   LEU A CD2 1 
ATOM   352  N N   . ILE A 1 53 ? -0.154  12.536  6.642   1.00 8.94  ? 57   ILE A N   1 
ATOM   353  C CA  . ILE A 1 53 ? 0.095   12.643  5.207   1.00 10.47 ? 57   ILE A CA  1 
ATOM   354  C C   . ILE A 1 53 ? 1.596   12.624  4.918   1.00 9.28  ? 57   ILE A C   1 
ATOM   355  O O   . ILE A 1 53 ? 2.397   13.248  5.645   1.00 9.74  ? 57   ILE A O   1 
ATOM   356  C CB  . ILE A 1 53 ? -0.521  13.965  4.678   1.00 11.66 ? 57   ILE A CB  1 
ATOM   357  C CG1 . ILE A 1 53 ? -2.036  13.920  4.839   1.00 16.11 ? 57   ILE A CG1 1 
ATOM   358  C CG2 . ILE A 1 53 ? -0.121  14.199  3.213   1.00 12.17 ? 57   ILE A CG2 1 
ATOM   359  C CD1 . ILE A 1 53 ? -2.749  15.279  4.526   1.00 20.63 ? 57   ILE A CD1 1 
ATOM   360  N N   . LEU A 1 54 ? 1.987   11.934  3.847   1.00 8.45  ? 58   LEU A N   1 
ATOM   361  C CA  . LEU A 1 54 ? 3.317   12.025  3.289   1.00 7.74  ? 58   LEU A CA  1 
ATOM   362  C C   . LEU A 1 54 ? 3.203   12.371  1.839   1.00 9.31  ? 58   LEU A C   1 
ATOM   363  O O   . LEU A 1 54 ? 2.662   11.582  1.039   1.00 9.79  ? 58   LEU A O   1 
ATOM   364  C CB  . LEU A 1 54 ? 4.140   10.746  3.433   1.00 8.44  ? 58   LEU A CB  1 
ATOM   365  C CG  . LEU A 1 54 ? 4.206   10.122  4.815   1.00 7.40  ? 58   LEU A CG  1 
ATOM   366  C CD1 . LEU A 1 54 ? 4.770   8.735   4.726   1.00 9.34  ? 58   LEU A CD1 1 
ATOM   367  C CD2 . LEU A 1 54 ? 5.074   11.014  5.718   1.00 10.20 ? 58   LEU A CD2 1 
ATOM   368  N N   . THR A 1 55 ? 3.700   13.548  1.474   1.00 8.38  ? 59   THR A N   1 
ATOM   369  C CA  . THR A 1 55 ? 3.662   13.924  0.045   1.00 9.46  ? 59   THR A CA  1 
ATOM   370  C C   . THR A 1 55 ? 4.906   13.495  -0.715  1.00 8.93  ? 59   THR A C   1 
ATOM   371  O O   . THR A 1 55 ? 6.030   13.483  -0.207  1.00 9.11  ? 59   THR A O   1 
ATOM   372  C CB  . THR A 1 55 ? 3.393   15.441  -0.168  1.00 9.16  ? 59   THR A CB  1 
ATOM   373  O OG1 . THR A 1 55 ? 4.520   16.216  0.284   1.00 11.75 ? 59   THR A OG1 1 
ATOM   374  C CG2 . THR A 1 55 ? 2.168   15.965  0.575   1.00 10.83 ? 59   THR A CG2 1 
ATOM   375  N N   . ARG A 1 56 ? 4.733   13.163  -1.994  1.00 9.52  ? 60   ARG A N   1 
ATOM   376  C CA  . ARG A 1 56 ? 5.844   12.830  -2.869  1.00 10.59 ? 60   ARG A CA  1 
ATOM   377  C C   . ARG A 1 56 ? 6.855   13.986  -2.978  1.00 10.80 ? 60   ARG A C   1 
ATOM   378  O O   . ARG A 1 56 ? 8.039   13.768  -2.901  1.00 12.49 ? 60   ARG A O   1 
ATOM   379  C CB  . ARG A 1 56 ? 5.338   12.523  -4.269  1.00 11.20 ? 60   ARG A CB  1 
ATOM   380  C CG  . ARG A 1 56 ? 6.367   11.834  -5.179  1.00 12.87 ? 60   ARG A CG  1 
ATOM   381  C CD  . ARG A 1 56 ? 6.017   11.964  -6.648  1.00 13.45 ? 60   ARG A CD  1 
ATOM   382  N NE  . ARG A 1 56 ? 6.055   13.365  -7.036  1.00 15.59 ? 60   ARG A NE  1 
ATOM   383  C CZ  . ARG A 1 56 ? 7.184   14.011  -7.292  1.00 16.93 ? 60   ARG A CZ  1 
ATOM   384  N NH1 . ARG A 1 56 ? 8.342   13.399  -7.191  1.00 19.02 ? 60   ARG A NH1 1 
ATOM   385  N NH2 . ARG A 1 56 ? 7.152   15.298  -7.635  1.00 23.27 ? 60   ARG A NH2 1 
ATOM   386  N N   . LYS A 1 57 ? 6.335   15.198  -3.113  1.00 12.29 ? 61   LYS A N   1 
ATOM   387  C CA  . LYS A 1 57 ? 7.183   16.415  -3.236  1.00 14.08 ? 61   LYS A CA  1 
ATOM   388  C C   . LYS A 1 57 ? 8.108   16.570  -2.032  1.00 12.68 ? 61   LYS A C   1 
ATOM   389  O O   . LYS A 1 57 ? 9.339   16.715  -2.184  1.00 13.73 ? 61   LYS A O   1 
ATOM   390  C CB  . LYS A 1 57 ? 6.286   17.648  -3.428  1.00 15.24 ? 61   LYS A CB  1 
ATOM   391  C CG  . LYS A 1 57 ? 5.756   17.811  -4.846  1.00 21.12 ? 61   LYS A CG  1 
ATOM   392  C CD  . LYS A 1 57 ? 4.940   19.125  -5.013  1.00 26.66 ? 61   LYS A CD  1 
ATOM   393  C CE  . LYS A 1 57 ? 4.319   19.262  -6.411  1.00 29.47 ? 61   LYS A CE  1 
ATOM   394  N NZ  . LYS A 1 57 ? 4.108   17.946  -7.128  1.00 35.00 ? 61   LYS A NZ  1 
ATOM   395  N N   . THR A 1 58 ? 7.558   16.421  -0.832  1.00 11.75 ? 62   THR A N   1 
ATOM   396  C CA  . THR A 1 58 ? 8.380   16.544  0.365   1.00 11.47 ? 62   THR A CA  1 
ATOM   397  C C   . THR A 1 58 ? 9.381   15.419  0.521   1.00 11.51 ? 62   THR A C   1 
ATOM   398  O O   . THR A 1 58 ? 10.551  15.632  0.857   1.00 12.08 ? 62   THR A O   1 
ATOM   399  C CB  . THR A 1 58 ? 7.477   16.725  1.625   1.00 11.06 ? 62   THR A CB  1 
ATOM   400  O OG1 . THR A 1 58 ? 6.677   17.898  1.496   1.00 11.37 ? 62   THR A OG1 1 
ATOM   401  C CG2 . THR A 1 58 ? 8.290   16.912  2.874   1.00 11.87 ? 62   THR A CG2 1 
ATOM   402  N N   . LEU A 1 59 ? 8.956   14.182  0.226   1.00 11.51 ? 63   LEU A N   1 
ATOM   403  C CA  . LEU A 1 59 ? 9.863   13.044  0.307   1.00 13.36 ? 63   LEU A CA  1 
ATOM   404  C C   . LEU A 1 59 ? 11.037  13.188  -0.655  1.00 13.56 ? 63   LEU A C   1 
ATOM   405  O O   . LEU A 1 59 ? 12.172  12.905  -0.311  1.00 14.60 ? 63   LEU A O   1 
ATOM   406  C CB  . LEU A 1 59 ? 9.094   11.764  0.006   1.00 13.38 ? 63   LEU A CB  1 
ATOM   407  C CG  . LEU A 1 59 ? 8.200   11.260  1.136   1.00 16.99 ? 63   LEU A CG  1 
ATOM   408  C CD1 . LEU A 1 59 ? 7.063   10.373  0.571   1.00 15.83 ? 63   LEU A CD1 1 
ATOM   409  C CD2 . LEU A 1 59 ? 9.077   10.457  2.076   1.00 20.51 ? 63   LEU A CD2 1 
ATOM   410  N N   . GLU A 1 60 ? 10.743  13.662  -1.847  1.00 15.43 ? 64   GLU A N   1 
ATOM   411  C CA  . GLU A 1 60 ? 11.757  13.834  -2.878  1.00 16.86 ? 64   GLU A CA  1 
ATOM   412  C C   . GLU A 1 60 ? 12.785  14.851  -2.428  1.00 17.38 ? 64   GLU A C   1 
ATOM   413  O O   . GLU A 1 60 ? 14.000  14.655  -2.598  1.00 18.86 ? 64   GLU A O   1 
ATOM   414  C CB  . GLU A 1 60 ? 11.114  14.331  -4.149  1.00 17.72 ? 64   GLU A CB  1 
ATOM   415  C CG  . GLU A 1 60 ? 12.104  14.536  -5.272  1.00 19.85 ? 64   GLU A CG  1 
ATOM   416  C CD  . GLU A 1 60 ? 11.413  14.614  -6.597  1.00 24.07 ? 64   GLU A CD  1 
ATOM   417  O OE1 . GLU A 1 60 ? 11.342  13.573  -7.261  1.00 27.21 ? 64   GLU A OE1 1 
ATOM   418  O OE2 . GLU A 1 60 ? 10.898  15.692  -6.946  1.00 28.04 ? 64   GLU A OE2 1 
ATOM   419  N N   . GLU A 1 61 ? 12.283  15.918  -1.849  1.00 17.46 ? 65   GLU A N   1 
ATOM   420  C CA  . GLU A 1 61 ? 13.152  16.972  -1.329  1.00 18.31 ? 65   GLU A CA  1 
ATOM   421  C C   . GLU A 1 61 ? 13.992  16.516  -0.168  1.00 18.48 ? 65   GLU A C   1 
ATOM   422  O O   . GLU A 1 61 ? 15.155  16.900  -0.074  1.00 18.84 ? 65   GLU A O   1 
ATOM   423  C CB  . GLU A 1 61 ? 12.331  18.130  -0.895  1.00 18.40 ? 65   GLU A CB  1 
ATOM   424  C CG  . GLU A 1 61 ? 11.729  18.865  -2.065  1.00 21.75 ? 65   GLU A CG  1 
ATOM   425  C CD  . GLU A 1 61 ? 10.692  19.834  -1.624  1.00 23.85 ? 65   GLU A CD  1 
ATOM   426  O OE1 . GLU A 1 61 ? 10.414  19.879  -0.403  1.00 27.13 ? 65   GLU A OE1 1 
ATOM   427  O OE2 . GLU A 1 61 ? 10.152  20.528  -2.495  1.00 26.26 ? 65   GLU A OE2 1 
ATOM   428  N N   . GLN A 1 62 ? 13.429  15.709  0.731   1.00 17.62 ? 66   GLN A N   1 
ATOM   429  C CA  . GLN A 1 62 ? 14.236  15.133  1.808   1.00 16.94 ? 66   GLN A CA  1 
ATOM   430  C C   . GLN A 1 62 ? 15.324  14.196  1.270   1.00 18.11 ? 66   GLN A C   1 
ATOM   431  O O   . GLN A 1 62 ? 16.450  14.185  1.769   1.00 18.52 ? 66   GLN A O   1 
ATOM   432  C CB  . GLN A 1 62 ? 13.367  14.417  2.851   1.00 16.01 ? 66   GLN A CB  1 
ATOM   433  C CG  . GLN A 1 62 ? 12.405  15.340  3.582   1.00 13.77 ? 66   GLN A CG  1 
ATOM   434  C CD  . GLN A 1 62 ? 13.113  16.558  4.133   1.00 13.79 ? 66   GLN A CD  1 
ATOM   435  O OE1 . GLN A 1 62 ? 14.023  16.426  4.951   1.00 14.95 ? 66   GLN A OE1 1 
ATOM   436  N NE2 . GLN A 1 62 ? 12.720  17.717  3.673   1.00 13.54 ? 66   GLN A NE2 1 
ATOM   437  N N   . LEU A 1 63 ? 15.013  13.438  0.223   1.00 18.57 ? 67   LEU A N   1 
ATOM   438  C CA  . LEU A 1 63 ? 15.963  12.479  -0.325  1.00 19.57 ? 67   LEU A CA  1 
ATOM   439  C C   . LEU A 1 63 ? 16.993  13.152  -1.230  1.00 20.54 ? 67   LEU A C   1 
ATOM   440  O O   . LEU A 1 63 ? 18.099  12.630  -1.404  1.00 22.60 ? 67   LEU A O   1 
ATOM   441  C CB  . LEU A 1 63 ? 15.237  11.366  -1.090  1.00 19.56 ? 67   LEU A CB  1 
ATOM   442  C CG  . LEU A 1 63 ? 14.497  10.312  -0.259  1.00 18.32 ? 67   LEU A CG  1 
ATOM   443  C CD1 . LEU A 1 63 ? 13.483  9.555   -1.161  1.00 15.41 ? 67   LEU A CD1 1 
ATOM   444  C CD2 . LEU A 1 63 ? 15.405  9.311   0.410   1.00 19.65 ? 67   LEU A CD2 1 
ATOM   445  N N   . GLY A 1 64 ? 16.602  14.262  -1.836  1.00 21.49 ? 68   GLY A N   1 
ATOM   446  C CA  . GLY A 1 64 ? 17.474  15.067  -2.676  1.00 22.27 ? 68   GLY A CA  1 
ATOM   447  C C   . GLY A 1 64 ? 17.695  14.479  -4.049  1.00 23.17 ? 68   GLY A C   1 
ATOM   448  O O   . GLY A 1 64 ? 18.673  14.791  -4.693  1.00 23.04 ? 68   GLY A O   1 
ATOM   449  N N   . ARG A 1 65 ? 16.794  13.596  -4.473  1.00 22.99 ? 69   ARG A N   1 
ATOM   450  C CA  . ARG A 1 65 ? 16.887  12.901  -5.766  1.00 22.69 ? 69   ARG A CA  1 
ATOM   451  C C   . ARG A 1 65 ? 15.498  12.422  -6.174  1.00 22.53 ? 69   ARG A C   1 
ATOM   452  O O   . ARG A 1 65 ? 14.575  12.421  -5.343  1.00 21.08 ? 69   ARG A O   1 
ATOM   453  C CB  . ARG A 1 65 ? 17.924  11.763  -5.737  1.00 22.97 ? 69   ARG A CB  1 
ATOM   454  C CG  . ARG A 1 65 ? 17.868  10.804  -4.605  1.00 23.67 ? 69   ARG A CG  1 
ATOM   455  C CD  . ARG A 1 65 ? 16.732  9.806   -4.712  1.00 21.57 ? 69   ARG A CD  1 
ATOM   456  N NE  . ARG A 1 65 ? 16.857  8.729   -3.748  1.00 22.49 ? 69   ARG A NE  1 
ATOM   457  C CZ  . ARG A 1 65 ? 15.935  7.763   -3.597  1.00 23.03 ? 69   ARG A CZ  1 
ATOM   458  N NH1 . ARG A 1 65 ? 14.870  7.760   -4.366  1.00 21.76 ? 69   ARG A NH1 1 
ATOM   459  N NH2 . ARG A 1 65 ? 16.084  6.828   -2.675  1.00 23.01 ? 69   ARG A NH2 1 
ATOM   460  N N   . PRO A 1 66 ? 15.303  12.083  -7.443  1.00 21.79 ? 70   PRO A N   1 
ATOM   461  C CA  . PRO A 1 66 ? 13.990  11.653  -7.901  1.00 20.90 ? 70   PRO A CA  1 
ATOM   462  C C   . PRO A 1 66 ? 13.385  10.513  -7.077  1.00 18.05 ? 70   PRO A C   1 
ATOM   463  O O   . PRO A 1 66 ? 14.064  9.546   -6.690  1.00 19.41 ? 70   PRO A O   1 
ATOM   464  C CB  . PRO A 1 66 ? 14.248  11.242  -9.355  1.00 21.19 ? 70   PRO A CB  1 
ATOM   465  C CG  . PRO A 1 66 ? 15.325  12.205  -9.752  1.00 22.04 ? 70   PRO A CG  1 
ATOM   466  C CD  . PRO A 1 66 ? 16.261  12.115  -8.577  1.00 22.73 ? 70   PRO A CD  1 
ATOM   467  N N   . PHE A 1 67 ? 12.099  10.667  -6.839  1.00 17.78 ? 71   PHE A N   1 
ATOM   468  C CA  . PHE A 1 67 ? 11.337  9.747   -5.975  1.00 15.99 ? 71   PHE A CA  1 
ATOM   469  C C   . PHE A 1 67 ? 9.890   9.604   -6.420  1.00 15.29 ? 71   PHE A C   1 
ATOM   470  O O   . PHE A 1 67 ? 9.191   10.580  -6.682  1.00 15.36 ? 71   PHE A O   1 
ATOM   471  C CB  . PHE A 1 67 ? 11.383  10.262  -4.518  1.00 16.59 ? 71   PHE A CB  1 
ATOM   472  C CG  . PHE A 1 67 ? 10.539  9.468   -3.590  1.00 13.96 ? 71   PHE A CG  1 
ATOM   473  C CD1 . PHE A 1 67 ? 11.025  8.331   -2.996  1.00 16.11 ? 71   PHE A CD1 1 
ATOM   474  C CD2 . PHE A 1 67 ? 9.222   9.839   -3.372  1.00 14.76 ? 71   PHE A CD2 1 
ATOM   475  C CE1 . PHE A 1 67 ? 10.193  7.581   -2.160  1.00 14.48 ? 71   PHE A CE1 1 
ATOM   476  C CE2 . PHE A 1 67 ? 8.421   9.096   -2.554  1.00 14.24 ? 71   PHE A CE2 1 
ATOM   477  C CZ  . PHE A 1 67 ? 8.898   7.969   -1.986  1.00 12.77 ? 71   PHE A CZ  1 
ATOM   478  N N   . ASN A 1 68 ? 9.439   8.344   -6.466  1.00 14.56 ? 72   ASN A N   1 
ATOM   479  C CA  . ASN A 1 68 ? 8.094   7.956   -6.814  1.00 14.19 ? 72   ASN A CA  1 
ATOM   480  C C   . ASN A 1 68 ? 7.495   7.240   -5.592  1.00 11.77 ? 72   ASN A C   1 
ATOM   481  O O   . ASN A 1 68 ? 8.214   6.516   -4.910  1.00 11.70 ? 72   ASN A O   1 
ATOM   482  C CB  . ASN A 1 68 ? 8.212   6.955   -7.980  1.00 14.89 ? 72   ASN A CB  1 
ATOM   483  C CG  . ASN A 1 68 ? 6.889   6.506   -8.509  1.00 19.91 ? 72   ASN A CG  1 
ATOM   484  O OD1 . ASN A 1 68 ? 6.190   5.725   -7.846  1.00 22.11 ? 72   ASN A OD1 1 
ATOM   485  N ND2 . ASN A 1 68 ? 6.517   6.984   -9.707  1.00 21.26 ? 72   ASN A ND2 1 
ATOM   486  N N   . MET A 1 69 ? 6.222   7.481   -5.319  1.00 11.47 ? 73   MET A N   1 
ATOM   487  C CA  . MET A 1 69 ? 5.531   6.891   -4.149  1.00 11.23 ? 73   MET A CA  1 
ATOM   488  C C   . MET A 1 69 ? 5.682   5.373   -4.034  1.00 11.06 ? 73   MET A C   1 
ATOM   489  O O   . MET A 1 69 ? 5.635   4.825   -2.937  1.00 10.35 ? 73   MET A O   1 
ATOM   490  C CB  . MET A 1 69 ? 4.027   7.231   -4.153  1.00 11.74 ? 73   MET A CB  1 
ATOM   491  C CG  . MET A 1 69 ? 3.690   8.684   -3.998  1.00 10.89 ? 73   MET A CG  1 
ATOM   492  S SD  . MET A 1 69 ? 4.398   9.436   -2.496  1.00 12.84 ? 73   MET A SD  1 
ATOM   493  C CE  . MET A 1 69 ? 3.678   8.419   -1.192  1.00 13.15 ? 73   MET A CE  1 
ATOM   494  N N   . GLN A 1 70 ? 5.831   4.695   -5.167  1.00 10.88 ? 74   GLN A N   1 
ATOM   495  C CA  . GLN A 1 70 ? 6.076   3.253   -5.142  1.00 11.67 ? 74   GLN A CA  1 
ATOM   496  C C   . GLN A 1 70 ? 7.230   2.854   -4.239  1.00 11.33 ? 74   GLN A C   1 
ATOM   497  O O   . GLN A 1 70 ? 7.176   1.814   -3.617  1.00 11.34 ? 74   GLN A O   1 
ATOM   498  C CB  . GLN A 1 70 ? 6.301   2.750   -6.573  1.00 12.64 ? 74   GLN A CB  1 
ATOM   499  C CG  . GLN A 1 70 ? 6.512   1.262   -6.719  1.00 15.59 ? 74   GLN A CG  1 
ATOM   500  C CD  . GLN A 1 70 ? 7.984   0.790   -6.618  1.00 21.56 ? 74   GLN A CD  1 
ATOM   501  O OE1 . GLN A 1 70 ? 8.249   -0.434  -6.667  1.00 25.67 ? 74   GLN A OE1 1 
ATOM   502  N NE2 . GLN A 1 70 ? 8.930   1.726   -6.486  1.00 18.24 ? 74   GLN A NE2 1 
ATOM   503  N N   . GLU A 1 71 ? 8.282   3.666   -4.172  1.00 10.70 ? 75   GLU A N   1 
ATOM   504  C CA  . GLU A 1 71 ? 9.450   3.348   -3.406  1.00 11.91 ? 75   GLU A CA  1 
ATOM   505  C C   . GLU A 1 71 ? 9.163   3.346   -1.916  1.00 11.06 ? 75   GLU A C   1 
ATOM   506  O O   . GLU A 1 71 ? 9.699   2.493   -1.198  1.00 12.61 ? 75   GLU A O   1 
ATOM   507  C CB  . GLU A 1 71 ? 10.587  4.316   -3.719  1.00 12.98 ? 75   GLU A CB  1 
ATOM   508  C CG  . GLU A 1 71 ? 11.841  3.940   -2.998  1.00 14.54 ? 75   GLU A CG  1 
ATOM   509  C CD  . GLU A 1 71 ? 13.013  4.843   -3.334  1.00 17.81 ? 75   GLU A CD  1 
ATOM   510  O OE1 . GLU A 1 71 ? 12.902  5.658   -4.254  1.00 19.26 ? 75   GLU A OE1 1 
ATOM   511  O OE2 . GLU A 1 71 ? 14.046  4.696   -2.664  1.00 19.55 ? 75   GLU A OE2 1 
ATOM   512  N N   . LEU A 1 72 ? 8.284   4.239   -1.478  1.00 10.54 ? 76   LEU A N   1 
ATOM   513  C CA  . LEU A 1 72 ? 7.872   4.214   -0.063  1.00 10.57 ? 76   LEU A CA  1 
ATOM   514  C C   . LEU A 1 72 ? 7.028   2.949   0.184   1.00 9.78  ? 76   LEU A C   1 
ATOM   515  O O   . LEU A 1 72 ? 7.258   2.189   1.116   1.00 9.65  ? 76   LEU A O   1 
ATOM   516  C CB  . LEU A 1 72 ? 7.021   5.424   0.272   1.00 10.94 ? 76   LEU A CB  1 
ATOM   517  C CG  . LEU A 1 72 ? 6.442   5.456   1.687   1.00 13.74 ? 76   LEU A CG  1 
ATOM   518  C CD1 . LEU A 1 72 ? 7.504   5.272   2.770   1.00 14.85 ? 76   LEU A CD1 1 
ATOM   519  C CD2 . LEU A 1 72 ? 5.696   6.704   1.897   1.00 16.16 ? 76   LEU A CD2 1 
ATOM   520  N N   . GLU A 1 73 ? 6.032   2.764   -0.675  1.00 9.65  ? 77   GLU A N   1 
ATOM   521  C CA  . GLU A 1 73 ? 5.038   1.709   -0.483  1.00 9.50  ? 77   GLU A CA  1 
ATOM   522  C C   . GLU A 1 73 ? 5.630   0.320   -0.455  1.00 10.40 ? 77   GLU A C   1 
ATOM   523  O O   . GLU A 1 73 ? 5.223   -0.515  0.383   1.00 10.86 ? 77   GLU A O   1 
ATOM   524  C CB  . GLU A 1 73 ? 3.940   1.832   -1.538  1.00 8.47  ? 77   GLU A CB  1 
ATOM   525  C CG  . GLU A 1 73 ? 3.121   3.093   -1.331  1.00 9.86  ? 77   GLU A CG  1 
ATOM   526  C CD  . GLU A 1 73 ? 2.467   3.683   -2.568  1.00 10.69 ? 77   GLU A CD  1 
ATOM   527  O OE1 . GLU A 1 73 ? 2.683   3.179   -3.693  1.00 9.84  ? 77   GLU A OE1 1 
ATOM   528  O OE2 . GLU A 1 73 ? 1.697   4.664   -2.391  1.00 10.24 ? 77   GLU A OE2 1 
ATOM   529  N N   . ILE A 1 74 ? 6.611   0.059   -1.328  1.00 11.14 ? 78   ILE A N   1 
ATOM   530  C CA  . ILE A 1 74 ? 7.203   -1.264  -1.379  1.00 12.17 ? 78   ILE A CA  1 
ATOM   531  C C   . ILE A 1 74 ? 8.147   -1.516  -0.177  1.00 12.71 ? 78   ILE A C   1 
ATOM   532  O O   . ILE A 1 74 ? 8.515   -2.649  0.125   1.00 13.03 ? 78   ILE A O   1 
ATOM   533  C CB  . ILE A 1 74 ? 7.895   -1.481  -2.777  1.00 13.23 ? 78   ILE A CB  1 
ATOM   534  C CG1 . ILE A 1 74 ? 7.955   -2.977  -3.108  1.00 18.29 ? 78   ILE A CG1 1 
ATOM   535  C CG2 . ILE A 1 74 ? 9.244   -0.788  -2.817  1.00 15.17 ? 78   ILE A CG2 1 
ATOM   536  C CD1 . ILE A 1 74 ? 7.791   -3.287  -4.548  1.00 20.71 ? 78   ILE A CD1 1 
ATOM   537  N N   . ASN A 1 75 ? 8.480   -0.445  0.544   1.00 11.75 ? 79   ASN A N   1 
ATOM   538  C CA  . ASN A 1 75 ? 9.366   -0.511  1.690   1.00 13.34 ? 79   ASN A CA  1 
ATOM   539  C C   . ASN A 1 75 ? 8.659   -0.304  3.033   1.00 13.29 ? 79   ASN A C   1 
ATOM   540  O O   . ASN A 1 75 ? 9.321   -0.109  4.077   1.00 14.15 ? 79   ASN A O   1 
ATOM   541  C CB  . ASN A 1 75 ? 10.519  0.488   1.486   1.00 14.37 ? 79   ASN A CB  1 
ATOM   542  C CG  . ASN A 1 75 ? 11.525  -0.034  0.478   1.00 15.02 ? 79   ASN A CG  1 
ATOM   543  O OD1 . ASN A 1 75 ? 12.111  -1.111  0.707   1.00 19.21 ? 79   ASN A OD1 1 
ATOM   544  N ND2 . ASN A 1 75 ? 11.702  0.658   -0.638  1.00 14.41 ? 79   ASN A ND2 1 
ATOM   545  N N   . LEU A 1 76 ? 7.329   -0.393  3.006   1.00 12.65 ? 80   LEU A N   1 
ATOM   546  C CA  . LEU A 1 76 ? 6.510   -0.449  4.222   1.00 13.72 ? 80   LEU A CA  1 
ATOM   547  C C   . LEU A 1 76 ? 6.458   -1.879  4.785   1.00 13.95 ? 80   LEU A C   1 
ATOM   548  O O   . LEU A 1 76 ? 6.052   -2.809  4.063   1.00 15.40 ? 80   LEU A O   1 
ATOM   549  C CB  . LEU A 1 76 ? 5.092   -0.056  3.918   1.00 14.18 ? 80   LEU A CB  1 
ATOM   550  C CG  . LEU A 1 76 ? 4.755   1.380   3.551   1.00 15.57 ? 80   LEU A CG  1 
ATOM   551  C CD1 . LEU A 1 76 ? 3.285   1.535   3.249   1.00 17.14 ? 80   LEU A CD1 1 
ATOM   552  C CD2 . LEU A 1 76 ? 5.163   2.304   4.680   1.00 18.66 ? 80   LEU A CD2 1 
ATOM   553  N N   . ALA A 1 77 ? 6.841   -2.062  6.036   1.00 12.13 ? 81   ALA A N   1 
ATOM   554  C CA  . ALA A 1 77 ? 6.675   -3.342  6.719   1.00 12.28 ? 81   ALA A CA  1 
ATOM   555  C C   . ALA A 1 77 ? 5.225   -3.588  7.082   1.00 12.99 ? 81   ALA A C   1 
ATOM   556  O O   . ALA A 1 77 ? 4.752   -4.746  7.056   1.00 13.50 ? 81   ALA A O   1 
ATOM   557  C CB  . ALA A 1 77 ? 7.510   -3.394  7.963   1.00 13.43 ? 81   ALA A CB  1 
ATOM   558  N N   . SER A 1 78 ? 4.531   -2.511  7.445   1.00 10.14 ? 82   SER A N   1 
ATOM   559  C CA  . SER A 1 78 ? 3.116   -2.515  7.739   1.00 9.83  ? 82   SER A CA  1 
ATOM   560  C C   . SER A 1 78 ? 2.733   -1.042  7.902   1.00 8.21  ? 82   SER A C   1 
ATOM   561  O O   . SER A 1 78 ? 3.512   -0.152  7.516   1.00 7.88  ? 82   SER A O   1 
ATOM   562  C CB  . SER A 1 78 ? 2.797   -3.322  9.007   1.00 9.32  ? 82   SER A CB  1 
ATOM   563  O OG  . SER A 1 78 ? 1.398   -3.286  9.291   1.00 10.43 ? 82   SER A OG  1 
ATOM   564  N N   . PHE A 1 79 ? 1.519   -0.786  8.370   1.00 8.62  ? 83   PHE A N   1 
ATOM   565  C CA  . PHE A 1 79 ? 1.065   0.563   8.717   1.00 8.33  ? 83   PHE A CA  1 
ATOM   566  C C   . PHE A 1 79 ? -0.163  0.503   9.613   1.00 8.96  ? 83   PHE A C   1 
ATOM   567  O O   . PHE A 1 79 ? -0.850  -0.518  9.679   1.00 9.12  ? 83   PHE A O   1 
ATOM   568  C CB  . PHE A 1 79 ? 0.784   1.427   7.471   1.00 7.53  ? 83   PHE A CB  1 
ATOM   569  C CG  . PHE A 1 79 ? -0.236  0.862   6.533   1.00 8.04  ? 83   PHE A CG  1 
ATOM   570  C CD1 . PHE A 1 79 ? -1.574  1.163   6.690   1.00 7.25  ? 83   PHE A CD1 1 
ATOM   571  C CD2 . PHE A 1 79 ? 0.149   0.064   5.503   1.00 7.60  ? 83   PHE A CD2 1 
ATOM   572  C CE1 . PHE A 1 79 ? -2.536  0.639   5.812   1.00 9.18  ? 83   PHE A CE1 1 
ATOM   573  C CE2 . PHE A 1 79 ? -0.791  -0.434  4.609   1.00 11.48 ? 83   PHE A CE2 1 
ATOM   574  C CZ  . PHE A 1 79 ? -2.107  -0.121  4.749   1.00 10.21 ? 83   PHE A CZ  1 
ATOM   575  N N   . ALA A 1 80 ? -0.420  1.603   10.316  1.00 8.27  ? 84   ALA A N   1 
ATOM   576  C CA  . ALA A 1 80 ? -1.595  1.764   11.130  1.00 8.94  ? 84   ALA A CA  1 
ATOM   577  C C   . ALA A 1 80 ? -2.540  2.700   10.408  1.00 8.95  ? 84   ALA A C   1 
ATOM   578  O O   . ALA A 1 80 ? -2.093  3.663   9.759   1.00 8.54  ? 84   ALA A O   1 
ATOM   579  C CB  . ALA A 1 80 ? -1.203  2.347   12.487  1.00 9.04  ? 84   ALA A CB  1 
ATOM   580  N N   . GLY A 1 81 ? -3.834  2.418   10.517  1.00 8.75  ? 85   GLY A N   1 
ATOM   581  C CA  . GLY A 1 81 ? -4.865  3.187   9.850   1.00 8.71  ? 85   GLY A CA  1 
ATOM   582  C C   . GLY A 1 81 ? -5.184  2.692   8.448   1.00 8.81  ? 85   GLY A C   1 
ATOM   583  O O   . GLY A 1 81 ? -4.700  1.668   8.021   1.00 8.21  ? 85   GLY A O   1 
ATOM   584  N N   . GLN A 1 82 ? -6.008  3.460   7.758   1.00 8.08  ? 86   GLN A N   1 
ATOM   585  C CA  . GLN A 1 82 ? -6.388  3.190   6.379   1.00 7.64  ? 86   GLN A CA  1 
ATOM   586  C C   . GLN A 1 82 ? -5.541  4.075   5.492   1.00 8.00  ? 86   GLN A C   1 
ATOM   587  O O   . GLN A 1 82 ? -4.993  5.070   5.975   1.00 7.62  ? 86   GLN A O   1 
ATOM   588  C CB  . GLN A 1 82 ? -7.834  3.558   6.142   1.00 6.98  ? 86   GLN A CB  1 
ATOM   589  C CG  . GLN A 1 82 ? -8.804  3.118   7.197   1.00 9.71  ? 86   GLN A CG  1 
ATOM   590  C CD  . GLN A 1 82 ? -8.628  1.692   7.598   1.00 12.34 ? 86   GLN A CD  1 
ATOM   591  O OE1 . GLN A 1 82 ? -8.553  1.378   8.802   1.00 11.75 ? 86   GLN A OE1 1 
ATOM   592  N NE2 . GLN A 1 82 ? -8.630  0.791   6.608   1.00 9.31  ? 86   GLN A NE2 1 
ATOM   593  N N   . ILE A 1 83 ? -5.417  3.699   4.222   1.00 8.44  ? 87   ILE A N   1 
ATOM   594  C CA  . ILE A 1 83 ? -4.698  4.540   3.280   1.00 9.38  ? 87   ILE A CA  1 
ATOM   595  C C   . ILE A 1 83 ? -5.526  5.003   2.100   1.00 9.99  ? 87   ILE A C   1 
ATOM   596  O O   . ILE A 1 83 ? -6.384  4.281   1.557   1.00 9.71  ? 87   ILE A O   1 
ATOM   597  C CB  . ILE A 1 83 ? -3.366  3.940   2.771   1.00 10.48 ? 87   ILE A CB  1 
ATOM   598  C CG1 . ILE A 1 83 ? -3.576  2.586   2.149   1.00 11.41 ? 87   ILE A CG1 1 
ATOM   599  C CG2 . ILE A 1 83 ? -2.288  3.887   3.870   1.00 11.00 ? 87   ILE A CG2 1 
ATOM   600  C CD1 . ILE A 1 83 ? -2.340  2.165   1.320   1.00 13.71 ? 87   ILE A CD1 1 
ATOM   601  N N   . GLN A 1 84 ? -5.278  6.247   1.729   1.00 9.49  ? 88   GLN A N   1 
ATOM   602  C CA  . GLN A 1 84 ? -5.639  6.767   0.403   1.00 10.12 ? 88   GLN A CA  1 
ATOM   603  C C   . GLN A 1 84 ? -4.322  7.169   -0.235  1.00 10.09 ? 88   GLN A C   1 
ATOM   604  O O   . GLN A 1 84 ? -3.531  7.910   0.347   1.00 10.02 ? 88   GLN A O   1 
ATOM   605  C CB  . GLN A 1 84 ? -6.590  7.940   0.508   1.00 11.16 ? 88   GLN A CB  1 
ATOM   606  C CG  . GLN A 1 84 ? -8.027  7.546   0.863   1.00 15.29 ? 88   GLN A CG  1 
ATOM   607  C CD  . GLN A 1 84 ? -8.895  8.710   1.340   1.00 20.35 ? 88   GLN A CD  1 
ATOM   608  O OE1 . GLN A 1 84 ? -8.390  9.801   1.640   1.00 20.36 ? 88   GLN A OE1 1 
ATOM   609  N NE2 . GLN A 1 84 ? -10.216 8.477   1.408   1.00 21.24 ? 88   GLN A NE2 1 
ATOM   610  N N   . ALA A 1 85 ? -4.036  6.666   -1.436  1.00 9.11  ? 89   ALA A N   1 
ATOM   611  C CA  . ALA A 1 85 ? -2.735  6.863   -2.037  1.00 9.94  ? 89   ALA A CA  1 
ATOM   612  C C   . ALA A 1 85 ? -2.884  7.126   -3.522  1.00 11.53 ? 89   ALA A C   1 
ATOM   613  O O   . ALA A 1 85 ? -3.709  6.500   -4.199  1.00 11.07 ? 89   ALA A O   1 
ATOM   614  C CB  . ALA A 1 85 ? -1.848  5.645   -1.826  1.00 10.60 ? 89   ALA A CB  1 
ATOM   615  N N   . ASP A 1 86 ? -2.070  8.037   -4.023  1.00 11.15 ? 90   ASP A N   1 
ATOM   616  C CA  . ASP A 1 86 ? -1.984  8.254   -5.459  1.00 11.30 ? 90   ASP A CA  1 
ATOM   617  C C   . ASP A 1 86 ? -0.552  8.650   -5.816  1.00 11.15 ? 90   ASP A C   1 
ATOM   618  O O   . ASP A 1 86 ? 0.375   8.395   -5.033  1.00 11.57 ? 90   ASP A O   1 
ATOM   619  C CB  . ASP A 1 86 ? -3.060  9.215   -5.927  1.00 11.67 ? 90   ASP A CB  1 
ATOM   620  C CG  . ASP A 1 86 ? -2.911  10.617  -5.365  1.00 16.26 ? 90   ASP A CG  1 
ATOM   621  O OD1 . ASP A 1 86 ? -1.819  10.985  -4.877  1.00 14.06 ? 90   ASP A OD1 1 
ATOM   622  O OD2 . ASP A 1 86 ? -3.856  11.435  -5.376  1.00 21.04 ? 90   ASP A OD2 1 
ATOM   623  N N   . GLU A 1 87 ? -0.340  9.255   -6.988  1.00 11.54 ? 91   GLU A N   1 
ATOM   624  C CA  . GLU A 1 87 ? 1.023   9.467   -7.444  1.00 12.88 ? 91   GLU A CA  1 
ATOM   625  C C   . GLU A 1 87 ? 1.669   10.637  -6.658  1.00 11.80 ? 91   GLU A C   1 
ATOM   626  O O   . GLU A 1 87 ? 2.881   10.748  -6.632  1.00 13.19 ? 91   GLU A O   1 
ATOM   627  C CB  . GLU A 1 87 ? 1.080   9.737   -8.964  1.00 13.64 ? 91   GLU A CB  1 
ATOM   628  C CG  . GLU A 1 87 ? 0.359   10.976  -9.414  1.00 19.34 ? 91   GLU A CG  1 
ATOM   629  C CD  . GLU A 1 87 ? 0.310   11.130  -10.945 1.00 27.60 ? 91   GLU A CD  1 
ATOM   630  O OE1 . GLU A 1 87 ? 1.063   10.406  -11.657 1.00 33.39 ? 91   GLU A OE1 1 
ATOM   631  O OE2 . GLU A 1 87 ? -0.469  11.984  -11.438 1.00 33.84 ? 91   GLU A OE2 1 
ATOM   632  N N   . ASP A 1 88 ? 0.839   11.429  -6.001  1.00 11.76 ? 92   ASP A N   1 
ATOM   633  C CA  . ASP A 1 88 ? 1.280   12.658  -5.319  1.00 12.20 ? 92   ASP A CA  1 
ATOM   634  C C   . ASP A 1 88 ? 1.459   12.527  -3.833  1.00 11.19 ? 92   ASP A C   1 
ATOM   635  O O   . ASP A 1 88 ? 2.178   13.332  -3.239  1.00 10.93 ? 92   ASP A O   1 
ATOM   636  C CB  . ASP A 1 88 ? 0.282   13.782  -5.558  1.00 13.11 ? 92   ASP A CB  1 
ATOM   637  C CG  . ASP A 1 88 ? 0.196   14.179  -7.022  1.00 16.26 ? 92   ASP A CG  1 
ATOM   638  O OD1 . ASP A 1 88 ? 1.225   14.185  -7.720  1.00 18.84 ? 92   ASP A OD1 1 
ATOM   639  O OD2 . ASP A 1 88 ? -0.898  14.450  -7.528  1.00 21.96 ? 92   ASP A OD2 1 
ATOM   640  N N   . GLN A 1 89 ? 0.760   11.593  -3.197  1.00 10.36 ? 93   GLN A N   1 
ATOM   641  C CA  . GLN A 1 89 ? 0.828   11.474  -1.741  1.00 10.83 ? 93   GLN A CA  1 
ATOM   642  C C   . GLN A 1 89 ? 0.211   10.174  -1.236  1.00 10.45 ? 93   GLN A C   1 
ATOM   643  O O   . GLN A 1 89 ? -0.495  9.493   -1.972  1.00 10.27 ? 93   GLN A O   1 
ATOM   644  C CB  . GLN A 1 89 ? 0.096   12.633  -1.059  1.00 10.61 ? 93   GLN A CB  1 
ATOM   645  C CG  . GLN A 1 89 ? -1.416  12.648  -1.211  1.00 13.21 ? 93   GLN A CG  1 
ATOM   646  C CD  . GLN A 1 89 ? -2.056  13.754  -0.395  1.00 17.27 ? 93   GLN A CD  1 
ATOM   647  O OE1 . GLN A 1 89 ? -1.536  14.880  -0.340  1.00 19.06 ? 93   GLN A OE1 1 
ATOM   648  N NE2 . GLN A 1 89 ? -3.131  13.427  0.294   1.00 21.73 ? 93   GLN A NE2 1 
ATOM   649  N N   . ILE A 1 90 ? 0.502   9.854   0.016   1.00 9.52  ? 94   ILE A N   1 
ATOM   650  C CA  . ILE A 1 90 ? -0.226  8.821   0.761   1.00 9.38  ? 94   ILE A CA  1 
ATOM   651  C C   . ILE A 1 90 ? -0.757  9.480   2.033   1.00 9.58  ? 94   ILE A C   1 
ATOM   652  O O   . ILE A 1 90 ? -0.065  10.294  2.668   1.00 9.55  ? 94   ILE A O   1 
ATOM   653  C CB  . ILE A 1 90 ? 0.650   7.593   1.041   1.00 8.46  ? 94   ILE A CB  1 
ATOM   654  C CG1 . ILE A 1 90 ? -0.147  6.442   1.653   1.00 8.15  ? 94   ILE A CG1 1 
ATOM   655  C CG2 . ILE A 1 90 ? 1.869   7.938   1.964   1.00 8.49  ? 94   ILE A CG2 1 
ATOM   656  C CD1 . ILE A 1 90 ? 0.506   5.136   1.495   1.00 9.73  ? 94   ILE A CD1 1 
ATOM   657  N N   . ARG A 1 91 ? -1.999  9.155   2.368   1.00 10.04 ? 95   ARG A N   1 
ATOM   658  C CA  . ARG A 1 91 ? -2.645  9.635   3.573   1.00 10.05 ? 95   ARG A CA  1 
ATOM   659  C C   . ARG A 1 91 ? -3.007  8.407   4.392   1.00 10.70 ? 95   ARG A C   1 
ATOM   660  O O   . ARG A 1 91 ? -3.796  7.590   3.947   1.00 9.64  ? 95   ARG A O   1 
ATOM   661  C CB  . ARG A 1 91 ? -3.922  10.392  3.205   1.00 11.60 ? 95   ARG A CB  1 
ATOM   662  C CG  . ARG A 1 91 ? -4.757  10.931  4.356   1.00 13.68 ? 95   ARG A CG  1 
ATOM   663  C CD  . ARG A 1 91 ? -6.180  11.437  3.906   1.00 18.26 ? 95   ARG A CD  1 
ATOM   664  N NE  . ARG A 1 91 ? -6.999  11.726  5.086   1.00 19.93 ? 95   ARG A NE  1 
ATOM   665  C CZ  . ARG A 1 91 ? -8.273  11.389  5.239   1.00 23.12 ? 95   ARG A CZ  1 
ATOM   666  N NH1 . ARG A 1 91 ? -8.940  10.763  4.284   1.00 22.39 ? 95   ARG A NH1 1 
ATOM   667  N NH2 . ARG A 1 91 ? -8.905  11.721  6.368   1.00 26.60 ? 95   ARG A NH2 1 
ATOM   668  N N   . PHE A 1 92 ? -2.396  8.286   5.561   1.00 8.92  ? 96   PHE A N   1 
ATOM   669  C CA  . PHE A 1 92 ? -2.839  7.366   6.598   1.00 8.76  ? 96   PHE A CA  1 
ATOM   670  C C   . PHE A 1 92 ? -3.905  8.046   7.438   1.00 8.44  ? 96   PHE A C   1 
ATOM   671  O O   . PHE A 1 92 ? -3.746  9.188   7.865   1.00 7.33  ? 96   PHE A O   1 
ATOM   672  C CB  . PHE A 1 92 ? -1.666  6.911   7.477   1.00 8.61  ? 96   PHE A CB  1 
ATOM   673  C CG  . PHE A 1 92 ? -0.532  6.333   6.691   1.00 8.34  ? 96   PHE A CG  1 
ATOM   674  C CD1 . PHE A 1 92 ? 0.470   7.151   6.157   1.00 8.82  ? 96   PHE A CD1 1 
ATOM   675  C CD2 . PHE A 1 92 ? -0.479  4.985   6.431   1.00 6.37  ? 96   PHE A CD2 1 
ATOM   676  C CE1 . PHE A 1 92 ? 1.504   6.602   5.424   1.00 8.38  ? 96   PHE A CE1 1 
ATOM   677  C CE2 . PHE A 1 92 ? 0.521   4.442   5.665   1.00 6.12  ? 96   PHE A CE2 1 
ATOM   678  C CZ  . PHE A 1 92 ? 1.528   5.251   5.151   1.00 7.74  ? 96   PHE A CZ  1 
ATOM   679  N N   . TYR A 1 93 ? -5.008  7.368   7.700   1.00 8.36  ? 97   TYR A N   1 
ATOM   680  C CA  . TYR A 1 93 ? -6.098  8.013   8.488   1.00 8.89  ? 97   TYR A CA  1 
ATOM   681  C C   . TYR A 1 93 ? -6.936  7.000   9.225   1.00 10.75 ? 97   TYR A C   1 
ATOM   682  O O   . TYR A 1 93 ? -7.034  5.842   8.828   1.00 10.46 ? 97   TYR A O   1 
ATOM   683  C CB  . TYR A 1 93 ? -6.980  8.916   7.609   1.00 9.25  ? 97   TYR A CB  1 
ATOM   684  C CG  . TYR A 1 93 ? -7.788  8.127   6.582   1.00 9.56  ? 97   TYR A CG  1 
ATOM   685  C CD1 . TYR A 1 93 ? -9.125  7.824   6.819   1.00 11.55 ? 97   TYR A CD1 1 
ATOM   686  C CD2 . TYR A 1 93 ? -7.207  7.661   5.408   1.00 9.70  ? 97   TYR A CD2 1 
ATOM   687  C CE1 . TYR A 1 93 ? -9.875  7.095   5.900   1.00 11.82 ? 97   TYR A CE1 1 
ATOM   688  C CE2 . TYR A 1 93 ? -7.969  6.963   4.476   1.00 10.06 ? 97   TYR A CE2 1 
ATOM   689  C CZ  . TYR A 1 93 ? -9.277  6.680   4.732   1.00 10.24 ? 97   TYR A CZ  1 
ATOM   690  O OH  . TYR A 1 93 ? -10.048 5.915   3.866   1.00 11.99 ? 97   TYR A OH  1 
ATOM   691  N N   . PHE A 1 94 ? -7.560  7.457   10.311  1.00 11.39 ? 98   PHE A N   1 
ATOM   692  C CA  . PHE A 1 94 ? -8.379  6.624   11.163  1.00 13.95 ? 98   PHE A CA  1 
ATOM   693  C C   . PHE A 1 94 ? -9.824  6.709   10.654  1.00 16.11 ? 98   PHE A C   1 
ATOM   694  O O   . PHE A 1 94 ? -10.328 7.805   10.376  1.00 15.42 ? 98   PHE A O   1 
ATOM   695  C CB  . PHE A 1 94 ? -8.284  7.102   12.612  1.00 12.84 ? 98   PHE A CB  1 
ATOM   696  C CG  . PHE A 1 94 ? -9.190  6.357   13.545  1.00 18.43 ? 98   PHE A CG  1 
ATOM   697  C CD1 . PHE A 1 94 ? -8.857  5.089   13.986  1.00 23.08 ? 98   PHE A CD1 1 
ATOM   698  C CD2 . PHE A 1 94 ? -10.407 6.903   13.929  1.00 23.67 ? 98   PHE A CD2 1 
ATOM   699  C CE1 . PHE A 1 94 ? -9.711  4.389   14.862  1.00 26.34 ? 98   PHE A CE1 1 
ATOM   700  C CE2 . PHE A 1 94 ? -11.262 6.201   14.789  1.00 24.49 ? 98   PHE A CE2 1 
ATOM   701  C CZ  . PHE A 1 94 ? -10.910 4.951   15.239  1.00 25.45 ? 98   PHE A CZ  1 
ATOM   702  N N   . ASP A 1 95 ? -10.448 5.544   10.493  1.00 18.66 ? 99   ASP A N   1 
ATOM   703  C CA  . ASP A 1 95 ? -11.850 5.456   10.064  1.00 21.62 ? 99   ASP A CA  1 
ATOM   704  C C   . ASP A 1 95 ? -12.603 4.667   11.127  1.00 24.66 ? 99   ASP A C   1 
ATOM   705  O O   . ASP A 1 95 ? -12.397 3.465   11.312  1.00 25.09 ? 99   ASP A O   1 
ATOM   706  C CB  . ASP A 1 95 ? -11.990 4.844   8.667   1.00 21.26 ? 99   ASP A CB  1 
ATOM   707  C CG  . ASP A 1 95 ? -13.407 5.002   8.081   1.00 21.98 ? 99   ASP A CG  1 
ATOM   708  O OD1 . ASP A 1 95 ? -14.407 5.012   8.850   1.00 24.64 ? 99   ASP A OD1 1 
ATOM   709  O OD2 . ASP A 1 95 ? -13.622 5.117   6.872   1.00 21.91 ? 99   ASP A OD2 1 
ATOM   710  N N   . LYS A 1 96 ? -13.453 5.422   11.824  1.00 28.87 ? 100  LYS A N   1 
ATOM   711  C CA  . LYS A 1 96 ? -14.177 5.042   13.034  1.00 31.80 ? 100  LYS A CA  1 
ATOM   712  C C   . LYS A 1 96 ? -15.146 3.877   12.790  1.00 33.38 ? 100  LYS A C   1 
ATOM   713  O O   . LYS A 1 96 ? -15.513 3.158   13.726  1.00 33.29 ? 100  LYS A O   1 
ATOM   714  C CB  . LYS A 1 96 ? -14.948 6.295   13.492  1.00 32.65 ? 100  LYS A CB  1 
ATOM   715  C CG  . LYS A 1 96 ? -15.629 6.265   14.845  1.00 35.47 ? 100  LYS A CG  1 
ATOM   716  C CD  . LYS A 1 96 ? -16.051 7.699   15.223  1.00 37.79 ? 100  LYS A CD  1 
ATOM   717  C CE  . LYS A 1 96 ? -16.842 7.772   16.532  1.00 39.30 ? 100  LYS A CE  1 
ATOM   718  N NZ  . LYS A 1 96 ? -17.351 9.154   16.756  1.00 41.09 ? 100  LYS A NZ  1 
ATOM   719  N N   . THR A 1 97 ? -15.514 3.678   11.525  1.00 34.57 ? 101  THR A N   1 
ATOM   720  C CA  . THR A 1 97 ? -16.497 2.654   11.127  1.00 35.51 ? 101  THR A CA  1 
ATOM   721  C C   . THR A 1 97 ? -15.923 1.278   10.807  1.00 36.20 ? 101  THR A C   1 
ATOM   722  O O   . THR A 1 97 ? -16.676 0.336   10.573  1.00 37.33 ? 101  THR A O   1 
ATOM   723  C CB  . THR A 1 97 ? -17.248 3.113   9.896   1.00 35.16 ? 101  THR A CB  1 
ATOM   724  O OG1 . THR A 1 97 ? -16.365 3.067   8.767   1.00 35.54 ? 101  THR A OG1 1 
ATOM   725  C CG2 . THR A 1 97 ? -17.666 4.585   10.004  1.00 34.77 ? 101  THR A CG2 1 
ATOM   726  N N   . MET A 1 98 ? -14.609 1.148   10.755  1.00 36.65 ? 102  MET A N   1 
ATOM   727  C CA  . MET A 1 98 ? -14.015 -0.102  10.291  1.00 36.46 ? 102  MET A CA  1 
ATOM   728  C C   . MET A 1 98 ? -13.399 -0.909  11.425  1.00 37.67 ? 102  MET A C   1 
ATOM   729  O O   . MET A 1 98 ? -13.405 -0.452  12.571  1.00 38.93 ? 102  MET A O   1 
ATOM   730  C CB  . MET A 1 98 ? -12.949 0.174   9.243   1.00 35.22 ? 102  MET A CB  1 
ATOM   731  C CG  . MET A 1 98 ? -13.372 1.091   8.096   1.00 31.19 ? 102  MET A CG  1 
ATOM   732  S SD  . MET A 1 98 ? -12.014 1.330   6.892   1.00 19.24 ? 102  MET A SD  1 
ATOM   733  C CE  . MET A 1 98 ? -11.022 -0.042  7.269   1.00 27.62 ? 102  MET A CE  1 
ATOM   734  O OXT . MET A 1 98 ? -12.874 -2.014  11.199  1.00 38.83 ? 102  MET A OXT 1 
ATOM   735  N N   . ASN B 1 7  ? 5.191   -4.273  -18.295 1.00 26.67 ? 11   ASN B N   1 
ATOM   736  C CA  . ASN B 1 7  ? 3.758   -4.102  -18.614 1.00 24.56 ? 11   ASN B CA  1 
ATOM   737  C C   . ASN B 1 7  ? 2.827   -4.795  -17.598 1.00 21.82 ? 11   ASN B C   1 
ATOM   738  O O   . ASN B 1 7  ? 1.738   -4.313  -17.327 1.00 20.37 ? 11   ASN B O   1 
ATOM   739  C CB  . ASN B 1 7  ? 3.477   -4.671  -20.009 1.00 25.49 ? 11   ASN B CB  1 
ATOM   740  C CG  . ASN B 1 7  ? 2.004   -4.683  -20.345 1.00 28.45 ? 11   ASN B CG  1 
ATOM   741  O OD1 . ASN B 1 7  ? 1.400   -3.659  -20.718 1.00 33.43 ? 11   ASN B OD1 1 
ATOM   742  N ND2 . ASN B 1 7  ? 1.404   -5.855  -20.225 1.00 33.62 ? 11   ASN B ND2 1 
ATOM   743  N N   . ASN B 1 8  ? 3.255   -5.937  -17.084 1.00 20.69 ? 12   ASN B N   1 
ATOM   744  C CA  . ASN B 1 8  ? 2.431   -6.734  -16.173 1.00 18.91 ? 12   ASN B CA  1 
ATOM   745  C C   . ASN B 1 8  ? 2.485   -6.161  -14.759 1.00 17.81 ? 12   ASN B C   1 
ATOM   746  O O   . ASN B 1 8  ? 3.564   -5.851  -14.253 1.00 19.27 ? 12   ASN B O   1 
ATOM   747  C CB  . ASN B 1 8  ? 2.898   -8.175  -16.193 1.00 20.25 ? 12   ASN B CB  1 
ATOM   748  C CG  . ASN B 1 8  ? 2.890   -8.746  -17.604 1.00 22.59 ? 12   ASN B CG  1 
ATOM   749  O OD1 . ASN B 1 8  ? 3.934   -9.144  -18.136 1.00 29.93 ? 12   ASN B OD1 1 
ATOM   750  N ND2 . ASN B 1 8  ? 1.727   -8.710  -18.235 1.00 26.07 ? 12   ASN B ND2 1 
ATOM   751  N N   . VAL B 1 9  ? 1.314   -5.981  -14.160 1.00 13.87 ? 13   VAL B N   1 
ATOM   752  C CA  . VAL B 1 9  ? 1.229   -5.360  -12.827 1.00 12.40 ? 13   VAL B CA  1 
ATOM   753  C C   . VAL B 1 9  ? 0.322   -6.160  -11.927 1.00 11.48 ? 13   VAL B C   1 
ATOM   754  O O   . VAL B 1 9  ? -0.544  -6.895  -12.395 1.00 11.04 ? 13   VAL B O   1 
ATOM   755  C CB  . VAL B 1 9  ? 0.728   -3.920  -12.929 1.00 12.17 ? 13   VAL B CB  1 
ATOM   756  C CG1 . VAL B 1 9  ? 1.761   -3.122  -13.741 1.00 13.42 ? 13   VAL B CG1 1 
ATOM   757  C CG2 . VAL B 1 9  ? -0.672  -3.802  -13.541 1.00 11.60 ? 13   VAL B CG2 1 
ATOM   758  N N   . GLY B 1 10 ? 0.506   -5.978  -10.621 1.00 10.36 ? 14   GLY B N   1 
ATOM   759  C CA  . GLY B 1 10 ? -0.330  -6.645  -9.637  1.00 10.38 ? 14   GLY B CA  1 
ATOM   760  C C   . GLY B 1 10 ? 0.425   -7.178  -8.426  1.00 9.17  ? 14   GLY B C   1 
ATOM   761  O O   . GLY B 1 10 ? 1.624   -7.022  -8.296  1.00 9.92  ? 14   GLY B O   1 
ATOM   762  N N   . PRO B 1 11 ? -0.322  -7.789  -7.515  1.00 10.08 ? 15   PRO B N   1 
ATOM   763  C CA  . PRO B 1 11 ? 0.202   -8.152  -6.186  1.00 10.96 ? 15   PRO B CA  1 
ATOM   764  C C   . PRO B 1 11 ? 0.958   -9.463  -6.140  1.00 11.10 ? 15   PRO B C   1 
ATOM   765  O O   . PRO B 1 11 ? 0.690   -10.364 -6.933  1.00 9.77  ? 15   PRO B O   1 
ATOM   766  C CB  . PRO B 1 11 ? -1.069  -8.273  -5.364  1.00 11.21 ? 15   PRO B CB  1 
ATOM   767  C CG  . PRO B 1 11 ? -2.134  -8.757  -6.360  1.00 11.48 ? 15   PRO B CG  1 
ATOM   768  C CD  . PRO B 1 11 ? -1.742  -8.089  -7.661  1.00 8.37  ? 15   PRO B CD  1 
ATOM   769  N N   . ILE B 1 12 ? 1.863   -9.594  -5.176  1.00 11.02 ? 16   ILE B N   1 
ATOM   770  C CA  . ILE B 1 12 ? 2.475   -10.848 -4.867  1.00 11.75 ? 16   ILE B CA  1 
ATOM   771  C C   . ILE B 1 12 ? 2.085   -11.122 -3.418  1.00 11.67 ? 16   ILE B C   1 
ATOM   772  O O   . ILE B 1 12 ? 2.288   -10.272 -2.566  1.00 10.41 ? 16   ILE B O   1 
ATOM   773  C CB  . ILE B 1 12 ? 3.999   -10.790 -5.008  1.00 12.66 ? 16   ILE B CB  1 
ATOM   774  C CG1 . ILE B 1 12 ? 4.384   -10.625 -6.488  1.00 17.00 ? 16   ILE B CG1 1 
ATOM   775  C CG2 . ILE B 1 12 ? 4.590   -12.014 -4.431  1.00 15.59 ? 16   ILE B CG2 1 
ATOM   776  C CD1 . ILE B 1 12 ? 5.847   -10.956 -6.763  1.00 20.11 ? 16   ILE B CD1 1 
ATOM   777  N N   . ILE B 1 13 ? 1.478   -12.275 -3.178  1.00 10.03 ? 17   ILE B N   1 
ATOM   778  C CA  . ILE B 1 13 ? 0.937   -12.601 -1.862  1.00 11.38 ? 17   ILE B CA  1 
ATOM   779  C C   . ILE B 1 13 ? 1.401   -13.954 -1.362  1.00 10.29 ? 17   ILE B C   1 
ATOM   780  O O   . ILE B 1 13 ? 1.438   -14.941 -2.116  1.00 8.82  ? 17   ILE B O   1 
ATOM   781  C CB  . ILE B 1 13 ? -0.576  -12.563 -1.928  1.00 11.59 ? 17   ILE B CB  1 
ATOM   782  C CG1 . ILE B 1 13 ? -1.059  -11.125 -2.180  1.00 15.57 ? 17   ILE B CG1 1 
ATOM   783  C CG2 . ILE B 1 13 ? -1.218  -13.027 -0.589  1.00 12.58 ? 17   ILE B CG2 1 
ATOM   784  C CD1 . ILE B 1 13 ? -2.321  -11.101 -2.795  1.00 18.43 ? 17   ILE B CD1 1 
ATOM   785  N N   . ARG B 1 14 ? 1.750   -14.024 -0.064  1.00 10.75 ? 18   ARG B N   1 
ATOM   786  C CA  . ARG B 1 14 ? 2.123   -15.309 0.546   1.00 11.96 ? 18   ARG B CA  1 
ATOM   787  C C   . ARG B 1 14 ? 0.992   -16.303 0.499   1.00 11.09 ? 18   ARG B C   1 
ATOM   788  O O   . ARG B 1 14 ? -0.155  -15.941 0.660   1.00 11.28 ? 18   ARG B O   1 
ATOM   789  C CB  . ARG B 1 14 ? 2.548   -15.071 1.999   1.00 12.51 ? 18   ARG B CB  1 
ATOM   790  C CG  . ARG B 1 14 ? 3.046   -16.278 2.747   1.00 18.95 ? 18   ARG B CG  1 
ATOM   791  C CD  . ARG B 1 14 ? 3.379   -15.961 4.204   1.00 27.25 ? 18   ARG B CD  1 
ATOM   792  N NE  . ARG B 1 14 ? 4.807   -15.740 4.406   1.00 34.88 ? 18   ARG B NE  1 
ATOM   793  C CZ  . ARG B 1 14 ? 5.716   -16.714 4.478   1.00 38.97 ? 18   ARG B CZ  1 
ATOM   794  N NH1 . ARG B 1 14 ? 5.361   -17.994 4.352   1.00 42.13 ? 18   ARG B NH1 1 
ATOM   795  N NH2 . ARG B 1 14 ? 6.985   -16.414 4.665   1.00 41.64 ? 18   ARG B NH2 1 
ATOM   796  N N   . ALA B 1 15 ? 1.322   -17.579 0.311   1.00 10.68 ? 19   ALA B N   1 
ATOM   797  C CA  . ALA B 1 15 ? 0.330   -18.642 0.385   1.00 12.12 ? 19   ALA B CA  1 
ATOM   798  C C   . ALA B 1 15 ? -0.528  -18.485 1.629   1.00 12.93 ? 19   ALA B C   1 
ATOM   799  O O   . ALA B 1 15 ? -0.029  -18.211 2.730   1.00 13.11 ? 19   ALA B O   1 
ATOM   800  C CB  . ALA B 1 15 ? 1.005   -20.010 0.379   1.00 12.73 ? 19   ALA B CB  1 
ATOM   801  N N   . GLY B 1 16 ? -1.824  -18.636 1.451   1.00 13.62 ? 20   GLY B N   1 
ATOM   802  C CA  . GLY B 1 16 ? -2.728  -18.500 2.549   1.00 14.36 ? 20   GLY B CA  1 
ATOM   803  C C   . GLY B 1 16 ? -4.094  -18.071 2.104   1.00 14.42 ? 20   GLY B C   1 
ATOM   804  O O   . GLY B 1 16 ? -4.457  -18.180 0.931   1.00 13.54 ? 20   GLY B O   1 
ATOM   805  N N   . ASP B 1 17 ? -4.859  -17.601 3.061   1.00 15.44 ? 21   ASP B N   1 
ATOM   806  C CA  . ASP B 1 17 ? -6.297  -17.513 2.831   1.00 16.09 ? 21   ASP B CA  1 
ATOM   807  C C   . ASP B 1 17 ? -6.688  -16.289 1.999   1.00 14.54 ? 21   ASP B C   1 
ATOM   808  O O   . ASP B 1 17 ? -7.828  -16.212 1.554   1.00 15.67 ? 21   ASP B O   1 
ATOM   809  C CB  . ASP B 1 17 ? -7.087  -17.628 4.150   1.00 18.00 ? 21   ASP B CB  1 
ATOM   810  C CG  . ASP B 1 17 ? -7.210  -19.112 4.662   1.00 22.83 ? 21   ASP B CG  1 
ATOM   811  O OD1 . ASP B 1 17 ? -6.520  -20.038 4.198   1.00 24.22 ? 21   ASP B OD1 1 
ATOM   812  O OD2 . ASP B 1 17 ? -8.007  -19.429 5.552   1.00 30.20 ? 21   ASP B OD2 1 
ATOM   813  N N   . LEU B 1 18 ? -5.770  -15.349 1.752   1.00 11.66 ? 22   LEU B N   1 
ATOM   814  C CA  . LEU B 1 18 ? -6.054  -14.255 0.826   1.00 11.76 ? 22   LEU B CA  1 
ATOM   815  C C   . LEU B 1 18 ? -5.831  -14.625 -0.657  1.00 10.04 ? 22   LEU B C   1 
ATOM   816  O O   . LEU B 1 18 ? -6.251  -13.886 -1.521  1.00 10.18 ? 22   LEU B O   1 
ATOM   817  C CB  . LEU B 1 18 ? -5.202  -13.003 1.150   1.00 12.92 ? 22   LEU B CB  1 
ATOM   818  C CG  . LEU B 1 18 ? -5.458  -12.257 2.460   1.00 16.13 ? 22   LEU B CG  1 
ATOM   819  C CD1 . LEU B 1 18 ? -4.566  -11.015 2.515   1.00 19.74 ? 22   LEU B CD1 1 
ATOM   820  C CD2 . LEU B 1 18 ? -6.891  -11.846 2.637   1.00 21.04 ? 22   LEU B CD2 1 
ATOM   821  N N   . VAL B 1 19 ? -5.112  -15.694 -0.952  1.00 9.39  ? 23   VAL B N   1 
ATOM   822  C CA  . VAL B 1 19 ? -4.681  -15.918 -2.342  1.00 9.95  ? 23   VAL B CA  1 
ATOM   823  C C   . VAL B 1 19 ? -5.875  -16.175 -3.280  1.00 9.36  ? 23   VAL B C   1 
ATOM   824  O O   . VAL B 1 19 ? -6.061  -15.474 -4.270  1.00 8.97  ? 23   VAL B O   1 
ATOM   825  C CB  . VAL B 1 19 ? -3.673  -17.079 -2.432  1.00 9.76  ? 23   VAL B CB  1 
ATOM   826  C CG1 . VAL B 1 19 ? -3.436  -17.479 -3.911  1.00 11.92 ? 23   VAL B CG1 1 
ATOM   827  C CG2 . VAL B 1 19 ? -2.364  -16.704 -1.750  1.00 11.16 ? 23   VAL B CG2 1 
ATOM   828  N N   . GLU B 1 20 ? -6.722  -17.129 -2.947  1.00 9.88  ? 24   GLU B N   1 
ATOM   829  C CA  . GLU B 1 20 ? -7.873  -17.408 -3.820  1.00 9.76  ? 24   GLU B CA  1 
ATOM   830  C C   . GLU B 1 20 ? -8.839  -16.223 -3.907  1.00 8.62  ? 24   GLU B C   1 
ATOM   831  O O   . GLU B 1 20 ? -9.300  -15.929 -5.008  1.00 8.05  ? 24   GLU B O   1 
ATOM   832  C CB  . GLU B 1 20 ? -8.599  -18.690 -3.430  1.00 10.65 ? 24   GLU B CB  1 
ATOM   833  C CG  . GLU B 1 20 ? -9.737  -19.054 -4.358  1.00 16.90 ? 24   GLU B CG  1 
ATOM   834  C CD  . GLU B 1 20 ? -9.306  -19.508 -5.737  1.00 21.26 ? 24   GLU B CD  1 
ATOM   835  O OE1 . GLU B 1 20 ? -8.090  -19.745 -5.975  1.00 22.97 ? 24   GLU B OE1 1 
ATOM   836  O OE2 . GLU B 1 20 ? -10.228 -19.633 -6.597  1.00 26.62 ? 24   GLU B OE2 1 
ATOM   837  N N   . PRO B 1 21 ? -9.180  -15.546 -2.799  1.00 8.97  ? 25   PRO B N   1 
ATOM   838  C CA  . PRO B 1 21 ? -9.941  -14.299 -2.932  1.00 8.84  ? 25   PRO B CA  1 
ATOM   839  C C   . PRO B 1 21 ? -9.337  -13.271 -3.883  1.00 9.11  ? 25   PRO B C   1 
ATOM   840  O O   . PRO B 1 21 ? -10.065 -12.651 -4.660  1.00 9.24  ? 25   PRO B O   1 
ATOM   841  C CB  . PRO B 1 21 ? -9.996  -13.758 -1.503  1.00 10.26 ? 25   PRO B CB  1 
ATOM   842  C CG  . PRO B 1 21 ? -9.980  -14.988 -0.668  1.00 10.49 ? 25   PRO B CG  1 
ATOM   843  C CD  . PRO B 1 21 ? -9.061  -15.947 -1.373  1.00 8.88  ? 25   PRO B CD  1 
ATOM   844  N N   . VAL B 1 22 ? -8.023  -13.092 -3.842  1.00 8.06  ? 26   VAL B N   1 
ATOM   845  C CA  . VAL B 1 22 ? -7.388  -12.143 -4.759  1.00 8.09  ? 26   VAL B CA  1 
ATOM   846  C C   . VAL B 1 22 ? -7.421  -12.622 -6.205  1.00 8.09  ? 26   VAL B C   1 
ATOM   847  O O   . VAL B 1 22 ? -7.670  -11.829 -7.099  1.00 8.32  ? 26   VAL B O   1 
ATOM   848  C CB  . VAL B 1 22 ? -5.979  -11.775 -4.298  1.00 8.48  ? 26   VAL B CB  1 
ATOM   849  C CG1 . VAL B 1 22 ? -5.240  -10.990 -5.341  1.00 10.36 ? 26   VAL B CG1 1 
ATOM   850  C CG2 . VAL B 1 22 ? -6.086  -10.977 -3.030  1.00 9.92  ? 26   VAL B CG2 1 
ATOM   851  N N   . ILE B 1 23 ? -7.193  -13.905 -6.433  1.00 8.51  ? 27   ILE B N   1 
ATOM   852  C CA  . ILE B 1 23 ? -7.258  -14.434 -7.778  1.00 8.68  ? 27   ILE B CA  1 
ATOM   853  C C   . ILE B 1 23 ? -8.642  -14.233 -8.342  1.00 8.15  ? 27   ILE B C   1 
ATOM   854  O O   . ILE B 1 23 ? -8.799  -13.747 -9.454  1.00 7.84  ? 27   ILE B O   1 
ATOM   855  C CB  . ILE B 1 23 ? -6.893  -15.920 -7.847  1.00 9.04  ? 27   ILE B CB  1 
ATOM   856  C CG1 . ILE B 1 23 ? -5.421  -16.140 -7.511  1.00 8.29  ? 27   ILE B CG1 1 
ATOM   857  C CG2 . ILE B 1 23 ? -7.200  -16.464 -9.254  1.00 10.74 ? 27   ILE B CG2 1 
ATOM   858  C CD1 . ILE B 1 23 ? -5.089  -17.618 -7.194  1.00 9.14  ? 27   ILE B CD1 1 
ATOM   859  N N   . GLU B 1 24 ? -9.659  -14.587 -7.562  1.00 8.83  ? 28   GLU B N   1 
ATOM   860  C CA  . GLU B 1 24 ? -11.025 -14.479 -8.052  1.00 9.39  ? 28   GLU B CA  1 
ATOM   861  C C   . GLU B 1 24 ? -11.416 -13.028 -8.265  1.00 9.01  ? 28   GLU B C   1 
ATOM   862  O O   . GLU B 1 24 ? -12.063 -12.679 -9.254  1.00 8.38  ? 28   GLU B O   1 
ATOM   863  C CB  . GLU B 1 24 ? -11.987 -15.156 -7.078  1.00 9.99  ? 28   GLU B CB  1 
ATOM   864  C CG  . GLU B 1 24 ? -11.838 -16.669 -7.088  1.00 14.14 ? 28   GLU B CG  1 
ATOM   865  C CD  . GLU B 1 24 ? -12.231 -17.294 -8.435  1.00 21.07 ? 28   GLU B CD  1 
ATOM   866  O OE1 . GLU B 1 24 ? -13.067 -16.724 -9.193  1.00 25.72 ? 28   GLU B OE1 1 
ATOM   867  O OE2 . GLU B 1 24 ? -11.685 -18.369 -8.751  1.00 30.68 ? 28   GLU B OE2 1 
ATOM   868  N N   . THR B 1 25 ? -11.014 -12.169 -7.326  1.00 8.01  ? 29   THR B N   1 
ATOM   869  C CA  . THR B 1 25 ? -11.265 -10.744 -7.477  1.00 7.58  ? 29   THR B CA  1 
ATOM   870  C C   . THR B 1 25 ? -10.592 -10.165 -8.745  1.00 6.89  ? 29   THR B C   1 
ATOM   871  O O   . THR B 1 25 ? -11.189 -9.353  -9.460  1.00 7.55  ? 29   THR B O   1 
ATOM   872  C CB  . THR B 1 25 ? -10.824 -10.002 -6.220  1.00 6.80  ? 29   THR B CB  1 
ATOM   873  O OG1 . THR B 1 25 ? -11.656 -10.419 -5.105  1.00 8.28  ? 29   THR B OG1 1 
ATOM   874  C CG2 . THR B 1 25 ? -11.014 -8.485  -6.353  1.00 8.15  ? 29   THR B CG2 1 
ATOM   875  N N   . ALA B 1 26 ? -9.351  -10.575 -9.012  1.00 7.27  ? 30   ALA B N   1 
ATOM   876  C CA  . ALA B 1 26 ? -8.650  -10.114 -10.200 1.00 7.76  ? 30   ALA B CA  1 
ATOM   877  C C   . ALA B 1 26 ? -9.464  -10.512 -11.447 1.00 7.64  ? 30   ALA B C   1 
ATOM   878  O O   . ALA B 1 26 ? -9.675  -9.687  -12.321 1.00 9.03  ? 30   ALA B O   1 
ATOM   879  C CB  . ALA B 1 26 ? -7.251  -10.661 -10.237 1.00 7.49  ? 30   ALA B CB  1 
ATOM   880  N N   . GLU B 1 27 ? -9.956  -11.745 -11.495 1.00 9.32  ? 31   GLU B N   1 
ATOM   881  C CA  . GLU B 1 27 ? -10.713 -12.236 -12.651 1.00 9.82  ? 31   GLU B CA  1 
ATOM   882  C C   . GLU B 1 27 ? -12.051 -11.469 -12.757 1.00 9.69  ? 31   GLU B C   1 
ATOM   883  O O   . GLU B 1 27 ? -12.406 -10.970 -13.847 1.00 11.70 ? 31   GLU B O   1 
ATOM   884  C CB  . GLU B 1 27 ? -10.873 -13.769 -12.576 1.00 10.68 ? 31   GLU B CB  1 
ATOM   885  C CG  . GLU B 1 27 ? -9.521  -14.463 -12.667 1.00 13.55 ? 31   GLU B CG  1 
ATOM   886  C CD  . GLU B 1 27 ? -9.458  -15.951 -12.334 1.00 16.76 ? 31   GLU B CD  1 
ATOM   887  O OE1 . GLU B 1 27 ? -10.436 -16.534 -11.896 1.00 19.39 ? 31   GLU B OE1 1 
ATOM   888  O OE2 . GLU B 1 27 ? -8.329  -16.503 -12.459 1.00 20.52 ? 31   GLU B OE2 1 
ATOM   889  N N   . ILE B 1 28 ? -12.758 -11.343 -11.630 1.00 9.69  ? 32   ILE B N   1 
ATOM   890  C CA  . ILE B 1 28 ? -14.081 -10.704 -11.579 1.00 9.72  ? 32   ILE B CA  1 
ATOM   891  C C   . ILE B 1 28 ? -14.032 -9.236  -11.913 1.00 9.32  ? 32   ILE B C   1 
ATOM   892  O O   . ILE B 1 28 ? -14.827 -8.736  -12.709 1.00 9.85  ? 32   ILE B O   1 
ATOM   893  C CB  . ILE B 1 28 ? -14.759 -10.916 -10.201 1.00 9.64  ? 32   ILE B CB  1 
ATOM   894  C CG1 . ILE B 1 28 ? -15.113 -12.381 -9.998  1.00 9.73  ? 32   ILE B CG1 1 
ATOM   895  C CG2 . ILE B 1 28 ? -16.004 -10.040 -10.080 1.00 9.77  ? 32   ILE B CG2 1 
ATOM   896  C CD1 . ILE B 1 28 ? -15.393 -12.749 -8.579  1.00 8.55  ? 32   ILE B CD1 1 
ATOM   897  N N   . ASP B 1 29 ? -13.102 -8.517  -11.300 1.00 9.07  ? 33   ASP B N   1 
ATOM   898  C CA  . ASP B 1 29 ? -13.097 -7.055  -11.378 1.00 8.58  ? 33   ASP B CA  1 
ATOM   899  C C   . ASP B 1 29 ? -12.360 -6.510  -12.579 1.00 9.24  ? 33   ASP B C   1 
ATOM   900  O O   . ASP B 1 29 ? -12.272 -5.274  -12.737 1.00 10.07 ? 33   ASP B O   1 
ATOM   901  C CB  . ASP B 1 29 ? -12.509 -6.453  -10.108 1.00 9.17  ? 33   ASP B CB  1 
ATOM   902  C CG  . ASP B 1 29 ? -13.433 -6.527  -8.903  1.00 9.32  ? 33   ASP B CG  1 
ATOM   903  O OD1 . ASP B 1 29 ? -14.638 -6.944  -8.991  1.00 10.23 ? 33   ASP B OD1 1 
ATOM   904  O OD2 . ASP B 1 29 ? -12.954 -6.193  -7.775  1.00 8.44  ? 33   ASP B OD2 1 
ATOM   905  N N   . ASN B 1 30 ? -11.827 -7.390  -13.433 1.00 9.79  ? 34   ASN B N   1 
ATOM   906  C CA  . ASN B 1 30 ? -11.141 -6.991  -14.659 1.00 10.63 ? 34   ASN B CA  1 
ATOM   907  C C   . ASN B 1 30 ? -11.696 -7.782  -15.850 1.00 13.16 ? 34   ASN B C   1 
ATOM   908  O O   . ASN B 1 30 ? -10.963 -8.539  -16.456 1.00 12.34 ? 34   ASN B O   1 
ATOM   909  C CB  . ASN B 1 30 ? -9.643  -7.190  -14.500 1.00 9.92  ? 34   ASN B CB  1 
ATOM   910  C CG  . ASN B 1 30 ? -9.065  -6.371  -13.354 1.00 11.02 ? 34   ASN B CG  1 
ATOM   911  O OD1 . ASN B 1 30 ? -8.688  -5.182  -13.510 1.00 11.40 ? 34   ASN B OD1 1 
ATOM   912  N ND2 . ASN B 1 30 ? -9.051  -6.985  -12.154 1.00 8.85  ? 34   ASN B ND2 1 
ATOM   913  N N   . PRO B 1 31 ? -12.982 -7.608  -16.160 1.00 14.95 ? 35   PRO B N   1 
ATOM   914  C CA  . PRO B 1 31 ? -13.573 -8.326  -17.293 1.00 16.80 ? 35   PRO B CA  1 
ATOM   915  C C   . PRO B 1 31 ? -12.847 -8.018  -18.604 1.00 18.38 ? 35   PRO B C   1 
ATOM   916  O O   . PRO B 1 31 ? -12.417 -6.898  -18.843 1.00 18.48 ? 35   PRO B O   1 
ATOM   917  C CB  . PRO B 1 31 ? -15.009 -7.818  -17.341 1.00 17.15 ? 35   PRO B CB  1 
ATOM   918  C CG  . PRO B 1 31 ? -15.039 -6.595  -16.563 1.00 17.45 ? 35   PRO B CG  1 
ATOM   919  C CD  . PRO B 1 31 ? -13.972 -6.714  -15.531 1.00 15.53 ? 35   PRO B CD  1 
ATOM   920  N N   . GLY B 1 32 ? -12.719 -9.040  -19.425 1.00 20.94 ? 36   GLY B N   1 
ATOM   921  C CA  . GLY B 1 32 ? -12.116 -8.853  -20.735 1.00 22.54 ? 36   GLY B CA  1 
ATOM   922  C C   . GLY B 1 32 ? -10.622 -8.583  -20.644 1.00 23.36 ? 36   GLY B C   1 
ATOM   923  O O   . GLY B 1 32 ? -10.028 -7.956  -21.534 1.00 25.38 ? 36   GLY B O   1 
ATOM   924  N N   . LYS B 1 33 ? -10.018 -9.050  -19.542 1.00 21.60 ? 37   LYS B N   1 
ATOM   925  C CA  . LYS B 1 33 ? -8.580  -9.022  -19.367 1.00 20.41 ? 37   LYS B CA  1 
ATOM   926  C C   . LYS B 1 33 ? -8.112  -10.388 -18.889 1.00 18.04 ? 37   LYS B C   1 
ATOM   927  O O   . LYS B 1 33 ? -8.711  -10.978 -17.979 1.00 17.84 ? 37   LYS B O   1 
ATOM   928  C CB  . LYS B 1 33 ? -8.161  -7.984  -18.362 1.00 20.53 ? 37   LYS B CB  1 
ATOM   929  C CG  . LYS B 1 33 ? -8.167  -6.548  -18.884 1.00 25.41 ? 37   LYS B CG  1 
ATOM   930  C CD  . LYS B 1 33 ? -7.218  -5.692  -18.068 1.00 29.40 ? 37   LYS B CD  1 
ATOM   931  C CE  . LYS B 1 33 ? -6.124  -5.094  -18.923 1.00 31.25 ? 37   LYS B CE  1 
ATOM   932  N NZ  . LYS B 1 33 ? -5.254  -6.171  -19.444 1.00 34.14 ? 37   LYS B NZ  1 
ATOM   933  N N   . GLU B 1 34 ? -7.029  -10.883 -19.487 1.00 15.75 ? 38   GLU B N   1 
ATOM   934  C CA  . GLU B 1 34 ? -6.432  -12.142 -19.061 1.00 15.01 ? 38   GLU B CA  1 
ATOM   935  C C   . GLU B 1 34 ? -5.667  -11.918 -17.745 1.00 13.27 ? 38   GLU B C   1 
ATOM   936  O O   . GLU B 1 34 ? -4.923  -10.949 -17.636 1.00 14.34 ? 38   GLU B O   1 
ATOM   937  C CB  . GLU B 1 34 ? -5.477  -12.660 -20.129 1.00 15.90 ? 38   GLU B CB  1 
ATOM   938  C CG  . GLU B 1 34 ? -6.186  -12.927 -21.468 1.00 23.15 ? 38   GLU B CG  1 
ATOM   939  C CD  . GLU B 1 34 ? -5.261  -13.260 -22.641 1.00 29.30 ? 38   GLU B CD  1 
ATOM   940  O OE1 . GLU B 1 34 ? -4.040  -13.472 -22.420 1.00 36.03 ? 38   GLU B OE1 1 
ATOM   941  O OE2 . GLU B 1 34 ? -5.765  -13.322 -23.805 1.00 31.83 ? 38   GLU B OE2 1 
ATOM   942  N N   . ILE B 1 35 ? -5.871  -12.802 -16.770 1.00 11.73 ? 39   ILE B N   1 
ATOM   943  C CA  . ILE B 1 35 ? -5.132  -12.760 -15.490 1.00 10.30 ? 39   ILE B CA  1 
ATOM   944  C C   . ILE B 1 35 ? -4.118  -13.883 -15.448 1.00 10.86 ? 39   ILE B C   1 
ATOM   945  O O   . ILE B 1 35 ? -4.440  -15.038 -15.704 1.00 10.21 ? 39   ILE B O   1 
ATOM   946  C CB  . ILE B 1 35 ? -6.142  -12.927 -14.311 1.00 9.73  ? 39   ILE B CB  1 
ATOM   947  C CG1 . ILE B 1 35 ? -7.205  -11.819 -14.385 1.00 8.88  ? 39   ILE B CG1 1 
ATOM   948  C CG2 . ILE B 1 35 ? -5.423  -12.907 -12.989 1.00 10.84 ? 39   ILE B CG2 1 
ATOM   949  C CD1 . ILE B 1 35 ? -6.722  -10.432 -14.443 1.00 10.88 ? 39   ILE B CD1 1 
ATOM   950  N N   . THR B 1 36 ? -2.871  -13.553 -15.136 1.00 9.00  ? 40   THR B N   1 
ATOM   951  C CA  . THR B 1 36 ? -1.842  -14.549 -14.940 1.00 10.43 ? 40   THR B CA  1 
ATOM   952  C C   . THR B 1 36 ? -1.624  -14.807 -13.484 1.00 10.61 ? 40   THR B C   1 
ATOM   953  O O   . THR B 1 36 ? -1.525  -13.870 -12.673 1.00 10.18 ? 40   THR B O   1 
ATOM   954  C CB  . THR B 1 36 ? -0.524  -14.069 -15.602 1.00 11.54 ? 40   THR B CB  1 
ATOM   955  O OG1 . THR B 1 36 ? -0.773  -13.924 -17.016 1.00 15.40 ? 40   THR B OG1 1 
ATOM   956  C CG2 . THR B 1 36 ? 0.565   -15.112 -15.471 1.00 14.06 ? 40   THR B CG2 1 
ATOM   957  N N   . VAL B 1 37 ? -1.625  -16.073 -13.128 1.00 9.28  ? 41   VAL B N   1 
ATOM   958  C CA  . VAL B 1 37 ? -1.395  -16.471 -11.765 1.00 10.41 ? 41   VAL B CA  1 
ATOM   959  C C   . VAL B 1 37 ? -0.167  -17.340 -11.728 1.00 10.80 ? 41   VAL B C   1 
ATOM   960  O O   . VAL B 1 37 ? -0.160  -18.438 -12.278 1.00 11.79 ? 41   VAL B O   1 
ATOM   961  C CB  . VAL B 1 37 ? -2.582  -17.235 -11.182 1.00 10.07 ? 41   VAL B CB  1 
ATOM   962  C CG1 . VAL B 1 37 ? -2.285  -17.589 -9.728  1.00 11.25 ? 41   VAL B CG1 1 
ATOM   963  C CG2 . VAL B 1 37 ? -3.827  -16.399 -11.297 1.00 11.14 ? 41   VAL B CG2 1 
ATOM   964  N N   . GLU B 1 38 ? 0.893   -16.856 -11.093 1.00 10.02 ? 42   GLU B N   1 
ATOM   965  C CA  . GLU B 1 38 ? 2.110   -17.617 -11.004 1.00 10.92 ? 42   GLU B CA  1 
ATOM   966  C C   . GLU B 1 38 ? 2.273   -18.143 -9.590  1.00 10.52 ? 42   GLU B C   1 
ATOM   967  O O   . GLU B 1 38 ? 2.576   -17.381 -8.650  1.00 10.95 ? 42   GLU B O   1 
ATOM   968  C CB  . GLU B 1 38 ? 3.251   -16.737 -11.422 1.00 11.77 ? 42   GLU B CB  1 
ATOM   969  C CG  . GLU B 1 38 ? 4.614   -17.338 -11.323 1.00 15.93 ? 42   GLU B CG  1 
ATOM   970  C CD  . GLU B 1 38 ? 5.641   -16.297 -11.649 1.00 21.46 ? 42   GLU B CD  1 
ATOM   971  O OE1 . GLU B 1 38 ? 5.893   -15.463 -10.765 1.00 27.26 ? 42   GLU B OE1 1 
ATOM   972  O OE2 . GLU B 1 38 ? 6.129   -16.278 -12.783 1.00 23.36 ? 42   GLU B OE2 1 
ATOM   973  N N   . ASP B 1 39 ? 2.074   -19.450 -9.440  1.00 10.02 ? 43   ASP B N   1 
ATOM   974  C CA  . ASP B 1 39 ? 2.135   -20.090 -8.136  1.00 10.46 ? 43   ASP B CA  1 
ATOM   975  C C   . ASP B 1 39 ? 3.530   -20.620 -7.903  1.00 11.33 ? 43   ASP B C   1 
ATOM   976  O O   . ASP B 1 39 ? 3.904   -21.668 -8.443  1.00 10.47 ? 43   ASP B O   1 
ATOM   977  C CB  . ASP B 1 39 ? 1.137   -21.219 -8.023  1.00 11.07 ? 43   ASP B CB  1 
ATOM   978  C CG  . ASP B 1 39 ? 1.057   -21.792 -6.639  1.00 14.65 ? 43   ASP B CG  1 
ATOM   979  O OD1 . ASP B 1 39 ? 1.846   -21.391 -5.756  1.00 12.22 ? 43   ASP B OD1 1 
ATOM   980  O OD2 . ASP B 1 39 ? 0.235   -22.700 -6.337  1.00 20.09 ? 43   ASP B OD2 1 
ATOM   981  N N   . ARG B 1 40 ? 4.275   -19.873 -7.089  1.00 11.10 ? 44   ARG B N   1 
ATOM   982  C CA  . ARG B 1 40 ? 5.654   -20.198 -6.734  1.00 12.90 ? 44   ARG B CA  1 
ATOM   983  C C   . ARG B 1 40 ? 5.694   -21.051 -5.471  1.00 13.29 ? 44   ARG B C   1 
ATOM   984  O O   . ARG B 1 40 ? 6.757   -21.245 -4.854  1.00 16.25 ? 44   ARG B O   1 
ATOM   985  C CB  . ARG B 1 40 ? 6.419   -18.909 -6.519  1.00 12.09 ? 44   ARG B CB  1 
ATOM   986  C CG  . ARG B 1 40 ? 6.446   -18.032 -7.729  1.00 16.52 ? 44   ARG B CG  1 
ATOM   987  C CD  . ARG B 1 40 ? 6.955   -16.672 -7.324  1.00 18.50 ? 44   ARG B CD  1 
ATOM   988  N NE  . ARG B 1 40 ? 7.079   -15.667 -8.359  0.50 18.58 ? 44   ARG B NE  1 
ATOM   989  C CZ  . ARG B 1 40 ? 7.575   -14.439 -8.143  0.50 17.58 ? 44   ARG B CZ  1 
ATOM   990  N NH1 . ARG B 1 40 ? 7.660   -13.582 -9.134  0.50 17.02 ? 44   ARG B NH1 1 
ATOM   991  N NH2 . ARG B 1 40 ? 7.990   -14.060 -6.938  0.50 18.30 ? 44   ARG B NH2 1 
ATOM   992  N N   . ARG B 1 41 ? 4.522   -21.587 -5.116  1.00 13.49 ? 45   ARG B N   1 
ATOM   993  C CA  . ARG B 1 41 ? 4.296   -22.479 -3.973  1.00 14.76 ? 45   ARG B CA  1 
ATOM   994  C C   . ARG B 1 41 ? 4.317   -21.716 -2.612  1.00 15.20 ? 45   ARG B C   1 
ATOM   995  O O   . ARG B 1 41 ? 3.325   -21.706 -1.831  1.00 16.65 ? 45   ARG B O   1 
ATOM   996  C CB  . ARG B 1 41 ? 5.161   -23.758 -4.073  1.00 15.70 ? 45   ARG B CB  1 
ATOM   997  C CG  . ARG B 1 41 ? 5.326   -24.387 -5.474  1.00 16.60 ? 45   ARG B CG  1 
ATOM   998  C CD  . ARG B 1 41 ? 4.038   -24.665 -6.326  1.00 22.30 ? 45   ARG B CD  1 
ATOM   999  N NE  . ARG B 1 41 ? 3.251   -25.722 -5.736  1.00 21.29 ? 45   ARG B NE  1 
ATOM   1000 C CZ  . ARG B 1 41 ? 3.002   -26.960 -6.207  1.00 18.86 ? 45   ARG B CZ  1 
ATOM   1001 N NH1 . ARG B 1 41 ? 2.270   -27.731 -5.439  1.00 17.47 ? 45   ARG B NH1 1 
ATOM   1002 N NH2 . ARG B 1 41 ? 3.418   -27.440 -7.384  1.00 14.13 ? 45   ARG B NH2 1 
ATOM   1003 N N   . ALA B 1 42 ? 5.357   -20.970 -2.342  1.00 13.76 ? 46   ALA B N   1 
ATOM   1004 C CA  . ALA B 1 42 ? 5.411   -20.236 -1.080  1.00 12.81 ? 46   ALA B CA  1 
ATOM   1005 C C   . ALA B 1 42 ? 4.644   -18.911 -1.207  1.00 11.82 ? 46   ALA B C   1 
ATOM   1006 O O   . ALA B 1 42 ? 4.136   -18.372 -0.225  1.00 12.41 ? 46   ALA B O   1 
ATOM   1007 C CB  . ALA B 1 42 ? 6.811   -20.009 -0.705  1.00 13.41 ? 46   ALA B CB  1 
ATOM   1008 N N   . TYR B 1 43 ? 4.618   -18.387 -2.417  1.00 10.62 ? 47   TYR B N   1 
ATOM   1009 C CA  . TYR B 1 43 ? 3.916   -17.148 -2.745  1.00 10.32 ? 47   TYR B CA  1 
ATOM   1010 C C   . TYR B 1 43 ? 3.322   -17.257 -4.123  1.00 9.90  ? 47   TYR B C   1 
ATOM   1011 O O   . TYR B 1 43 ? 3.738   -18.091 -4.915  1.00 11.12 ? 47   TYR B O   1 
ATOM   1012 C CB  A TYR B 1 43 ? 4.920   -15.967 -2.805  0.50 10.12 ? 47   TYR B CB  1 
ATOM   1013 C CB  B TYR B 1 43 ? 4.749   -15.908 -2.556  0.50 10.40 ? 47   TYR B CB  1 
ATOM   1014 C CG  A TYR B 1 43 ? 5.652   -15.625 -1.495  0.50 11.53 ? 47   TYR B CG  1 
ATOM   1015 C CG  B TYR B 1 43 ? 5.885   -15.679 -3.489  0.50 11.34 ? 47   TYR B CG  1 
ATOM   1016 C CD1 A TYR B 1 43 ? 6.777   -16.337 -1.078  0.50 12.48 ? 47   TYR B CD1 1 
ATOM   1017 C CD1 B TYR B 1 43 ? 5.696   -14.938 -4.642  0.50 10.77 ? 47   TYR B CD1 1 
ATOM   1018 C CD2 A TYR B 1 43 ? 5.209   -14.586 -0.691  0.50 11.06 ? 47   TYR B CD2 1 
ATOM   1019 C CD2 B TYR B 1 43 ? 7.165   -16.139 -3.206  0.50 13.46 ? 47   TYR B CD2 1 
ATOM   1020 C CE1 A TYR B 1 43 ? 7.429   -16.018 0.138   0.50 12.30 ? 47   TYR B CE1 1 
ATOM   1021 C CE1 B TYR B 1 43 ? 6.722   -14.648 -5.487  0.50 13.28 ? 47   TYR B CE1 1 
ATOM   1022 C CE2 A TYR B 1 43 ? 5.842   -14.266 0.503   0.50 12.14 ? 47   TYR B CE2 1 
ATOM   1023 C CE2 B TYR B 1 43 ? 8.244   -15.854 -4.078  0.50 11.76 ? 47   TYR B CE2 1 
ATOM   1024 C CZ  A TYR B 1 43 ? 6.938   -14.969 0.915   0.50 12.21 ? 47   TYR B CZ  1 
ATOM   1025 C CZ  B TYR B 1 43 ? 8.014   -15.118 -5.208  0.50 13.44 ? 47   TYR B CZ  1 
ATOM   1026 O OH  A TYR B 1 43 ? 7.536   -14.606 2.115   0.50 14.16 ? 47   TYR B OH  1 
ATOM   1027 O OH  B TYR B 1 43 ? 9.002   -14.846 -6.109  0.50 15.59 ? 47   TYR B OH  1 
ATOM   1028 N N   . VAL B 1 44 ? 2.396   -16.349 -4.412  1.00 9.75  ? 48   VAL B N   1 
ATOM   1029 C CA  . VAL B 1 44 ? 1.680   -16.355 -5.675  1.00 10.04 ? 48   VAL B CA  1 
ATOM   1030 C C   . VAL B 1 44 ? 1.679   -14.944 -6.220  1.00 10.27 ? 48   VAL B C   1 
ATOM   1031 O O   . VAL B 1 44 ? 1.394   -13.990 -5.490  1.00 10.96 ? 48   VAL B O   1 
ATOM   1032 C CB  . VAL B 1 44 ? 0.211   -16.832 -5.489  1.00 10.01 ? 48   VAL B CB  1 
ATOM   1033 C CG1 . VAL B 1 44 ? -0.532  -16.810 -6.810  1.00 11.82 ? 48   VAL B CG1 1 
ATOM   1034 C CG2 . VAL B 1 44 ? 0.162   -18.193 -4.856  1.00 11.48 ? 48   VAL B CG2 1 
ATOM   1035 N N   . ARG B 1 45 ? 2.029   -14.796 -7.500  1.00 9.44  ? 49   ARG B N   1 
ATOM   1036 C CA  . ARG B 1 45 ? 2.011   -13.515 -8.192  1.00 10.21 ? 49   ARG B CA  1 
ATOM   1037 C C   . ARG B 1 45 ? 0.764   -13.503 -9.045  1.00 11.05 ? 49   ARG B C   1 
ATOM   1038 O O   . ARG B 1 45 ? 0.518   -14.478 -9.774  1.00 11.32 ? 49   ARG B O   1 
ATOM   1039 C CB  . ARG B 1 45 ? 3.242   -13.356 -9.066  1.00 11.36 ? 49   ARG B CB  1 
ATOM   1040 C CG  . ARG B 1 45 ? 3.202   -12.133 -9.826  1.00 14.36 ? 49   ARG B CG  1 
ATOM   1041 C CD  . ARG B 1 45 ? 4.455   -11.903 -10.699 0.50 17.69 ? 49   ARG B CD  1 
ATOM   1042 N NE  . ARG B 1 45 ? 4.787   -12.868 -11.775 0.50 19.99 ? 49   ARG B NE  1 
ATOM   1043 C CZ  . ARG B 1 45 ? 3.950   -13.509 -12.619 0.50 24.07 ? 49   ARG B CZ  1 
ATOM   1044 N NH1 . ARG B 1 45 ? 4.473   -14.293 -13.554 0.50 24.57 ? 49   ARG B NH1 1 
ATOM   1045 N NH2 . ARG B 1 45 ? 2.617   -13.402 -12.561 0.50 27.67 ? 49   ARG B NH2 1 
ATOM   1046 N N   . ILE B 1 46 ? -0.044  -12.453 -8.922  1.00 9.75  ? 50   ILE B N   1 
ATOM   1047 C CA  . ILE B 1 46 ? -1.261  -12.282 -9.715  1.00 10.67 ? 50   ILE B CA  1 
ATOM   1048 C C   . ILE B 1 46 ? -1.057  -11.051 -10.561 1.00 11.17 ? 50   ILE B C   1 
ATOM   1049 O O   . ILE B 1 46 ? -0.676  -10.003 -10.053 1.00 11.23 ? 50   ILE B O   1 
ATOM   1050 C CB  . ILE B 1 46 ? -2.519  -12.144 -8.823  1.00 10.44 ? 50   ILE B CB  1 
ATOM   1051 C CG1 . ILE B 1 46 ? -2.757  -13.359 -7.919  1.00 10.74 ? 50   ILE B CG1 1 
ATOM   1052 C CG2 . ILE B 1 46 ? -3.792  -11.935 -9.650  1.00 10.65 ? 50   ILE B CG2 1 
ATOM   1053 C CD1 . ILE B 1 46 ? -2.348  -13.202 -6.533  1.00 16.36 ? 50   ILE B CD1 1 
ATOM   1054 N N   . ALA B 1 47 ? -1.254  -11.163 -11.870 1.00 10.08 ? 51   ALA B N   1 
ATOM   1055 C CA  . ALA B 1 47 ? -0.918  -10.019 -12.729 1.00 10.50 ? 51   ALA B CA  1 
ATOM   1056 C C   . ALA B 1 47 ? -1.825  -9.907  -13.923 1.00 11.38 ? 51   ALA B C   1 
ATOM   1057 O O   . ALA B 1 47 ? -2.437  -10.894 -14.345 1.00 11.39 ? 51   ALA B O   1 
ATOM   1058 C CB  . ALA B 1 47 ? 0.496   -10.088 -13.165 1.00 11.15 ? 51   ALA B CB  1 
ATOM   1059 N N   . ALA B 1 48 ? -1.936  -8.671  -14.416 1.00 11.30 ? 52   ALA B N   1 
ATOM   1060 C CA  . ALA B 1 48 ? -2.599  -8.325  -15.663 1.00 11.72 ? 52   ALA B CA  1 
ATOM   1061 C C   . ALA B 1 48 ? -1.753  -7.265  -16.390 1.00 12.25 ? 52   ALA B C   1 
ATOM   1062 O O   . ALA B 1 48 ? -0.936  -6.595  -15.796 1.00 11.87 ? 52   ALA B O   1 
ATOM   1063 C CB  . ALA B 1 48 ? -3.993  -7.805  -15.438 1.00 11.41 ? 52   ALA B CB  1 
ATOM   1064 N N   . GLU B 1 49 ? -1.918  -7.188  -17.706 1.00 13.19 ? 53   GLU B N   1 
ATOM   1065 C CA  . GLU B 1 49 ? -1.235  -6.174  -18.515 1.00 14.55 ? 53   GLU B CA  1 
ATOM   1066 C C   . GLU B 1 49 ? -1.833  -4.788  -18.271 1.00 12.56 ? 53   GLU B C   1 
ATOM   1067 O O   . GLU B 1 49 ? -3.031  -4.586  -18.319 1.00 12.60 ? 53   GLU B O   1 
ATOM   1068 C CB  . GLU B 1 49 ? -1.350  -6.504  -20.011 1.00 16.47 ? 53   GLU B CB  1 
ATOM   1069 C CG  . GLU B 1 49 ? -0.756  -7.838  -20.416 1.00 23.17 ? 53   GLU B CG  1 
ATOM   1070 C CD  . GLU B 1 49 ? -0.582  -7.951  -21.937 1.00 31.38 ? 53   GLU B CD  1 
ATOM   1071 O OE1 . GLU B 1 49 ? -1.582  -7.695  -22.663 1.00 35.75 ? 53   GLU B OE1 1 
ATOM   1072 O OE2 . GLU B 1 49 ? 0.552   -8.275  -22.400 1.00 38.06 ? 53   GLU B OE2 1 
ATOM   1073 N N   . GLY B 1 50 ? -0.971  -3.816  -17.972 1.00 13.02 ? 54   GLY B N   1 
ATOM   1074 C CA  . GLY B 1 50 ? -1.378  -2.423  -17.972 1.00 12.72 ? 54   GLY B CA  1 
ATOM   1075 C C   . GLY B 1 50 ? -1.998  -1.938  -16.664 1.00 12.96 ? 54   GLY B C   1 
ATOM   1076 O O   . GLY B 1 50 ? -1.564  -0.957  -16.116 1.00 12.31 ? 54   GLY B O   1 
ATOM   1077 N N   . GLU B 1 51 ? -3.054  -2.593  -16.207 1.00 12.76 ? 55   GLU B N   1 
ATOM   1078 C CA  . GLU B 1 51 ? -3.679  -2.254  -14.930 1.00 13.17 ? 55   GLU B CA  1 
ATOM   1079 C C   . GLU B 1 51 ? -4.404  -3.467  -14.393 1.00 12.95 ? 55   GLU B C   1 
ATOM   1080 O O   . GLU B 1 51 ? -4.841  -4.351  -15.145 1.00 11.77 ? 55   GLU B O   1 
ATOM   1081 C CB  . GLU B 1 51 ? -4.639  -1.058  -15.031 1.00 15.48 ? 55   GLU B CB  1 
ATOM   1082 C CG  . GLU B 1 51 ? -5.997  -1.376  -15.586 1.00 20.20 ? 55   GLU B CG  1 
ATOM   1083 C CD  . GLU B 1 51 ? -6.963  -0.196  -15.647 1.00 26.77 ? 55   GLU B CD  1 
ATOM   1084 O OE1 . GLU B 1 51 ? -6.734  0.888   -15.043 1.00 26.19 ? 55   GLU B OE1 1 
ATOM   1085 O OE2 . GLU B 1 51 ? -7.995  -0.393  -16.324 1.00 31.98 ? 55   GLU B OE2 1 
ATOM   1086 N N   . LEU B 1 52 ? -4.506  -3.509  -13.080 1.00 11.42 ? 56   LEU B N   1 
ATOM   1087 C CA  . LEU B 1 52 ? -5.221  -4.565  -12.386 1.00 10.13 ? 56   LEU B CA  1 
ATOM   1088 C C   . LEU B 1 52 ? -5.953  -3.904  -11.225 1.00 10.67 ? 56   LEU B C   1 
ATOM   1089 O O   . LEU B 1 52 ? -5.304  -3.252  -10.373 1.00 10.34 ? 56   LEU B O   1 
ATOM   1090 C CB  . LEU B 1 52 ? -4.250  -5.599  -11.870 1.00 10.06 ? 56   LEU B CB  1 
ATOM   1091 C CG  . LEU B 1 52 ? -4.913  -6.749  -11.118 1.00 13.73 ? 56   LEU B CG  1 
ATOM   1092 C CD1 . LEU B 1 52 ? -5.572  -7.683  -12.065 1.00 17.13 ? 56   LEU B CD1 1 
ATOM   1093 C CD2 . LEU B 1 52 ? -3.847  -7.511  -10.322 1.00 20.50 ? 56   LEU B CD2 1 
ATOM   1094 N N   . ILE B 1 53 ? -7.284  -4.003  -11.216 1.00 8.89  ? 57   ILE B N   1 
ATOM   1095 C CA  . ILE B 1 53 ? -8.134  -3.429  -10.160 1.00 9.81  ? 57   ILE B CA  1 
ATOM   1096 C C   . ILE B 1 53 ? -8.584  -4.551  -9.222  1.00 9.04  ? 57   ILE B C   1 
ATOM   1097 O O   . ILE B 1 53 ? -8.957  -5.618  -9.676  1.00 9.97  ? 57   ILE B O   1 
ATOM   1098 C CB  . ILE B 1 53 ? -9.382  -2.774  -10.776 1.00 10.53 ? 57   ILE B CB  1 
ATOM   1099 C CG1 . ILE B 1 53 ? -8.934  -1.610  -11.699 1.00 14.78 ? 57   ILE B CG1 1 
ATOM   1100 C CG2 . ILE B 1 53 ? -10.398 -2.372  -9.682  1.00 13.36 ? 57   ILE B CG2 1 
ATOM   1101 C CD1 . ILE B 1 53 ? -10.028 -1.088  -12.578 1.00 21.94 ? 57   ILE B CD1 1 
ATOM   1102 N N   . LEU B 1 54 ? -8.533  -4.304  -7.917  1.00 8.61  ? 58   LEU B N   1 
ATOM   1103 C CA  . LEU B 1 54 ? -9.146  -5.200  -6.927  1.00 8.10  ? 58   LEU B CA  1 
ATOM   1104 C C   . LEU B 1 54 ? -10.031 -4.338  -6.048  1.00 9.04  ? 58   LEU B C   1 
ATOM   1105 O O   . LEU B 1 54 ? -9.521  -3.452  -5.358  1.00 9.16  ? 58   LEU B O   1 
ATOM   1106 C CB  . LEU B 1 54 ? -8.088  -5.894  -6.061  1.00 8.58  ? 58   LEU B CB  1 
ATOM   1107 C CG  . LEU B 1 54 ? -6.941  -6.614  -6.777  1.00 8.71  ? 58   LEU B CG  1 
ATOM   1108 C CD1 . LEU B 1 54 ? -5.821  -7.024  -5.826  1.00 9.66  ? 58   LEU B CD1 1 
ATOM   1109 C CD2 . LEU B 1 54 ? -7.473  -7.837  -7.496  1.00 11.94 ? 58   LEU B CD2 1 
ATOM   1110 N N   . THR B 1 55 ? -11.338 -4.569  -6.089  1.00 7.57  ? 59   THR B N   1 
ATOM   1111 C CA  . THR B 1 55 ? -12.276 -3.831  -5.248  1.00 7.74  ? 59   THR B CA  1 
ATOM   1112 C C   . THR B 1 55 ? -12.489 -4.488  -3.892  1.00 6.86  ? 59   THR B C   1 
ATOM   1113 O O   . THR B 1 55 ? -12.491 -5.715  -3.759  1.00 6.13  ? 59   THR B O   1 
ATOM   1114 C CB  . THR B 1 55 ? -13.626 -3.608  -5.920  1.00 8.45  ? 59   THR B CB  1 
ATOM   1115 O OG1 . THR B 1 55 ? -14.398 -4.849  -6.022  1.00 7.96  ? 59   THR B OG1 1 
ATOM   1116 C CG2 . THR B 1 55 ? -13.424 -3.040  -7.343  1.00 9.04  ? 59   THR B CG2 1 
ATOM   1117 N N   . ARG B 1 56 ? -12.722 -3.636  -2.904  1.00 7.75  ? 60   ARG B N   1 
ATOM   1118 C CA  . ARG B 1 56 ? -13.052 -4.053  -1.571  1.00 7.56  ? 60   ARG B CA  1 
ATOM   1119 C C   . ARG B 1 56 ? -14.303 -4.935  -1.538  1.00 7.98  ? 60   ARG B C   1 
ATOM   1120 O O   . ARG B 1 56 ? -14.362 -5.928  -0.815  1.00 8.10  ? 60   ARG B O   1 
ATOM   1121 C CB  . ARG B 1 56 ? -13.313 -2.819  -0.718  1.00 7.72  ? 60   ARG B CB  1 
ATOM   1122 C CG  . ARG B 1 56 ? -13.411 -3.092  0.765   1.00 7.78  ? 60   ARG B CG  1 
ATOM   1123 C CD  . ARG B 1 56 ? -14.236 -2.082  1.494   1.00 7.66  ? 60   ARG B CD  1 
ATOM   1124 N NE  . ARG B 1 56 ? -15.631 -2.143  1.085   1.00 8.51  ? 60   ARG B NE  1 
ATOM   1125 C CZ  . ARG B 1 56 ? -16.506 -3.044  1.527   1.00 11.59 ? 60   ARG B CZ  1 
ATOM   1126 N NH1 . ARG B 1 56 ? -16.156 -3.910  2.452   1.00 11.67 ? 60   ARG B NH1 1 
ATOM   1127 N NH2 . ARG B 1 56 ? -17.767 -3.041  1.096   1.00 14.02 ? 60   ARG B NH2 1 
ATOM   1128 N N   . LYS B 1 57 ? -15.320 -4.532  -2.303  1.00 8.77  ? 61   LYS B N   1 
ATOM   1129 C CA  . LYS B 1 57 ? -16.608 -5.231  -2.275  1.00 9.24  ? 61   LYS B CA  1 
ATOM   1130 C C   . LYS B 1 57 ? -16.463 -6.667  -2.771  1.00 8.13  ? 61   LYS B C   1 
ATOM   1131 O O   . LYS B 1 57 ? -16.956 -7.590  -2.125  1.00 8.06  ? 61   LYS B O   1 
ATOM   1132 C CB  . LYS B 1 57 ? -17.608 -4.453  -3.111  1.00 10.26 ? 61   LYS B CB  1 
ATOM   1133 C CG  . LYS B 1 57 ? -19.001 -5.024  -3.155  1.00 12.24 ? 61   LYS B CG  1 
ATOM   1134 C CD  . LYS B 1 57 ? -19.871 -4.129  -4.040  1.00 18.39 ? 61   LYS B CD  1 
ATOM   1135 C CE  . LYS B 1 57 ? -21.195 -4.800  -4.376  1.00 22.26 ? 61   LYS B CE  1 
ATOM   1136 N NZ  . LYS B 1 57 ? -22.022 -4.000  -5.284  1.00 24.15 ? 61   LYS B NZ  1 
ATOM   1137 N N   . THR B 1 58 ? -15.751 -6.866  -3.874  1.00 7.63  ? 62   THR B N   1 
ATOM   1138 C CA  . THR B 1 58 ? -15.532 -8.213  -4.403  1.00 7.33  ? 62   THR B CA  1 
ATOM   1139 C C   . THR B 1 58 ? -14.688 -9.049  -3.441  1.00 7.16  ? 62   THR B C   1 
ATOM   1140 O O   . THR B 1 58 ? -14.954 -10.237 -3.211  1.00 7.35  ? 62   THR B O   1 
ATOM   1141 C CB  . THR B 1 58 ? -14.912 -8.125  -5.769  1.00 8.00  ? 62   THR B CB  1 
ATOM   1142 O OG1 . THR B 1 58 ? -15.789 -7.349  -6.614  1.00 8.07  ? 62   THR B OG1 1 
ATOM   1143 C CG2 . THR B 1 58 ? -14.837 -9.473  -6.368  1.00 8.33  ? 62   THR B CG2 1 
ATOM   1144 N N   . LEU B 1 59 ? -13.648 -8.423  -2.876  1.00 7.71  ? 63   LEU B N   1 
ATOM   1145 C CA  . LEU B 1 59 ? -12.784 -9.135  -1.921  1.00 7.71  ? 63   LEU B CA  1 
ATOM   1146 C C   . LEU B 1 59 ? -13.584 -9.607  -0.709  1.00 8.21  ? 63   LEU B C   1 
ATOM   1147 O O   . LEU B 1 59 ? -13.473 -10.753 -0.263  1.00 9.01  ? 63   LEU B O   1 
ATOM   1148 C CB  . LEU B 1 59 ? -11.577 -8.267  -1.500  1.00 8.21  ? 63   LEU B CB  1 
ATOM   1149 C CG  . LEU B 1 59 ? -10.454 -8.129  -2.533  1.00 9.11  ? 63   LEU B CG  1 
ATOM   1150 C CD1 . LEU B 1 59 ? -9.577  -6.911  -2.256  1.00 10.19 ? 63   LEU B CD1 1 
ATOM   1151 C CD2 . LEU B 1 59 ? -9.593  -9.375  -2.665  1.00 10.81 ? 63   LEU B CD2 1 
ATOM   1152 N N   . GLU B 1 60 ? -14.455 -8.752  -0.201  1.00 8.03  ? 64   GLU B N   1 
ATOM   1153 C CA  . GLU B 1 60 ? -15.280 -9.138  0.912   1.00 8.46  ? 64   GLU B CA  1 
ATOM   1154 C C   . GLU B 1 60 ? -16.212 -10.285 0.546   1.00 8.43  ? 64   GLU B C   1 
ATOM   1155 O O   . GLU B 1 60 ? -16.406 -11.237 1.341   1.00 7.39  ? 64   GLU B O   1 
ATOM   1156 C CB  . GLU B 1 60 ? -16.058 -7.921  1.411   1.00 9.24  ? 64   GLU B CB  1 
ATOM   1157 C CG  . GLU B 1 60 ? -17.055 -8.234  2.505   1.00 10.47 ? 64   GLU B CG  1 
ATOM   1158 C CD  . GLU B 1 60 ? -17.662 -6.970  3.092   1.00 13.55 ? 64   GLU B CD  1 
ATOM   1159 O OE1 . GLU B 1 60 ? -17.011 -6.294  3.899   1.00 11.33 ? 64   GLU B OE1 1 
ATOM   1160 O OE2 . GLU B 1 60 ? -18.766 -6.595  2.675   1.00 20.09 ? 64   GLU B OE2 1 
ATOM   1161 N N   . GLU B 1 61 ? -16.805 -10.204 -0.651  1.00 8.64  ? 65   GLU B N   1 
ATOM   1162 C CA  . GLU B 1 61 ? -17.651 -11.283 -1.130  1.00 8.71  ? 65   GLU B CA  1 
ATOM   1163 C C   . GLU B 1 61 ? -16.933 -12.609 -1.227  1.00 7.89  ? 65   GLU B C   1 
ATOM   1164 O O   . GLU B 1 61 ? -17.547 -13.671 -1.070  1.00 8.46  ? 65   GLU B O   1 
ATOM   1165 C CB  . GLU B 1 61 ? -18.273 -10.956 -2.494  1.00 8.44  ? 65   GLU B CB  1 
ATOM   1166 C CG  . GLU B 1 61 ? -19.280 -9.844  -2.437  1.00 9.49  ? 65   GLU B CG  1 
ATOM   1167 C CD  . GLU B 1 61 ? -19.553 -9.160  -3.750  1.00 9.34  ? 65   GLU B CD  1 
ATOM   1168 O OE1 . GLU B 1 61 ? -18.909 -9.437  -4.757  1.00 11.76 ? 65   GLU B OE1 1 
ATOM   1169 O OE2 . GLU B 1 61 ? -20.440 -8.263  -3.744  1.00 12.03 ? 65   GLU B OE2 1 
ATOM   1170 N N   . GLN B 1 62 ? -15.649 -12.584 -1.541  1.00 8.21  ? 66   GLN B N   1 
ATOM   1171 C CA  . GLN B 1 62 ? -14.890 -13.824 -1.682  1.00 8.68  ? 66   GLN B CA  1 
ATOM   1172 C C   . GLN B 1 62 ? -14.483 -14.374 -0.324  1.00 9.29  ? 66   GLN B C   1 
ATOM   1173 O O   . GLN B 1 62 ? -14.402 -15.590 -0.123  1.00 10.99 ? 66   GLN B O   1 
ATOM   1174 C CB  . GLN B 1 62 ? -13.664 -13.605 -2.604  1.00 10.32 ? 66   GLN B CB  1 
ATOM   1175 C CG  . GLN B 1 62 ? -14.057 -13.246 -4.028  1.00 10.39 ? 66   GLN B CG  1 
ATOM   1176 C CD  . GLN B 1 62 ? -14.873 -14.341 -4.717  1.00 11.60 ? 66   GLN B CD  1 
ATOM   1177 O OE1 . GLN B 1 62 ? -15.980 -14.121 -5.234  1.00 20.58 ? 66   GLN B OE1 1 
ATOM   1178 N NE2 . GLN B 1 62 ? -14.350 -15.508 -4.712  1.00 11.22 ? 66   GLN B NE2 1 
ATOM   1179 N N   . LEU B 1 63 ? -14.217 -13.488 0.637   1.00 8.19  ? 67   LEU B N   1 
ATOM   1180 C CA  . LEU B 1 63 ? -13.821 -13.897 1.980   1.00 9.24  ? 67   LEU B CA  1 
ATOM   1181 C C   . LEU B 1 63 ? -14.971 -14.326 2.864   1.00 9.25  ? 67   LEU B C   1 
ATOM   1182 O O   . LEU B 1 63 ? -14.798 -15.184 3.729   1.00 9.33  ? 67   LEU B O   1 
ATOM   1183 C CB  . LEU B 1 63 ? -13.063 -12.770 2.687   1.00 8.72  ? 67   LEU B CB  1 
ATOM   1184 C CG  . LEU B 1 63 ? -11.654 -12.577 2.134   1.00 12.06 ? 67   LEU B CG  1 
ATOM   1185 C CD1 . LEU B 1 63 ? -11.129 -11.204 2.490   1.00 12.20 ? 67   LEU B CD1 1 
ATOM   1186 C CD2 . LEU B 1 63 ? -10.772 -13.695 2.698   1.00 13.40 ? 67   LEU B CD2 1 
ATOM   1187 N N   . GLY B 1 64 ? -16.136 -13.714 2.663   1.00 9.34  ? 68   GLY B N   1 
ATOM   1188 C CA  . GLY B 1 64 ? -17.307 -14.009 3.458   1.00 9.88  ? 68   GLY B CA  1 
ATOM   1189 C C   . GLY B 1 64 ? -17.307 -13.438 4.846   1.00 10.12 ? 68   GLY B C   1 
ATOM   1190 O O   . GLY B 1 64 ? -17.991 -13.935 5.708   1.00 10.03 ? 68   GLY B O   1 
ATOM   1191 N N   . ARG B 1 65 ? -16.501 -12.410 5.080   1.00 10.13 ? 69   ARG B N   1 
ATOM   1192 C CA  . ARG B 1 65 ? -16.470 -11.690 6.365   1.00 9.30  ? 69   ARG B CA  1 
ATOM   1193 C C   . ARG B 1 65 ? -16.056 -10.247 6.088   1.00 10.03 ? 69   ARG B C   1 
ATOM   1194 O O   . ARG B 1 65 ? -15.582 -9.951  4.999   1.00 8.71  ? 69   ARG B O   1 
ATOM   1195 C CB  . ARG B 1 65 ? -15.496 -12.363 7.349   1.00 10.49 ? 69   ARG B CB  1 
ATOM   1196 C CG  . ARG B 1 65 ? -14.047 -12.486 6.820   1.00 12.69 ? 69   ARG B CG  1 
ATOM   1197 C CD  . ARG B 1 65 ? -12.973 -12.759 7.884   1.00 18.56 ? 69   ARG B CD  1 
ATOM   1198 N NE  . ARG B 1 65 ? -11.677 -12.936 7.241   1.00 19.93 ? 69   ARG B NE  1 
ATOM   1199 C CZ  . ARG B 1 65 ? -10.877 -11.954 6.808   1.00 18.81 ? 69   ARG B CZ  1 
ATOM   1200 N NH1 . ARG B 1 65 ? -9.717  -12.271 6.252   1.00 14.60 ? 69   ARG B NH1 1 
ATOM   1201 N NH2 . ARG B 1 65 ? -11.198 -10.679 6.956   1.00 19.67 ? 69   ARG B NH2 1 
ATOM   1202 N N   . PRO B 1 66 ? -16.298 -9.340  7.029   1.00 10.22 ? 70   PRO B N   1 
ATOM   1203 C CA  . PRO B 1 66 ? -15.969 -7.923  6.821   1.00 10.80 ? 70   PRO B CA  1 
ATOM   1204 C C   . PRO B 1 66 ? -14.527 -7.730  6.394   1.00 9.84  ? 70   PRO B C   1 
ATOM   1205 O O   . PRO B 1 66 ? -13.619 -8.334  6.962   1.00 10.49 ? 70   PRO B O   1 
ATOM   1206 C CB  . PRO B 1 66 ? -16.271 -7.298  8.183   1.00 12.17 ? 70   PRO B CB  1 
ATOM   1207 C CG  . PRO B 1 66 ? -17.395 -8.178  8.732   1.00 12.92 ? 70   PRO B CG  1 
ATOM   1208 C CD  . PRO B 1 66 ? -17.008 -9.565  8.311   1.00 11.27 ? 70   PRO B CD  1 
ATOM   1209 N N   . PHE B 1 67 ? -14.336 -6.913  5.364   1.00 8.89  ? 71   PHE B N   1 
ATOM   1210 C CA  . PHE B 1 67 ? -13.024 -6.703  4.795   1.00 8.77  ? 71   PHE B CA  1 
ATOM   1211 C C   . PHE B 1 67 ? -12.828 -5.253  4.438   1.00 8.02  ? 71   PHE B C   1 
ATOM   1212 O O   . PHE B 1 67 ? -13.674 -4.672  3.775   1.00 8.41  ? 71   PHE B O   1 
ATOM   1213 C CB  . PHE B 1 67 ? -12.866 -7.554  3.527   1.00 8.11  ? 71   PHE B CB  1 
ATOM   1214 C CG  . PHE B 1 67 ? -11.596 -7.300  2.802   1.00 8.27  ? 71   PHE B CG  1 
ATOM   1215 C CD1 . PHE B 1 67 ? -10.430 -7.934  3.173   1.00 10.21 ? 71   PHE B CD1 1 
ATOM   1216 C CD2 . PHE B 1 67 ? -11.559 -6.363  1.787   1.00 8.73  ? 71   PHE B CD2 1 
ATOM   1217 C CE1 . PHE B 1 67 ? -9.220  -7.637  2.500   1.00 8.54  ? 71   PHE B CE1 1 
ATOM   1218 C CE2 . PHE B 1 67 ? -10.381 -6.056  1.149   1.00 9.00  ? 71   PHE B CE2 1 
ATOM   1219 C CZ  . PHE B 1 67 ? -9.214  -6.718  1.492   1.00 9.19  ? 71   PHE B CZ  1 
ATOM   1220 N N   . ASN B 1 68 ? -11.688 -4.700  4.817   1.00 7.73  ? 72   ASN B N   1 
ATOM   1221 C CA  . ASN B 1 68 ? -11.252 -3.402  4.285   1.00 7.55  ? 72   ASN B CA  1 
ATOM   1222 C C   . ASN B 1 68 ? -9.862  -3.474  3.718   1.00 7.57  ? 72   ASN B C   1 
ATOM   1223 O O   . ASN B 1 68 ? -9.097  -4.422  3.967   1.00 7.92  ? 72   ASN B O   1 
ATOM   1224 C CB  . ASN B 1 68 ? -11.398 -2.295  5.339   1.00 8.31  ? 72   ASN B CB  1 
ATOM   1225 C CG  . ASN B 1 68 ? -12.862 -1.908  5.564   1.00 9.73  ? 72   ASN B CG  1 
ATOM   1226 O OD1 . ASN B 1 68 ? -13.459 -1.223  4.712   1.00 10.88 ? 72   ASN B OD1 1 
ATOM   1227 N ND2 . ASN B 1 68 ? -13.470 -2.371  6.685   1.00 10.81 ? 72   ASN B ND2 1 
ATOM   1228 N N   . MET B 1 69 ? -9.536  -2.467  2.913   1.00 6.49  ? 73   MET B N   1 
ATOM   1229 C CA  . MET B 1 69 ? -8.409  -2.562  1.987   1.00 5.78  ? 73   MET B CA  1 
ATOM   1230 C C   . MET B 1 69 ? -7.055  -2.728  2.681   1.00 5.96  ? 73   MET B C   1 
ATOM   1231 O O   . MET B 1 69 ? -6.121  -3.263  2.115   1.00 6.62  ? 73   MET B O   1 
ATOM   1232 C CB  . MET B 1 69 ? -8.348  -1.329  1.059   1.00 6.21  ? 73   MET B CB  1 
ATOM   1233 C CG  . MET B 1 69 ? -9.518  -1.237  0.010   1.00 6.45  ? 73   MET B CG  1 
ATOM   1234 S SD  . MET B 1 69 ? -9.705  -2.727  -0.996  1.00 8.43  ? 73   MET B SD  1 
ATOM   1235 C CE  . MET B 1 69 ? -8.162  -2.911  -1.721  1.00 7.67  ? 73   MET B CE  1 
ATOM   1236 N N   . GLN B 1 70 ? -6.933  -2.239  3.917   1.00 6.14  ? 74   GLN B N   1 
ATOM   1237 C CA  . GLN B 1 70 ? -5.658  -2.350  4.604   1.00 6.24  ? 74   GLN B CA  1 
ATOM   1238 C C   . GLN B 1 70 ? -5.209  -3.784  4.793   1.00 6.67  ? 74   GLN B C   1 
ATOM   1239 O O   . GLN B 1 70 ? -4.026  -4.060  4.820   1.00 7.30  ? 74   GLN B O   1 
ATOM   1240 C CB  . GLN B 1 70 ? -5.721  -1.609  5.966   1.00 6.91  ? 74   GLN B CB  1 
ATOM   1241 C CG  . GLN B 1 70 ? -6.255  -2.438  7.147   1.00 8.69  ? 74   GLN B CG  1 
ATOM   1242 C CD  . GLN B 1 70 ? -7.712  -2.848  7.064   1.00 8.79  ? 74   GLN B CD  1 
ATOM   1243 O OE1 . GLN B 1 70 ? -8.094  -3.973  7.562   1.00 12.62 ? 74   GLN B OE1 1 
ATOM   1244 N NE2 . GLN B 1 70 ? -8.515  -2.054  6.396   1.00 6.65  ? 74   GLN B NE2 1 
ATOM   1245 N N   . GLU B 1 71 ? -6.164  -4.704  4.895   1.00 6.98  ? 75   GLU B N   1 
ATOM   1246 C CA  . GLU B 1 71 ? -5.847  -6.112  5.020   1.00 6.94  ? 75   GLU B CA  1 
ATOM   1247 C C   . GLU B 1 71 ? -5.133  -6.661  3.795   1.00 8.57  ? 75   GLU B C   1 
ATOM   1248 O O   . GLU B 1 71 ? -4.144  -7.370  3.937   1.00 7.89  ? 75   GLU B O   1 
ATOM   1249 C CB  . GLU B 1 71 ? -7.075  -6.916  5.394   1.00 7.39  ? 75   GLU B CB  1 
ATOM   1250 C CG  . GLU B 1 71 ? -6.689  -8.345  5.743   1.00 8.76  ? 75   GLU B CG  1 
ATOM   1251 C CD  . GLU B 1 71 ? -7.838  -9.189  6.223   1.00 11.28 ? 75   GLU B CD  1 
ATOM   1252 O OE1 . GLU B 1 71 ? -7.581  -10.443 6.383   1.00 10.74 ? 75   GLU B OE1 1 
ATOM   1253 O OE2 . GLU B 1 71 ? -8.974  -8.665  6.459   1.00 9.82  ? 75   GLU B OE2 1 
ATOM   1254 N N   . LEU B 1 72 ? -5.585  -6.270  2.611   1.00 7.61  ? 76   LEU B N   1 
ATOM   1255 C CA  . LEU B 1 72 ? -4.856  -6.631  1.406   1.00 7.74  ? 76   LEU B CA  1 
ATOM   1256 C C   . LEU B 1 72 ? -3.484  -5.973  1.358   1.00 7.20  ? 76   LEU B C   1 
ATOM   1257 O O   . LEU B 1 72 ? -2.467  -6.602  1.090   1.00 8.41  ? 76   LEU B O   1 
ATOM   1258 C CB  . LEU B 1 72 ? -5.647  -6.254  0.172   1.00 9.13  ? 76   LEU B CB  1 
ATOM   1259 C CG  . LEU B 1 72 ? -4.911  -6.558  -1.125  1.00 12.33 ? 76   LEU B CG  1 
ATOM   1260 C CD1 . LEU B 1 72 ? -4.417  -8.005  -1.271  1.00 13.74 ? 76   LEU B CD1 1 
ATOM   1261 C CD2 . LEU B 1 72 ? -5.788  -6.226  -2.241  1.00 15.59 ? 76   LEU B CD2 1 
ATOM   1262 N N   . GLU B 1 73 ? -3.468  -4.679  1.611   1.00 6.83  ? 77   GLU B N   1 
ATOM   1263 C CA  . GLU B 1 73 ? -2.272  -3.862  1.426   1.00 7.05  ? 77   GLU B CA  1 
ATOM   1264 C C   . GLU B 1 73 ? -1.136  -4.295  2.369   1.00 7.25  ? 77   GLU B C   1 
ATOM   1265 O O   . GLU B 1 73 ? -0.008  -4.466  1.955   1.00 8.01  ? 77   GLU B O   1 
ATOM   1266 C CB  . GLU B 1 73 ? -2.620  -2.412  1.641   1.00 7.17  ? 77   GLU B CB  1 
ATOM   1267 C CG  . GLU B 1 73 ? -3.499  -1.893  0.542   1.00 6.71  ? 77   GLU B CG  1 
ATOM   1268 C CD  . GLU B 1 73 ? -4.399  -0.755  0.877   1.00 7.87  ? 77   GLU B CD  1 
ATOM   1269 O OE1 . GLU B 1 73 ? -4.573  -0.401  2.060   1.00 6.98  ? 77   GLU B OE1 1 
ATOM   1270 O OE2 . GLU B 1 73 ? -5.007  -0.198  -0.088  1.00 8.80  ? 77   GLU B OE2 1 
ATOM   1271 N N   . ILE B 1 74 ? -1.483  -4.602  3.606   1.00 7.17  ? 78   ILE B N   1 
ATOM   1272 C CA  . ILE B 1 74 ? -0.503  -5.063  4.575   1.00 7.80  ? 78   ILE B CA  1 
ATOM   1273 C C   . ILE B 1 74 ? 0.044   -6.453  4.218   1.00 8.69  ? 78   ILE B C   1 
ATOM   1274 O O   . ILE B 1 74 ? 1.198   -6.775  4.531   1.00 9.05  ? 78   ILE B O   1 
ATOM   1275 C CB  . ILE B 1 74 ? -1.094  -5.002  5.982   1.00 8.49  ? 78   ILE B CB  1 
ATOM   1276 C CG1 . ILE B 1 74 ? -1.098  -3.507  6.385   1.00 8.62  ? 78   ILE B CG1 1 
ATOM   1277 C CG2 . ILE B 1 74 ? -0.267  -5.869  6.985   1.00 10.52 ? 78   ILE B CG2 1 
ATOM   1278 C CD1 . ILE B 1 74 ? -1.902  -3.217  7.606   1.00 9.03  ? 78   ILE B CD1 1 
ATOM   1279 N N   . ASN B 1 75 ? -0.767  -7.229  3.531   1.00 7.94  ? 79   ASN B N   1 
ATOM   1280 C CA  . ASN B 1 75 ? -0.367  -8.584  3.119   1.00 9.27  ? 79   ASN B CA  1 
ATOM   1281 C C   . ASN B 1 75 ? 0.170   -8.651  1.690   1.00 9.84  ? 79   ASN B C   1 
ATOM   1282 O O   . ASN B 1 75 ? 0.326   -9.750  1.109   1.00 11.15 ? 79   ASN B O   1 
ATOM   1283 C CB  . ASN B 1 75 ? -1.525  -9.543  3.340   1.00 9.80  ? 79   ASN B CB  1 
ATOM   1284 C CG  . ASN B 1 75 ? -1.711  -9.877  4.818   1.00 11.00 ? 79   ASN B CG  1 
ATOM   1285 O OD1 . ASN B 1 75 ? -0.905  -10.649 5.358   1.00 14.30 ? 79   ASN B OD1 1 
ATOM   1286 N ND2 . ASN B 1 75 ? -2.699  -9.250  5.495   1.00 9.53  ? 79   ASN B ND2 1 
ATOM   1287 N N   . LEU B 1 76 ? 0.521   -7.502  1.121   1.00 9.29  ? 80   LEU B N   1 
ATOM   1288 C CA  . LEU B 1 76 ? 1.330   -7.525  -0.104  1.00 9.72  ? 80   LEU B CA  1 
ATOM   1289 C C   . LEU B 1 76 ? 2.784   -7.847  0.205   1.00 10.49 ? 80   LEU B C   1 
ATOM   1290 O O   . LEU B 1 76 ? 3.515   -7.012  0.767   1.00 11.34 ? 80   LEU B O   1 
ATOM   1291 C CB  . LEU B 1 76 ? 1.247   -6.184  -0.828  1.00 9.84  ? 80   LEU B CB  1 
ATOM   1292 C CG  . LEU B 1 76 ? -0.107  -5.751  -1.335  1.00 11.40 ? 80   LEU B CG  1 
ATOM   1293 C CD1 . LEU B 1 76 ? -0.047  -4.403  -2.032  1.00 14.33 ? 80   LEU B CD1 1 
ATOM   1294 C CD2 . LEU B 1 76 ? -0.696  -6.763  -2.254  1.00 14.36 ? 80   LEU B CD2 1 
ATOM   1295 N N   . ALA B 1 77 ? 3.240   -9.050  -0.141  1.00 10.79 ? 81   ALA B N   1 
ATOM   1296 C CA  . ALA B 1 77 ? 4.652   -9.387  0.010   1.00 10.86 ? 81   ALA B CA  1 
ATOM   1297 C C   . ALA B 1 77 ? 5.499   -8.520  -0.911  1.00 11.62 ? 81   ALA B C   1 
ATOM   1298 O O   . ALA B 1 77 ? 6.627   -8.114  -0.570  1.00 13.05 ? 81   ALA B O   1 
ATOM   1299 C CB  . ALA B 1 77 ? 4.893   -10.846 -0.267  1.00 11.99 ? 81   ALA B CB  1 
ATOM   1300 N N   . SER B 1 78 ? 4.947   -8.262  -2.089  1.00 11.69 ? 82   SER B N   1 
ATOM   1301 C CA  . SER B 1 78 ? 5.494   -7.352  -3.075  1.00 11.39 ? 82   SER B CA  1 
ATOM   1302 C C   . SER B 1 78 ? 4.369   -6.942  -4.045  1.00 11.07 ? 82   SER B C   1 
ATOM   1303 O O   . SER B 1 78 ? 3.218   -7.355  -3.920  1.00 10.23 ? 82   SER B O   1 
ATOM   1304 C CB  . SER B 1 78 ? 6.643   -8.007  -3.839  1.00 12.75 ? 82   SER B CB  1 
ATOM   1305 O OG  . SER B 1 78 ? 7.421   -6.977  -4.454  1.00 14.55 ? 82   SER B OG  1 
ATOM   1306 N N   . PHE B 1 79 ? 4.710   -6.086  -4.995  1.00 9.49  ? 83   PHE B N   1 
ATOM   1307 C CA  . PHE B 1 79 ? 3.790   -5.773  -6.074  1.00 10.07 ? 83   PHE B CA  1 
ATOM   1308 C C   . PHE B 1 79 ? 4.576   -5.180  -7.227  1.00 11.25 ? 83   PHE B C   1 
ATOM   1309 O O   . PHE B 1 79 ? 5.697   -4.671  -7.057  1.00 11.62 ? 83   PHE B O   1 
ATOM   1310 C CB  . PHE B 1 79 ? 2.641   -4.842  -5.620  1.00 8.92  ? 83   PHE B CB  1 
ATOM   1311 C CG  . PHE B 1 79 ? 3.119   -3.468  -5.159  1.00 9.77  ? 83   PHE B CG  1 
ATOM   1312 C CD1 . PHE B 1 79 ? 3.245   -2.410  -6.055  1.00 9.57  ? 83   PHE B CD1 1 
ATOM   1313 C CD2 . PHE B 1 79 ? 3.499   -3.278  -3.827  1.00 10.69 ? 83   PHE B CD2 1 
ATOM   1314 C CE1 . PHE B 1 79 ? 3.728   -1.151  -5.615  1.00 10.05 ? 83   PHE B CE1 1 
ATOM   1315 C CE2 . PHE B 1 79 ? 3.979   -2.051  -3.395  1.00 10.45 ? 83   PHE B CE2 1 
ATOM   1316 C CZ  . PHE B 1 79 ? 4.126   -1.005  -4.291  1.00 9.68  ? 83   PHE B CZ  1 
ATOM   1317 N N   . ALA B 1 80 ? 3.975   -5.299  -8.398  1.00 11.13 ? 84   ALA B N   1 
ATOM   1318 C CA  . ALA B 1 80 ? 4.456   -4.698  -9.624  1.00 11.37 ? 84   ALA B CA  1 
ATOM   1319 C C   . ALA B 1 80 ? 3.484   -3.617  -10.034 1.00 10.78 ? 84   ALA B C   1 
ATOM   1320 O O   . ALA B 1 80 ? 2.256   -3.724  -9.881  1.00 10.32 ? 84   ALA B O   1 
ATOM   1321 C CB  . ALA B 1 80 ? 4.563   -5.761  -10.721 1.00 12.32 ? 84   ALA B CB  1 
ATOM   1322 N N   . GLY B 1 81 ? 4.039   -2.523  -10.539 1.00 10.71 ? 85   GLY B N   1 
ATOM   1323 C CA  . GLY B 1 81 ? 3.263   -1.368  -10.930 1.00 10.18 ? 85   GLY B CA  1 
ATOM   1324 C C   . GLY B 1 81 ? 3.259   -0.242  -9.897  1.00 10.61 ? 85   GLY B C   1 
ATOM   1325 O O   . GLY B 1 81 ? 3.812   -0.368  -8.809  1.00 10.47 ? 85   GLY B O   1 
ATOM   1326 N N   . GLN B 1 82 ? 2.650   0.863   -10.282 1.00 11.18 ? 86   GLN B N   1 
ATOM   1327 C CA  . GLN B 1 82 ? 2.293   1.929   -9.348  1.00 11.69 ? 86   GLN B CA  1 
ATOM   1328 C C   . GLN B 1 82 ? 0.958   1.637   -8.731  1.00 11.07 ? 86   GLN B C   1 
ATOM   1329 O O   . GLN B 1 82 ? 0.185   0.807   -9.248  1.00 10.21 ? 86   GLN B O   1 
ATOM   1330 C CB  . GLN B 1 82 ? 2.181   3.264   -10.042 1.00 12.61 ? 86   GLN B CB  1 
ATOM   1331 C CG  . GLN B 1 82 ? 3.369   3.536   -10.888 1.00 18.96 ? 86   GLN B CG  1 
ATOM   1332 C CD  . GLN B 1 82 ? 4.241   4.477   -10.241 1.00 24.45 ? 86   GLN B CD  1 
ATOM   1333 O OE1 . GLN B 1 82 ? 5.130   4.070   -9.490  1.00 28.29 ? 86   GLN B OE1 1 
ATOM   1334 N NE2 . GLN B 1 82 ? 3.979   5.781   -10.461 1.00 22.18 ? 86   GLN B NE2 1 
ATOM   1335 N N   . ILE B 1 83 ? 0.674   2.337   -7.630  1.00 10.45 ? 87   ILE B N   1 
ATOM   1336 C CA  . ILE B 1 83 ? -0.573  2.143   -6.899  1.00 9.85  ? 87   ILE B CA  1 
ATOM   1337 C C   . ILE B 1 83 ? -1.408  3.413   -6.798  1.00 10.34 ? 87   ILE B C   1 
ATOM   1338 O O   . ILE B 1 83 ? -0.886  4.513   -6.468  1.00 10.25 ? 87   ILE B O   1 
ATOM   1339 C CB  . ILE B 1 83 ? -0.292  1.622   -5.439  1.00 10.00 ? 87   ILE B CB  1 
ATOM   1340 C CG1 . ILE B 1 83 ? 0.281   0.195   -5.450  1.00 11.81 ? 87   ILE B CG1 1 
ATOM   1341 C CG2 . ILE B 1 83 ? -1.547  1.788   -4.550  1.00 11.03 ? 87   ILE B CG2 1 
ATOM   1342 C CD1 . ILE B 1 83 ? 0.714   -0.327  -4.098  1.00 15.06 ? 87   ILE B CD1 1 
ATOM   1343 N N   . GLN B 1 84 ? -2.699  3.262   -7.053  1.00 9.37  ? 88   GLN B N   1 
ATOM   1344 C CA  . GLN B 1 84 ? -3.713  4.179   -6.572  1.00 10.58 ? 88   GLN B CA  1 
ATOM   1345 C C   . GLN B 1 84 ? -4.673  3.392   -5.699  1.00 10.59 ? 88   GLN B C   1 
ATOM   1346 O O   . GLN B 1 84 ? -5.133  2.301   -6.073  1.00 11.71 ? 88   GLN B O   1 
ATOM   1347 C CB  . GLN B 1 84 ? -4.451  4.857   -7.715  1.00 11.56 ? 88   GLN B CB  1 
ATOM   1348 C CG  . GLN B 1 84 ? -3.606  5.899   -8.397  1.00 15.25 ? 88   GLN B CG  1 
ATOM   1349 C CD  . GLN B 1 84 ? -4.097  6.194   -9.818  1.00 22.84 ? 88   GLN B CD  1 
ATOM   1350 O OE1 . GLN B 1 84 ? -4.922  5.460   -10.341 1.00 24.03 ? 88   GLN B OE1 1 
ATOM   1351 N NE2 . GLN B 1 84 ? -3.596  7.268   -10.432 1.00 25.46 ? 88   GLN B NE2 1 
ATOM   1352 N N   . ALA B 1 85 ? -4.942  3.906   -4.522  1.00 9.09  ? 89   ALA B N   1 
ATOM   1353 C CA  . ALA B 1 85 ? -5.786  3.179   -3.577  1.00 9.47  ? 89   ALA B CA  1 
ATOM   1354 C C   . ALA B 1 85 ? -6.642  4.089   -2.739  1.00 9.63  ? 89   ALA B C   1 
ATOM   1355 O O   . ALA B 1 85 ? -6.231  5.212   -2.404  1.00 9.88  ? 89   ALA B O   1 
ATOM   1356 C CB  . ALA B 1 85 ? -4.950  2.324   -2.715  1.00 9.14  ? 89   ALA B CB  1 
ATOM   1357 N N   . ASP B 1 86 ? -7.846  3.616   -2.439  1.00 8.30  ? 90   ASP B N   1 
ATOM   1358 C CA  . ASP B 1 86 ? -8.730  4.273   -1.517  1.00 8.87  ? 90   ASP B CA  1 
ATOM   1359 C C   . ASP B 1 86 ? -9.549  3.257   -0.733  1.00 8.63  ? 90   ASP B C   1 
ATOM   1360 O O   . ASP B 1 86 ? -9.202  2.079   -0.729  1.00 8.89  ? 90   ASP B O   1 
ATOM   1361 C CB  . ASP B 1 86 ? -9.586  5.319   -2.216  1.00 9.98  ? 90   ASP B CB  1 
ATOM   1362 C CG  . ASP B 1 86 ? -10.575 4.741   -3.196  1.00 13.20 ? 90   ASP B CG  1 
ATOM   1363 O OD1 . ASP B 1 86 ? -10.882 3.534   -3.159  1.00 10.31 ? 90   ASP B OD1 1 
ATOM   1364 O OD2 . ASP B 1 86 ? -11.149 5.496   -4.034  1.00 18.09 ? 90   ASP B OD2 1 
ATOM   1365 N N   . GLU B 1 87 ? -10.616 3.693   -0.079  1.00 8.77  ? 91   GLU B N   1 
ATOM   1366 C CA  . GLU B 1 87 ? -11.379 2.782   0.781   1.00 9.62  ? 91   GLU B CA  1 
ATOM   1367 C C   . GLU B 1 87 ? -12.146 1.723   -0.041  1.00 9.09  ? 91   GLU B C   1 
ATOM   1368 O O   . GLU B 1 87 ? -12.562 0.701   0.485   1.00 10.15 ? 91   GLU B O   1 
ATOM   1369 C CB  . GLU B 1 87 ? -12.291 3.552   1.731   1.00 10.30 ? 91   GLU B CB  1 
ATOM   1370 C CG  . GLU B 1 87 ? -13.313 4.419   0.993   1.00 14.84 ? 91   GLU B CG  1 
ATOM   1371 C CD  . GLU B 1 87 ? -12.847 5.851   0.643   1.00 21.28 ? 91   GLU B CD  1 
ATOM   1372 O OE1 . GLU B 1 87 ? -11.612 6.182   0.498   1.00 20.12 ? 91   GLU B OE1 1 
ATOM   1373 O OE2 . GLU B 1 87 ? -13.770 6.693   0.477   1.00 26.02 ? 91   GLU B OE2 1 
ATOM   1374 N N   . ASP B 1 88 ? -12.310 1.948   -1.333  1.00 9.04  ? 92   ASP B N   1 
ATOM   1375 C CA  . ASP B 1 88 ? -13.130 1.078   -2.173  1.00 9.67  ? 92   ASP B CA  1 
ATOM   1376 C C   . ASP B 1 88 ? -12.354 0.128   -3.073  1.00 9.00  ? 92   ASP B C   1 
ATOM   1377 O O   . ASP B 1 88 ? -12.906 -0.842  -3.543  1.00 8.46  ? 92   ASP B O   1 
ATOM   1378 C CB  . ASP B 1 88 ? -14.043 1.945   -3.042  1.00 10.53 ? 92   ASP B CB  1 
ATOM   1379 C CG  . ASP B 1 88 ? -15.058 2.699   -2.225  1.00 14.34 ? 92   ASP B CG  1 
ATOM   1380 O OD1 . ASP B 1 88 ? -15.624 2.147   -1.266  1.00 14.71 ? 92   ASP B OD1 1 
ATOM   1381 O OD2 . ASP B 1 88 ? -15.338 3.879   -2.465  1.00 20.85 ? 92   ASP B OD2 1 
ATOM   1382 N N   . GLN B 1 89 ? -11.082 0.400   -3.335  1.00 8.73  ? 93   GLN B N   1 
ATOM   1383 C CA  . GLN B 1 89 ? -10.313 -0.398  -4.287  1.00 9.33  ? 93   GLN B CA  1 
ATOM   1384 C C   . GLN B 1 89 ? -8.847  -0.065  -4.260  1.00 9.12  ? 93   GLN B C   1 
ATOM   1385 O O   . GLN B 1 89 ? -8.417  0.970   -3.717  1.00 10.39 ? 93   GLN B O   1 
ATOM   1386 C CB  . GLN B 1 89 ? -10.792 -0.225  -5.753  1.00 9.51  ? 93   GLN B CB  1 
ATOM   1387 C CG  . GLN B 1 89 ? -10.630 1.192   -6.337  1.00 12.28 ? 93   GLN B CG  1 
ATOM   1388 C CD  . GLN B 1 89 ? -10.994 1.166   -7.837  1.00 16.69 ? 93   GLN B CD  1 
ATOM   1389 O OE1 . GLN B 1 89 ? -12.083 0.784   -8.166  1.00 23.33 ? 93   GLN B OE1 1 
ATOM   1390 N NE2 . GLN B 1 89 ? -10.053 1.488   -8.711  1.00 23.53 ? 93   GLN B NE2 1 
ATOM   1391 N N   . ILE B 1 90 ? -8.072  -0.975  -4.825  1.00 8.72  ? 94   ILE B N   1 
ATOM   1392 C CA  . ILE B 1 90 ? -6.694  -0.688  -5.204  1.00 8.12  ? 94   ILE B CA  1 
ATOM   1393 C C   . ILE B 1 90 ? -6.544  -0.910  -6.717  1.00 10.49 ? 94   ILE B C   1 
ATOM   1394 O O   . ILE B 1 90 ? -7.128  -1.840  -7.298  1.00 9.64  ? 94   ILE B O   1 
ATOM   1395 C CB  . ILE B 1 90 ? -5.701  -1.523  -4.384  1.00 7.77  ? 94   ILE B CB  1 
ATOM   1396 C CG1 . ILE B 1 90 ? -4.267  -1.090  -4.672  1.00 8.28  ? 94   ILE B CG1 1 
ATOM   1397 C CG2 . ILE B 1 90 ? -5.872  -3.050  -4.615  1.00 7.62  ? 94   ILE B CG2 1 
ATOM   1398 C CD1 . ILE B 1 90 ? -3.290  -1.516  -3.586  1.00 9.23  ? 94   ILE B CD1 1 
ATOM   1399 N N   . ARG B 1 91 ? -5.769  -0.025  -7.335  1.00 10.13 ? 95   ARG B N   1 
ATOM   1400 C CA  . ARG B 1 91 ? -5.429  -0.113  -8.751  1.00 10.59 ? 95   ARG B CA  1 
ATOM   1401 C C   . ARG B 1 91 ? -3.930  -0.188  -8.857  1.00 10.38 ? 95   ARG B C   1 
ATOM   1402 O O   . ARG B 1 91 ? -3.237  0.749   -8.423  1.00 10.01 ? 95   ARG B O   1 
ATOM   1403 C CB  . ARG B 1 91 ? -5.967  1.115   -9.492  1.00 11.87 ? 95   ARG B CB  1 
ATOM   1404 C CG  . ARG B 1 91 ? -5.596  1.150   -10.983 1.00 15.28 ? 95   ARG B CG  1 
ATOM   1405 C CD  . ARG B 1 91 ? -5.986  2.478   -11.639 1.00 19.36 ? 95   ARG B CD  1 
ATOM   1406 N NE  . ARG B 1 91 ? -5.603  2.481   -13.050 1.00 25.42 ? 95   ARG B NE  1 
ATOM   1407 C CZ  . ARG B 1 91 ? -4.923  3.438   -13.669 1.00 25.51 ? 95   ARG B CZ  1 
ATOM   1408 N NH1 . ARG B 1 91 ? -4.524  4.537   -13.037 1.00 26.82 ? 95   ARG B NH1 1 
ATOM   1409 N NH2 . ARG B 1 91 ? -4.638  3.290   -14.960 1.00 28.53 ? 95   ARG B NH2 1 
ATOM   1410 N N   . PHE B 1 92 ? -3.412  -1.281  -9.444  1.00 9.68  ? 96   PHE B N   1 
ATOM   1411 C CA  . PHE B 1 92 ? -2.016  -1.379  -9.846  1.00 9.82  ? 96   PHE B CA  1 
ATOM   1412 C C   . PHE B 1 92 ? -1.932  -0.985  -11.313 1.00 11.27 ? 96   PHE B C   1 
ATOM   1413 O O   . PHE B 1 92 ? -2.753  -1.438  -12.140 1.00 10.86 ? 96   PHE B O   1 
ATOM   1414 C CB  . PHE B 1 92 ? -1.446  -2.806  -9.672  1.00 9.73  ? 96   PHE B CB  1 
ATOM   1415 C CG  . PHE B 1 92 ? -1.574  -3.327  -8.285  1.00 8.49  ? 96   PHE B CG  1 
ATOM   1416 C CD1 . PHE B 1 92 ? -2.735  -4.016  -7.878  1.00 8.47  ? 96   PHE B CD1 1 
ATOM   1417 C CD2 . PHE B 1 92 ? -0.566  -3.108  -7.372  1.00 10.28 ? 96   PHE B CD2 1 
ATOM   1418 C CE1 . PHE B 1 92 ? -2.866  -4.456  -6.607  1.00 9.93  ? 96   PHE B CE1 1 
ATOM   1419 C CE2 . PHE B 1 92 ? -0.706  -3.556  -6.056  1.00 9.91  ? 96   PHE B CE2 1 
ATOM   1420 C CZ  . PHE B 1 92 ? -1.832  -4.242  -5.690  1.00 8.67  ? 96   PHE B CZ  1 
ATOM   1421 N N   . TYR B 1 93 ? -0.972  -0.150  -11.673 1.00 11.53 ? 97   TYR B N   1 
ATOM   1422 C CA  . TYR B 1 93 ? -0.933  0.302   -13.085 1.00 12.14 ? 97   TYR B CA  1 
ATOM   1423 C C   . TYR B 1 93 ? 0.490   0.616   -13.533 1.00 14.97 ? 97   TYR B C   1 
ATOM   1424 O O   . TYR B 1 93 ? 1.326   0.997   -12.743 1.00 12.00 ? 97   TYR B O   1 
ATOM   1425 C CB  . TYR B 1 93 ? -1.886  1.488   -13.316 1.00 12.73 ? 97   TYR B CB  1 
ATOM   1426 C CG  . TYR B 1 93 ? -1.450  2.773   -12.623 1.00 9.85  ? 97   TYR B CG  1 
ATOM   1427 C CD1 . TYR B 1 93 ? -0.756  3.760   -13.304 1.00 13.13 ? 97   TYR B CD1 1 
ATOM   1428 C CD2 . TYR B 1 93 ? -1.676  2.962   -11.273 1.00 12.89 ? 97   TYR B CD2 1 
ATOM   1429 C CE1 . TYR B 1 93 ? -0.332  4.914   -12.660 1.00 15.30 ? 97   TYR B CE1 1 
ATOM   1430 C CE2 . TYR B 1 93 ? -1.263  4.115   -10.627 1.00 14.02 ? 97   TYR B CE2 1 
ATOM   1431 C CZ  . TYR B 1 93 ? -0.576  5.093   -11.334 1.00 16.47 ? 97   TYR B CZ  1 
ATOM   1432 O OH  . TYR B 1 93 ? -0.155  6.274   -10.716 1.00 16.78 ? 97   TYR B OH  1 
ATOM   1433 N N   . PHE B 1 94 ? 0.732   0.445   -14.835 1.00 16.78 ? 98   PHE B N   1 
ATOM   1434 C CA  . PHE B 1 94 ? 1.988   0.779   -15.451 1.00 21.91 ? 98   PHE B CA  1 
ATOM   1435 C C   . PHE B 1 94 ? 1.979   2.251   -15.876 1.00 25.51 ? 98   PHE B C   1 
ATOM   1436 O O   . PHE B 1 94 ? 1.030   2.713   -16.492 1.00 25.47 ? 98   PHE B O   1 
ATOM   1437 C CB  . PHE B 1 94 ? 2.195   -0.109  -16.682 1.00 21.99 ? 98   PHE B CB  1 
ATOM   1438 C CG  . PHE B 1 94 ? 3.408   0.252   -17.476 1.00 26.95 ? 98   PHE B CG  1 
ATOM   1439 C CD1 . PHE B 1 94 ? 4.660   -0.206  -17.097 1.00 29.55 ? 98   PHE B CD1 1 
ATOM   1440 C CD2 . PHE B 1 94 ? 3.297   1.073   -18.598 1.00 30.35 ? 98   PHE B CD2 1 
ATOM   1441 C CE1 . PHE B 1 94 ? 5.792   0.132   -17.839 1.00 32.24 ? 98   PHE B CE1 1 
ATOM   1442 C CE2 . PHE B 1 94 ? 4.427   1.422   -19.328 1.00 30.82 ? 98   PHE B CE2 1 
ATOM   1443 C CZ  . PHE B 1 94 ? 5.668   0.948   -18.950 1.00 31.53 ? 98   PHE B CZ  1 
ATOM   1444 N N   . ASP B 1 95 ? 3.050   2.962   -15.538 1.00 30.58 ? 99   ASP B N   1 
ATOM   1445 C CA  . ASP B 1 95 ? 3.264   4.345   -15.968 1.00 34.82 ? 99   ASP B CA  1 
ATOM   1446 C C   . ASP B 1 95 ? 4.583   4.360   -16.737 1.00 38.21 ? 99   ASP B C   1 
ATOM   1447 O O   . ASP B 1 95 ? 5.640   4.088   -16.143 1.00 39.26 ? 99   ASP B O   1 
ATOM   1448 C CB  . ASP B 1 95 ? 3.351   5.255   -14.738 1.00 35.10 ? 99   ASP B CB  1 
ATOM   1449 C CG  . ASP B 1 95 ? 3.198   6.728   -15.072 1.00 36.70 ? 99   ASP B CG  1 
ATOM   1450 O OD1 . ASP B 1 95 ? 3.406   7.126   -16.248 1.00 37.74 ? 99   ASP B OD1 1 
ATOM   1451 O OD2 . ASP B 1 95 ? 2.874   7.566   -14.203 1.00 36.84 ? 99   ASP B OD2 1 
ATOM   1452 N N   . LYS B 1 96 ? 4.513   4.644   -18.045 1.00 42.07 ? 100  LYS B N   1 
ATOM   1453 C CA  . LYS B 1 96 ? 5.693   4.644   -18.945 1.00 45.00 ? 100  LYS B CA  1 
ATOM   1454 C C   . LYS B 1 96 ? 6.943   5.273   -18.299 1.00 46.75 ? 100  LYS B C   1 
ATOM   1455 O O   . LYS B 1 96 ? 7.718   4.578   -17.616 1.00 47.10 ? 100  LYS B O   1 
ATOM   1456 C CB  . LYS B 1 96 ? 5.367   5.346   -20.291 1.00 45.43 ? 100  LYS B CB  1 
ATOM   1457 C CG  . LYS B 1 96 ? 4.800   4.438   -21.385 1.00 47.21 ? 100  LYS B CG  1 
ATOM   1458 C CD  . LYS B 1 96 ? 4.605   5.204   -22.696 1.00 49.12 ? 100  LYS B CD  1 
ATOM   1459 C CE  . LYS B 1 96 ? 4.274   4.271   -23.868 1.00 50.16 ? 100  LYS B CE  1 
ATOM   1460 N NZ  . LYS B 1 96 ? 2.818   3.945   -23.934 1.00 50.98 ? 100  LYS B NZ  1 
ATOM   1461 N N   . THR B 1 97 ? 7.132   6.577   -18.513 1.00 48.70 ? 101  THR B N   1 
ATOM   1462 C CA  . THR B 1 97 ? 8.212   7.325   -17.872 1.00 50.01 ? 101  THR B CA  1 
ATOM   1463 C C   . THR B 1 97 ? 7.640   7.883   -16.570 1.00 50.53 ? 101  THR B C   1 
ATOM   1464 O O   . THR B 1 97 ? 8.054   7.456   -15.480 1.00 51.13 ? 101  THR B O   1 
ATOM   1465 C CB  . THR B 1 97 ? 8.732   8.474   -18.789 1.00 50.43 ? 101  THR B CB  1 
ATOM   1466 O OG1 . THR B 1 97 ? 7.702   9.453   -18.999 1.00 51.42 ? 101  THR B OG1 1 
ATOM   1467 C CG2 . THR B 1 97 ? 9.068   7.972   -20.209 1.00 50.90 ? 101  THR B CG2 1 
ATOM   1468 N N   . MET B 1 98 ? 6.746   8.742   -16.643 1.00 50.93 ? 102  MET B N   1 
HETATM 1469 O O   . HOH C 2 .  ? -5.215  7.833   21.679  1.00 53.18 ? 2001 HOH A O   1 
HETATM 1470 O O   . HOH C 2 .  ? -6.433  3.906   17.779  1.00 41.14 ? 2002 HOH A O   1 
HETATM 1471 O O   . HOH C 2 .  ? -6.424  3.452   20.126  1.00 47.49 ? 2003 HOH A O   1 
HETATM 1472 O O   . HOH C 2 .  ? -0.325  10.780  19.059  1.00 33.46 ? 2004 HOH A O   1 
HETATM 1473 O O   . HOH C 2 .  ? 0.227   8.794   21.359  1.00 49.17 ? 2005 HOH A O   1 
HETATM 1474 O O   . HOH C 2 .  ? 2.078   5.684   18.337  1.00 37.31 ? 2006 HOH A O   1 
HETATM 1475 O O   . HOH C 2 .  ? -0.509  2.776   15.938  1.00 35.93 ? 2007 HOH A O   1 
HETATM 1476 O O   . HOH C 2 .  ? -2.954  2.612   15.976  1.00 39.48 ? 2008 HOH A O   1 
HETATM 1477 O O   . HOH C 2 .  ? -3.936  4.113   18.681  1.00 34.88 ? 2009 HOH A O   1 
HETATM 1478 O O   . HOH C 2 .  ? -5.396  3.457   14.593  1.00 33.91 ? 2010 HOH A O   1 
HETATM 1479 O O   . HOH C 2 .  ? 2.573   3.758   12.526  1.00 15.52 ? 2011 HOH A O   1 
HETATM 1480 O O   . HOH C 2 .  ? -1.428  2.568   19.308  1.00 49.70 ? 2012 HOH A O   1 
HETATM 1481 O O   . HOH C 2 .  ? 1.998   2.753   14.936  1.00 22.58 ? 2013 HOH A O   1 
HETATM 1482 O O   . HOH C 2 .  ? -6.914  2.709   12.521  1.00 39.73 ? 2014 HOH A O   1 
HETATM 1483 O O   . HOH C 2 .  ? 13.803  0.585   8.969   1.00 25.36 ? 2015 HOH A O   1 
HETATM 1484 O O   . HOH C 2 .  ? 18.677  10.963  5.932   1.00 41.59 ? 2016 HOH A O   1 
HETATM 1485 O O   . HOH C 2 .  ? 14.871  -7.462  8.252   1.00 51.87 ? 2017 HOH A O   1 
HETATM 1486 O O   . HOH C 2 .  ? 10.954  -10.625 6.273   1.00 49.32 ? 2018 HOH A O   1 
HETATM 1487 O O   . HOH C 2 .  ? 19.974  2.561   9.373   1.00 50.21 ? 2019 HOH A O   1 
HETATM 1488 O O   . HOH C 2 .  ? 19.358  8.398   6.213   1.00 39.95 ? 2020 HOH A O   1 
HETATM 1489 O O   . HOH C 2 .  ? 3.736   25.491  10.000  0.33 18.23 ? 2021 HOH A O   1 
HETATM 1490 O O   . HOH C 2 .  ? 1.472   25.551  8.863   0.33 32.83 ? 2022 HOH A O   1 
HETATM 1491 O O   . HOH C 2 .  ? 13.669  10.235  15.660  1.00 32.70 ? 2023 HOH A O   1 
HETATM 1492 O O   . HOH C 2 .  ? 13.054  13.953  14.500  1.00 37.21 ? 2024 HOH A O   1 
HETATM 1493 O O   . HOH C 2 .  ? 17.450  -1.432  5.469   1.00 45.09 ? 2025 HOH A O   1 
HETATM 1494 O O   . HOH C 2 .  ? 17.812  4.125   10.223  1.00 37.33 ? 2026 HOH A O   1 
HETATM 1495 O O   . HOH C 2 .  ? 17.320  7.041   7.444   1.00 17.38 ? 2027 HOH A O   1 
HETATM 1496 O O   . HOH C 2 .  ? 18.142  6.593   -0.336  1.00 45.08 ? 2028 HOH A O   1 
HETATM 1497 O O   . HOH C 2 .  ? 18.274  0.949   3.542   1.00 31.13 ? 2029 HOH A O   1 
HETATM 1498 O O   . HOH C 2 .  ? 5.589   23.737  8.758   1.00 26.35 ? 2030 HOH A O   1 
HETATM 1499 O O   . HOH C 2 .  ? 2.111   23.732  6.145   1.00 38.47 ? 2031 HOH A O   1 
HETATM 1500 O O   . HOH C 2 .  ? 15.099  12.650  13.328  1.00 36.64 ? 2032 HOH A O   1 
HETATM 1501 O O   . HOH C 2 .  ? 11.756  12.151  15.702  1.00 30.05 ? 2033 HOH A O   1 
HETATM 1502 O O   . HOH C 2 .  ? 18.976  -3.050  16.824  1.00 40.12 ? 2034 HOH A O   1 
HETATM 1503 O O   . HOH C 2 .  ? 13.771  -9.092  13.156  1.00 28.73 ? 2035 HOH A O   1 
HETATM 1504 O O   . HOH C 2 .  ? 11.563  15.314  13.058  1.00 45.05 ? 2036 HOH A O   1 
HETATM 1505 O O   . HOH C 2 .  ? 5.950   21.555  10.179  1.00 28.41 ? 2037 HOH A O   1 
HETATM 1506 O O   . HOH C 2 .  ? 4.494   22.608  6.685   1.00 27.98 ? 2038 HOH A O   1 
HETATM 1507 O O   . HOH C 2 .  ? 2.210   17.914  -2.742  1.00 31.69 ? 2039 HOH A O   1 
HETATM 1508 O O   . HOH C 2 .  ? 4.177   20.655  3.144   1.00 34.59 ? 2040 HOH A O   1 
HETATM 1509 O O   . HOH C 2 .  ? -2.179  15.993  9.156   1.00 24.83 ? 2041 HOH A O   1 
HETATM 1510 O O   . HOH C 2 .  ? -1.239  19.512  10.498  1.00 33.40 ? 2042 HOH A O   1 
HETATM 1511 O O   . HOH C 2 .  ? 5.010   22.324  13.339  1.00 29.17 ? 2043 HOH A O   1 
HETATM 1512 O O   . HOH C 2 .  ? -6.013  15.359  12.062  1.00 48.42 ? 2044 HOH A O   1 
HETATM 1513 O O   . HOH C 2 .  ? 12.317  -2.795  -4.039  1.00 47.94 ? 2045 HOH A O   1 
HETATM 1514 O O   . HOH C 2 .  ? 12.752  6.515   -8.816  1.00 41.47 ? 2046 HOH A O   1 
HETATM 1515 O O   . HOH C 2 .  ? 15.487  0.685   -0.392  1.00 41.08 ? 2047 HOH A O   1 
HETATM 1516 O O   . HOH C 2 .  ? -0.510  13.408  16.785  1.00 12.38 ? 2048 HOH A O   1 
HETATM 1517 O O   . HOH C 2 .  ? 2.099   14.658  24.609  1.00 28.27 ? 2049 HOH A O   1 
HETATM 1518 O O   . HOH C 2 .  ? 9.325   11.791  16.976  1.00 24.65 ? 2050 HOH A O   1 
HETATM 1519 O O   . HOH C 2 .  ? 2.033   10.832  17.982  1.00 16.14 ? 2051 HOH A O   1 
HETATM 1520 O O   . HOH C 2 .  ? 3.008   9.206   21.754  1.00 34.04 ? 2052 HOH A O   1 
HETATM 1521 O O   . HOH C 2 .  ? -6.093  -1.263  10.986  1.00 36.32 ? 2053 HOH A O   1 
HETATM 1522 O O   . HOH C 2 .  ? 3.134   3.268   17.037  1.00 35.08 ? 2054 HOH A O   1 
HETATM 1523 O O   . HOH C 2 .  ? 4.793   5.169   16.935  1.00 28.37 ? 2055 HOH A O   1 
HETATM 1524 O O   . HOH C 2 .  ? 16.468  1.962   18.650  1.00 21.77 ? 2056 HOH A O   1 
HETATM 1525 O O   . HOH C 2 .  ? 16.875  0.697   16.000  1.00 38.28 ? 2057 HOH A O   1 
HETATM 1526 O O   . HOH C 2 .  ? 16.439  1.697   13.470  1.00 37.92 ? 2058 HOH A O   1 
HETATM 1527 O O   . HOH C 2 .  ? 13.918  5.877   14.420  1.00 54.26 ? 2059 HOH A O   1 
HETATM 1528 O O   . HOH C 2 .  ? 17.707  -5.259  17.375  1.00 29.12 ? 2060 HOH A O   1 
HETATM 1529 O O   . HOH C 2 .  ? 16.742  -8.491  15.584  1.00 18.46 ? 2061 HOH A O   1 
HETATM 1530 O O   . HOH C 2 .  ? 16.566  -9.065  9.036   1.00 52.62 ? 2062 HOH A O   1 
HETATM 1531 O O   . HOH C 2 .  ? 12.314  -6.009  13.153  1.00 31.64 ? 2063 HOH A O   1 
HETATM 1532 O O   . HOH C 2 .  ? 16.368  -2.667  17.362  1.00 16.80 ? 2064 HOH A O   1 
HETATM 1533 O O   . HOH C 2 .  ? -15.720 -5.511  11.397  1.00 40.73 ? 2065 HOH A O   1 
HETATM 1534 O O   . HOH C 2 .  ? 16.051  0.398   10.868  1.00 20.24 ? 2066 HOH A O   1 
HETATM 1535 O O   . HOH C 2 .  ? 8.845   -0.201  16.253  1.00 18.66 ? 2067 HOH A O   1 
HETATM 1536 O O   . HOH C 2 .  ? -6.519  12.921  16.367  1.00 36.57 ? 2068 HOH A O   1 
HETATM 1537 O O   . HOH C 2 .  ? -1.392  12.670  20.484  1.00 53.66 ? 2069 HOH A O   1 
HETATM 1538 O O   . HOH C 2 .  ? -6.492  15.904  4.734   1.00 54.14 ? 2070 HOH A O   1 
HETATM 1539 O O   . HOH C 2 .  ? 4.032   18.950  -0.464  1.00 20.22 ? 2071 HOH A O   1 
HETATM 1540 O O   . HOH C 2 .  ? 3.854   15.061  -6.634  1.00 23.60 ? 2072 HOH A O   1 
HETATM 1541 O O   . HOH C 2 .  ? 7.768   20.382  0.944   1.00 18.88 ? 2073 HOH A O   1 
HETATM 1542 O O   . HOH C 2 .  ? 9.552   16.675  -8.858  1.00 36.87 ? 2074 HOH A O   1 
HETATM 1543 O O   . HOH C 2 .  ? 8.522   22.429  -1.805  1.00 23.68 ? 2075 HOH A O   1 
HETATM 1544 O O   . HOH C 2 .  ? 10.858  19.481  2.250   1.00 17.27 ? 2076 HOH A O   1 
HETATM 1545 O O   . HOH C 2 .  ? 15.371  14.054  5.907   1.00 21.31 ? 2077 HOH A O   1 
HETATM 1546 O O   . HOH C 2 .  ? 19.176  14.557  -7.892  1.00 47.20 ? 2078 HOH A O   1 
HETATM 1547 O O   . HOH C 2 .  ? 5.647   10.144  -9.592  1.00 33.44 ? 2079 HOH A O   1 
HETATM 1548 O O   . HOH C 2 .  ? 11.021  -1.794  -6.233  1.00 41.05 ? 2080 HOH A O   1 
HETATM 1549 O O   . HOH C 2 .  ? 9.924   4.078   -7.419  1.00 28.69 ? 2081 HOH A O   1 
HETATM 1550 O O   . HOH C 2 .  ? 6.215   -1.898  -7.909  1.00 17.76 ? 2082 HOH A O   1 
HETATM 1551 O O   . HOH C 2 .  ? 11.499  1.317   -5.660  1.00 37.38 ? 2083 HOH A O   1 
HETATM 1552 O O   . HOH C 2 .  ? 11.339  6.247   -6.455  1.00 16.20 ? 2084 HOH A O   1 
HETATM 1553 O O   . HOH C 2 .  ? 14.840  2.989   -0.562  1.00 38.16 ? 2085 HOH A O   1 
HETATM 1554 O O   . HOH C 2 .  ? 0.640   5.696   -4.577  1.00 11.54 ? 2086 HOH A O   1 
HETATM 1555 O O   . HOH C 2 .  ? 2.908   3.800   -6.462  1.00 10.34 ? 2087 HOH A O   1 
HETATM 1556 O O   . HOH C 2 .  ? 3.916   -2.960  0.469   1.00 37.91 ? 2088 HOH A O   1 
HETATM 1557 O O   . HOH C 2 .  ? 7.577   -5.143  -0.226  1.00 27.29 ? 2089 HOH A O   1 
HETATM 1558 O O   . HOH C 2 .  ? 12.072  -2.729  2.546   1.00 43.01 ? 2090 HOH A O   1 
HETATM 1559 O O   . HOH C 2 .  ? -1.893  -2.362  11.521  1.00 15.51 ? 2091 HOH A O   1 
HETATM 1560 O O   . HOH C 2 .  ? -4.511  0.355   12.505  1.00 27.13 ? 2092 HOH A O   1 
HETATM 1561 O O   . HOH C 2 .  ? -3.811  -0.657  9.134   1.00 14.11 ? 2093 HOH A O   1 
HETATM 1562 O O   . HOH C 2 .  ? -8.863  3.051   10.895  1.00 19.39 ? 2094 HOH A O   1 
HETATM 1563 O O   . HOH C 2 .  ? -9.271  1.208   3.662   1.00 8.81  ? 2095 HOH A O   1 
HETATM 1564 O O   . HOH C 2 .  ? -8.610  -1.059  9.967   1.00 23.42 ? 2096 HOH A O   1 
HETATM 1565 O O   . HOH C 2 .  ? -6.407  1.067   3.753   1.00 8.86  ? 2097 HOH A O   1 
HETATM 1566 O O   . HOH C 2 .  ? -8.872  3.732   2.629   1.00 8.27  ? 2098 HOH A O   1 
HETATM 1567 O O   . HOH C 2 .  ? -6.494  11.766  0.783   1.00 38.50 ? 2099 HOH A O   1 
HETATM 1568 O O   . HOH C 2 .  ? -12.056 10.021  3.252   1.00 38.21 ? 2100 HOH A O   1 
HETATM 1569 O O   . HOH C 2 .  ? -3.338  14.312  -5.645  1.00 46.73 ? 2101 HOH A O   1 
HETATM 1570 O O   . HOH C 2 .  ? -4.991  10.058  -2.592  1.00 36.44 ? 2102 HOH A O   1 
HETATM 1571 O O   . HOH C 2 .  ? -6.866  11.505  -6.766  1.00 58.52 ? 2103 HOH A O   1 
HETATM 1572 O O   . HOH C 2 .  ? 0.306   8.247   -12.152 1.00 36.78 ? 2104 HOH A O   1 
HETATM 1573 O O   . HOH C 2 .  ? -2.087  9.452   -9.253  1.00 22.82 ? 2105 HOH A O   1 
HETATM 1574 O O   . HOH C 2 .  ? 4.576   8.738   -7.425  1.00 12.46 ? 2106 HOH A O   1 
HETATM 1575 O O   . HOH C 2 .  ? 3.427   15.651  -3.888  1.00 12.13 ? 2107 HOH A O   1 
HETATM 1576 O O   . HOH C 2 .  ? 1.475   14.686  -10.380 1.00 48.93 ? 2108 HOH A O   1 
HETATM 1577 O O   . HOH C 2 .  ? -4.380  10.868  -0.483  1.00 23.24 ? 2109 HOH A O   1 
HETATM 1578 O O   . HOH C 2 .  ? -4.657  15.885  1.294   1.00 40.96 ? 2110 HOH A O   1 
HETATM 1579 O O   . HOH C 2 .  ? -1.829  17.317  0.692   1.00 43.23 ? 2111 HOH A O   1 
HETATM 1580 O O   . HOH C 2 .  ? -0.410  16.131  -2.484  1.00 26.77 ? 2112 HOH A O   1 
HETATM 1581 O O   . HOH C 2 .  ? -11.769 10.797  6.191   1.00 48.88 ? 2113 HOH A O   1 
HETATM 1582 O O   . HOH C 2 .  ? -12.799 9.055   8.399   1.00 44.16 ? 2114 HOH A O   1 
HETATM 1583 O O   . HOH C 2 .  ? -9.524  11.111  10.212  1.00 38.24 ? 2115 HOH A O   1 
HETATM 1584 O O   . HOH C 2 .  ? -12.627 5.689   4.521   1.00 22.70 ? 2116 HOH A O   1 
HETATM 1585 O O   . HOH C 2 .  ? -10.570 1.425   12.499  1.00 37.87 ? 2117 HOH A O   1 
HETATM 1586 O O   . HOH C 2 .  ? -13.141 8.213   11.553  1.00 36.55 ? 2118 HOH A O   1 
HETATM 1587 O O   . HOH C 2 .  ? -10.386 -2.785  10.369  1.00 21.92 ? 2119 HOH A O   1 
HETATM 1588 O O   . HOH C 2 .  ? -10.612 -0.952  11.570  1.00 56.00 ? 2120 HOH A O   1 
HETATM 1589 O O   . HOH C 2 .  ? -13.716 -4.484  9.483   1.00 26.63 ? 2121 HOH A O   1 
HETATM 1590 O O   . HOH D 2 .  ? 6.367   -6.671  -17.400 1.00 48.28 ? 2001 HOH B O   1 
HETATM 1591 O O   . HOH D 2 .  ? -1.207  -3.698  -21.372 1.00 56.58 ? 2002 HOH B O   1 
HETATM 1592 O O   . HOH D 2 .  ? 5.887   -6.254  -20.299 1.00 45.62 ? 2003 HOH B O   1 
HETATM 1593 O O   . HOH D 2 .  ? 6.735   -9.722  -16.206 1.00 45.31 ? 2004 HOH B O   1 
HETATM 1594 O O   . HOH D 2 .  ? 4.930   -3.147  -15.128 1.00 33.91 ? 2005 HOH B O   1 
HETATM 1595 O O   . HOH D 2 .  ? 0.203   -10.312 -16.754 1.00 35.17 ? 2006 HOH B O   1 
HETATM 1596 O O   . HOH D 2 .  ? 1.381   -10.450 -20.455 1.00 46.05 ? 2007 HOH B O   1 
HETATM 1597 O O   . HOH D 2 .  ? 4.012   -8.558  -9.275  1.00 34.54 ? 2008 HOH B O   1 
HETATM 1598 O O   . HOH D 2 .  ? 1.993   -8.884  -10.232 1.00 22.04 ? 2009 HOH B O   1 
HETATM 1599 O O   . HOH D 2 .  ? 4.506   -5.399  -23.069 1.00 45.76 ? 2010 HOH B O   1 
HETATM 1600 O O   . HOH D 2 .  ? 5.647   -1.014  -13.472 1.00 42.86 ? 2011 HOH B O   1 
HETATM 1601 O O   . HOH D 2 .  ? 2.290   -11.779 -16.090 1.00 37.76 ? 2012 HOH B O   1 
HETATM 1602 O O   . HOH D 2 .  ? -1.891  -13.993 3.605   1.00 49.80 ? 2013 HOH B O   1 
HETATM 1603 O O   . HOH D 2 .  ? 4.331   -19.574 2.326   1.00 25.40 ? 2014 HOH B O   1 
HETATM 1604 O O   . HOH D 2 .  ? -2.658  -15.255 1.901   1.00 14.94 ? 2015 HOH B O   1 
HETATM 1605 O O   . HOH D 2 .  ? -5.274  -21.004 -1.519  1.00 27.64 ? 2016 HOH B O   1 
HETATM 1606 O O   . HOH D 2 .  ? -1.199  -21.118 -3.152  1.00 33.30 ? 2017 HOH B O   1 
HETATM 1607 O O   . HOH D 2 .  ? -8.968  -19.681 0.292   1.00 22.71 ? 2018 HOH B O   1 
HETATM 1608 O O   . HOH D 2 .  ? 2.171   -19.567 3.999   1.00 30.91 ? 2019 HOH B O   1 
HETATM 1609 O O   . HOH D 2 .  ? -6.588  -18.897 -0.621  1.00 13.70 ? 2020 HOH B O   1 
HETATM 1610 O O   . HOH D 2 .  ? -2.625  -20.343 -1.094  1.00 23.88 ? 2021 HOH B O   1 
HETATM 1611 O O   . HOH D 2 .  ? -10.022 -19.341 6.712   1.00 30.05 ? 2022 HOH B O   1 
HETATM 1612 O O   . HOH D 2 .  ? -3.992  -21.077 5.318   0.33 24.49 ? 2023 HOH B O   1 
HETATM 1613 O O   . HOH D 2 .  ? -8.713  -17.262 7.188   1.00 35.61 ? 2024 HOH B O   1 
HETATM 1614 O O   . HOH D 2 .  ? -5.331  -21.217 2.374   1.00 51.65 ? 2025 HOH B O   1 
HETATM 1615 O O   . HOH D 2 .  ? -10.109 -17.489 2.100   1.00 17.28 ? 2026 HOH B O   1 
HETATM 1616 O O   . HOH D 2 .  ? -11.049 -18.670 4.246   1.00 30.84 ? 2027 HOH B O   1 
HETATM 1617 O O   . HOH D 2 .  ? -15.811 -8.005  12.084  1.00 45.16 ? 2028 HOH B O   1 
HETATM 1618 O O   . HOH D 2 .  ? -12.082 -22.325 -7.763  1.00 40.03 ? 2029 HOH B O   1 
HETATM 1619 O O   . HOH D 2 .  ? -7.810  -20.346 -8.840  1.00 35.53 ? 2030 HOH B O   1 
HETATM 1620 O O   . HOH D 2 .  ? -9.956  6.649   -9.903  1.00 45.22 ? 2031 HOH B O   1 
HETATM 1621 O O   . HOH D 2 .  ? 5.996   -24.411 1.383   1.00 47.54 ? 2032 HOH B O   1 
HETATM 1622 O O   . HOH D 2 .  ? -12.902 -18.379 -11.558 1.00 41.69 ? 2033 HOH B O   1 
HETATM 1623 O O   . HOH D 2 .  ? -9.714  -19.274 -10.398 1.00 38.25 ? 2034 HOH B O   1 
HETATM 1624 O O   . HOH D 2 .  ? 4.225   -11.120 3.107   1.00 32.04 ? 2035 HOH B O   1 
HETATM 1625 O O   . HOH D 2 .  ? -5.889  -17.617 -13.251 1.00 52.25 ? 2036 HOH B O   1 
HETATM 1626 O O   . HOH D 2 .  ? -7.820  -18.994 -11.883 1.00 32.59 ? 2037 HOH B O   1 
HETATM 1627 O O   . HOH D 2 .  ? -16.880 -1.392  -5.647  1.00 24.80 ? 2038 HOH B O   1 
HETATM 1628 O O   . HOH D 2 .  ? -14.131 -3.412  -11.802 1.00 39.70 ? 2039 HOH B O   1 
HETATM 1629 O O   . HOH D 2 .  ? -21.104 -5.013  -0.407  1.00 49.84 ? 2040 HOH B O   1 
HETATM 1630 O O   . HOH D 2 .  ? -8.554  -3.858  -15.813 1.00 27.25 ? 2041 HOH B O   1 
HETATM 1631 O O   . HOH D 2 .  ? -11.455 -4.628  -17.367 1.00 40.92 ? 2042 HOH B O   1 
HETATM 1632 O O   . HOH D 2 .  ? -19.959 -11.574 3.598   1.00 25.15 ? 2043 HOH B O   1 
HETATM 1633 O O   . HOH D 2 .  ? -14.835 -10.277 10.949  1.00 31.44 ? 2044 HOH B O   1 
HETATM 1634 O O   . HOH D 2 .  ? -17.256 1.428   2.870   1.00 50.37 ? 2045 HOH B O   1 
HETATM 1635 O O   . HOH D 2 .  ? -10.766 -11.500 -16.219 1.00 15.10 ? 2046 HOH B O   1 
HETATM 1636 O O   . HOH D 2 .  ? -1.737  -12.631 -24.884 1.00 40.45 ? 2047 HOH B O   1 
HETATM 1637 O O   . HOH D 2 .  ? -5.383  -15.872 -23.148 1.00 36.43 ? 2048 HOH B O   1 
HETATM 1638 O O   . HOH D 2 .  ? -3.867  -14.615 -25.145 1.00 28.67 ? 2049 HOH B O   1 
HETATM 1639 O O   . HOH D 2 .  ? -5.047  -10.735 -23.771 1.00 43.30 ? 2050 HOH B O   1 
HETATM 1640 O O   . HOH D 2 .  ? -3.817  -9.034  -19.022 1.00 16.83 ? 2051 HOH B O   1 
HETATM 1641 O O   . HOH D 2 .  ? -2.579  -14.336 -21.007 1.00 34.37 ? 2052 HOH B O   1 
HETATM 1642 O O   . HOH D 2 .  ? -5.861  -9.375  -21.673 1.00 24.24 ? 2053 HOH B O   1 
HETATM 1643 O O   . HOH D 2 .  ? 2.171   -13.644 6.013   1.00 35.99 ? 2054 HOH B O   1 
HETATM 1644 O O   . HOH D 2 .  ? -2.022  -11.537 -17.865 1.00 27.22 ? 2055 HOH B O   1 
HETATM 1645 O O   . HOH D 2 .  ? -3.019  -13.354 -18.689 1.00 42.70 ? 2056 HOH B O   1 
HETATM 1646 O O   . HOH D 2 .  ? 10.657  -8.668  -2.265  1.00 46.31 ? 2057 HOH B O   1 
HETATM 1647 O O   . HOH D 2 .  ? -8.547  9.053   -2.243  1.00 43.58 ? 2058 HOH B O   1 
HETATM 1648 O O   . HOH D 2 .  ? -12.152 5.806   -8.313  1.00 43.84 ? 2059 HOH B O   1 
HETATM 1649 O O   . HOH D 2 .  ? -2.900  -21.040 -6.319  1.00 45.11 ? 2060 HOH B O   1 
HETATM 1650 O O   . HOH D 2 .  ? 0.581   -24.512 -3.980  1.00 45.85 ? 2061 HOH B O   1 
HETATM 1651 O O   . HOH D 2 .  ? 8.928   -11.243 -8.951  1.00 46.31 ? 2062 HOH B O   1 
HETATM 1652 O O   . HOH D 2 .  ? 2.995   -22.756 1.313   1.00 43.96 ? 2063 HOH B O   1 
HETATM 1653 O O   . HOH D 2 .  ? 1.311   -20.796 -3.149  1.00 35.19 ? 2064 HOH B O   1 
HETATM 1654 O O   . HOH D 2 .  ? 1.796   -23.400 -1.501  1.00 43.27 ? 2065 HOH B O   1 
HETATM 1655 O O   . HOH D 2 .  ? 1.937   -26.236 -2.381  1.00 30.03 ? 2066 HOH B O   1 
HETATM 1656 O O   . HOH D 2 .  ? 6.952   -11.770 2.501   1.00 44.89 ? 2067 HOH B O   1 
HETATM 1657 O O   . HOH D 2 .  ? 8.552   -11.995 -3.917  1.00 47.12 ? 2068 HOH B O   1 
HETATM 1658 O O   . HOH D 2 .  ? 3.850   -11.562 -13.721 1.00 33.06 ? 2069 HOH B O   1 
HETATM 1659 O O   . HOH D 2 .  ? -16.976 -4.205  -6.979  1.00 18.31 ? 2070 HOH B O   1 
HETATM 1660 O O   . HOH D 2 .  ? -19.354 -1.130  -0.922  1.00 30.24 ? 2071 HOH B O   1 
HETATM 1661 O O   . HOH D 2 .  ? -19.023 -6.709  -0.257  1.00 30.29 ? 2072 HOH B O   1 
HETATM 1662 O O   . HOH D 2 .  ? -19.962 -4.408  2.650   1.00 24.85 ? 2073 HOH B O   1 
HETATM 1663 O O   . HOH D 2 .  ? -20.854 -8.323  0.907   1.00 26.09 ? 2074 HOH B O   1 
HETATM 1664 O O   . HOH D 2 .  ? -17.892 -4.602  5.823   1.00 25.51 ? 2075 HOH B O   1 
HETATM 1665 O O   . HOH D 2 .  ? -21.947 -7.540  -1.894  1.00 36.53 ? 2076 HOH B O   1 
HETATM 1666 O O   . HOH D 2 .  ? -17.064 -16.649 -6.368  1.00 26.20 ? 2077 HOH B O   1 
HETATM 1667 O O   . HOH D 2 .  ? -12.727 -17.051 -3.618  1.00 35.42 ? 2078 HOH B O   1 
HETATM 1668 O O   . HOH D 2 .  ? -15.236 -17.988 -1.698  1.00 25.65 ? 2079 HOH B O   1 
HETATM 1669 O O   . HOH D 2 .  ? -12.640 -16.069 5.374   1.00 29.21 ? 2080 HOH B O   1 
HETATM 1670 O O   . HOH D 2 .  ? -10.748 -15.436 6.675   1.00 32.60 ? 2081 HOH B O   1 
HETATM 1671 O O   . HOH D 2 .  ? -7.946  -14.756 5.387   1.00 38.83 ? 2082 HOH B O   1 
HETATM 1672 O O   . HOH D 2 .  ? -13.185 -9.521  9.202   1.00 17.04 ? 2083 HOH B O   1 
HETATM 1673 O O   . HOH D 2 .  ? -19.629 -9.909  5.710   1.00 35.05 ? 2084 HOH B O   1 
HETATM 1674 O O   . HOH D 2 .  ? -11.060 -6.273  8.254   1.00 24.26 ? 2085 HOH B O   1 
HETATM 1675 O O   . HOH D 2 .  ? -16.265 -1.649  7.481   1.00 20.77 ? 2086 HOH B O   1 
HETATM 1676 O O   . HOH D 2 .  ? -11.422 -4.135  8.232   1.00 17.05 ? 2087 HOH B O   1 
HETATM 1677 O O   . HOH D 2 .  ? -15.893 -0.233  4.353   1.00 28.17 ? 2088 HOH B O   1 
HETATM 1678 O O   . HOH D 2 .  ? -5.702  -12.101 5.562   1.00 40.81 ? 2089 HOH B O   1 
HETATM 1679 O O   . HOH D 2 .  ? -10.145 -6.230  6.832   1.00 9.24  ? 2090 HOH B O   1 
HETATM 1680 O O   . HOH D 2 .  ? -6.756  1.738   0.465   1.00 7.34  ? 2091 HOH B O   1 
HETATM 1681 O O   . HOH D 2 .  ? 2.220   -2.833  2.665   1.00 36.29 ? 2092 HOH B O   1 
HETATM 1682 O O   . HOH D 2 .  ? 0.287   -12.733 4.026   1.00 24.33 ? 2093 HOH B O   1 
HETATM 1683 O O   . HOH D 2 .  ? 1.680   -11.865 1.850   1.00 17.00 ? 2094 HOH B O   1 
HETATM 1684 O O   . HOH D 2 .  ? -0.576  -11.680 7.740   1.00 15.11 ? 2095 HOH B O   1 
HETATM 1685 O O   . HOH D 2 .  ? 4.943   -4.948  -0.575  1.00 23.99 ? 2096 HOH B O   1 
HETATM 1686 O O   . HOH D 2 .  ? 8.401   -7.733  -6.961  1.00 44.31 ? 2097 HOH B O   1 
HETATM 1687 O O   . HOH D 2 .  ? 9.460   -6.424  -2.689  1.00 33.51 ? 2098 HOH B O   1 
HETATM 1688 O O   . HOH D 2 .  ? 8.498   -4.975  -7.809  1.00 39.18 ? 2099 HOH B O   1 
HETATM 1689 O O   . HOH D 2 .  ? 7.150   -2.723  -11.213 1.00 32.96 ? 2100 HOH B O   1 
HETATM 1690 O O   . HOH D 2 .  ? 6.117   2.402   -10.903 1.00 45.32 ? 2101 HOH B O   1 
HETATM 1691 O O   . HOH D 2 .  ? 3.173   6.315   -7.729  1.00 17.26 ? 2102 HOH B O   1 
HETATM 1692 O O   . HOH D 2 .  ? 8.267   3.484   -10.059 1.00 44.26 ? 2103 HOH B O   1 
HETATM 1693 O O   . HOH D 2 .  ? 0.369   6.181   -8.079  1.00 15.14 ? 2104 HOH B O   1 
HETATM 1694 O O   . HOH D 2 .  ? -6.219  7.543   -8.636  1.00 57.93 ? 2105 HOH B O   1 
HETATM 1695 O O   . HOH D 2 .  ? -6.833  7.889   -3.446  1.00 39.22 ? 2106 HOH B O   1 
HETATM 1696 O O   . HOH D 2 .  ? -12.408 4.305   -6.102  1.00 34.30 ? 2107 HOH B O   1 
HETATM 1697 O O   . HOH D 2 .  ? -8.199  4.873   -5.768  1.00 31.80 ? 2108 HOH B O   1 
HETATM 1698 O O   . HOH D 2 .  ? -10.779 8.155   -3.484  1.00 39.73 ? 2109 HOH B O   1 
HETATM 1699 O O   . HOH D 2 .  ? -11.537 -0.250  2.839   1.00 7.94  ? 2110 HOH B O   1 
HETATM 1700 O O   . HOH D 2 .  ? -15.529 -1.743  -3.412  1.00 8.97  ? 2111 HOH B O   1 
HETATM 1701 O O   . HOH D 2 .  ? -16.481 -0.503  -1.070  1.00 15.44 ? 2112 HOH B O   1 
HETATM 1702 O O   . HOH D 2 .  ? -14.668 0.679   -6.564  1.00 33.22 ? 2113 HOH B O   1 
HETATM 1703 O O   . HOH D 2 .  ? -7.781  3.353   -7.536  1.00 31.69 ? 2114 HOH B O   1 
HETATM 1704 O O   . HOH D 2 .  ? -2.977  5.889   -15.779 1.00 43.87 ? 2115 HOH B O   1 
HETATM 1705 O O   . HOH D 2 .  ? -1.348  1.774   -17.633 1.00 45.44 ? 2116 HOH B O   1 
HETATM 1706 O O   . HOH D 2 .  ? 5.024   1.539   -13.641 1.00 39.60 ? 2117 HOH B O   1 
# 
